data_8GHR
#
_entry.id   8GHR
#
_cell.length_a   1.00
_cell.length_b   1.00
_cell.length_c   1.00
_cell.angle_alpha   90.00
_cell.angle_beta   90.00
_cell.angle_gamma   90.00
#
_symmetry.space_group_name_H-M   'P 1'
#
loop_
_entity.id
_entity.type
_entity.pdbx_description
1 polymer 'Ectonucleotide pyrophosphatase/phosphodiesterase family member 1, secreted form, Immunoglobulin gamma-1 heavy chain fusion'
2 polymer VH27
3 branched 2-acetamido-2-deoxy-beta-D-glucopyranose-(1-4)-2-acetamido-2-deoxy-beta-D-glucopyranose
4 non-polymer 'ZINC ION'
5 non-polymer 'ADENOSINE MONOPHOSPHATE'
6 non-polymer 2-acetamido-2-deoxy-beta-D-glucopyranose
7 non-polymer 'CALCIUM ION'
8 water water
#
loop_
_entity_poly.entity_id
_entity_poly.type
_entity_poly.pdbx_seq_one_letter_code
_entity_poly.pdbx_strand_id
1 'polypeptide(L)'
;GEKSWVEEPCESINEPQCPAGFETPPTLLFSLDGFRAEYLHTWGGLLPVISKLKKCGTYTKNMRPVYPTKAFPNHYSIVT
GLYPESHGIIDNKMYDPKMNASFSLKSKEKFNPEWYKGEPIWVTAKYQGLKSGTFFWPGSDVEINGIFPDIYKMYNGSVP
FEERILAVLQWLQLPKDERPHFYTLYLEEPDSSGHSYGPVSSEVIKALQRVDGMVGMLMDGLKELNLHRCLNLILISDHG
MEQGSCKKYIYLNKYLGDVKNIKVIYGPAARLRPSDVPDKYYSFNYEGIARNLSCREPNQHFKPYLKHFLPKRLHFAKSD
RIEPLTFYLDPQWQLALNPSERKYCGSGFHGSDNVFSNMQALFVGYGPGFKHGIEADTFENIEVYNLMCDLLNLTPAPNN
GTHGSLNHLLKNPVYTPKHPKEVHPLVQCPFTRNPRDNLGCSCNPSILPIEDFQTQFNLTVAEEKIIKHETLPYGRPRVL
QKENTICLLSQHQFMSGYSQDILMPLWTSYTVDRNDSFSTEDFSNCLYQDFRIPLSPVHKCSFYKNNTKVSYGFLSPPQL
NKNSSGIYSEALLTTNIVPMYQSFQVIWRYFHDTLLRKYAEERNGVNVVSGPVFDFDYDGRCDSLENLRQKRRVIRNQEI
LIPTHFFIVLTSCKDTSQTPLHCENLDTLAFILPHRTDNSESCVHGKHDSSWVEELLMLHRARITDVEHITGLSFYQQRK
EPVSDILKLKTHLPTFSQEDTSSGGGGENLYFQSSGGGSGGGEPKSCDKTHTCPPCPAPELLGGPSVFLFPPKPKDTLMI
SRTPEVTCVVVDVSHEDPEVKFNWYVDGVEVHNAKTKPREEQYNSTYRVVSVLTVLHQDWLNGKEYKCKVSNKALPAPIE
KTISKAKGQPREPQVYTLPPSRDELTKNQVSLTCLVKGFYPSDIAVEWESNGQPENNYKTTPPVLDSDGSFFLYSKLTVD
KSRWQQGNVFSCSVMHEALHNHYTQKSLSLSPGKGGGGSGLNDIFEAQKIEWHEG
;
A,B
2 'polypeptide(L)'
;EVQLVESGGGLVQPGGSLRLSCAASGFDIYYSYYIGWVRRAPGKGEELVARISPSYGSTSYADSVKGRFTISADISKNTA
YLQMNSLRVEDTAVYYCARFAYPWYVADDALDYWGQGTLVTVSS
;
C,D
#
# COMPACT_ATOMS: atom_id res chain seq x y z
N GLU A 2 -19.28 21.79 38.03
CA GLU A 2 -17.93 21.32 37.75
C GLU A 2 -17.70 21.20 36.24
N LYS A 3 -16.60 21.77 35.77
CA LYS A 3 -16.27 21.72 34.35
C LYS A 3 -15.86 20.29 33.95
N SER A 4 -15.86 20.05 32.65
CA SER A 4 -15.46 18.75 32.14
C SER A 4 -14.00 18.47 32.46
N TRP A 5 -13.68 17.20 32.70
CA TRP A 5 -12.33 16.82 33.10
C TRP A 5 -11.32 17.12 32.01
N VAL A 6 -11.73 17.02 30.75
CA VAL A 6 -10.80 17.22 29.64
C VAL A 6 -10.31 18.66 29.58
N GLU A 7 -11.09 19.61 30.09
CA GLU A 7 -10.71 21.02 30.00
C GLU A 7 -9.71 21.43 31.07
N GLU A 8 -9.51 20.62 32.10
CA GLU A 8 -8.58 20.97 33.15
C GLU A 8 -7.14 20.90 32.63
N PRO A 9 -6.25 21.77 33.11
CA PRO A 9 -4.84 21.65 32.72
C PRO A 9 -4.21 20.39 33.32
N CYS A 10 -3.21 19.88 32.61
CA CYS A 10 -2.52 18.68 33.07
C CYS A 10 -1.80 18.94 34.40
N GLU A 11 -1.86 17.95 35.29
CA GLU A 11 -1.29 18.07 36.62
C GLU A 11 -0.52 16.78 36.93
N SER A 12 -0.05 16.67 38.17
CA SER A 12 0.70 15.51 38.62
C SER A 12 0.08 14.97 39.90
N ILE A 13 0.08 13.66 40.05
CA ILE A 13 -0.48 12.99 41.22
C ILE A 13 0.69 12.27 41.90
N ASN A 14 1.31 12.94 42.88
CA ASN A 14 2.44 12.35 43.58
C ASN A 14 2.02 11.45 44.73
N GLU A 15 0.88 11.72 45.36
CA GLU A 15 0.39 10.90 46.46
C GLU A 15 -1.12 10.82 46.33
N PRO A 16 -1.71 9.62 46.40
CA PRO A 16 -3.16 9.49 46.26
C PRO A 16 -3.87 9.86 47.56
N GLN A 17 -4.93 10.66 47.43
CA GLN A 17 -5.82 10.97 48.54
C GLN A 17 -7.18 10.35 48.24
N CYS A 18 -7.58 9.40 49.08
CA CYS A 18 -8.78 8.61 48.89
C CYS A 18 -9.53 8.48 50.21
N PRO A 19 -10.84 8.24 50.16
CA PRO A 19 -11.58 8.01 51.41
C PRO A 19 -11.17 6.73 52.11
N ALA A 20 -11.77 6.45 53.26
CA ALA A 20 -11.42 5.27 54.03
C ALA A 20 -11.73 3.99 53.25
N GLY A 21 -10.87 2.98 53.41
CA GLY A 21 -11.01 1.74 52.70
C GLY A 21 -10.22 1.63 51.42
N PHE A 22 -9.50 2.70 51.03
CA PHE A 22 -8.71 2.68 49.81
C PHE A 22 -7.23 2.92 50.09
N GLU A 23 -6.68 2.21 51.08
CA GLU A 23 -5.24 2.30 51.32
C GLU A 23 -4.45 1.89 50.08
N THR A 24 -4.88 0.84 49.41
CA THR A 24 -4.34 0.46 48.11
C THR A 24 -5.33 0.89 47.04
N PRO A 25 -4.99 1.82 46.16
CA PRO A 25 -5.95 2.35 45.19
C PRO A 25 -6.48 1.26 44.28
N PRO A 26 -7.75 1.31 43.91
CA PRO A 26 -8.31 0.30 43.02
C PRO A 26 -7.81 0.47 41.59
N THR A 27 -8.06 -0.56 40.78
CA THR A 27 -7.61 -0.61 39.41
C THR A 27 -8.79 -0.89 38.49
N LEU A 28 -8.86 -0.16 37.37
CA LEU A 28 -9.90 -0.33 36.36
C LEU A 28 -9.27 -0.81 35.07
N LEU A 29 -9.87 -1.83 34.47
CA LEU A 29 -9.41 -2.41 33.21
C LEU A 29 -10.49 -2.15 32.16
N PHE A 30 -10.26 -1.17 31.31
CA PHE A 30 -11.24 -0.71 30.33
C PHE A 30 -10.78 -1.11 28.93
N SER A 31 -11.63 -1.83 28.21
CA SER A 31 -11.27 -2.45 26.94
C SER A 31 -12.13 -1.90 25.81
N LEU A 32 -11.50 -1.60 24.68
CA LEU A 32 -12.17 -1.18 23.45
C LEU A 32 -11.83 -2.20 22.37
N ASP A 33 -12.81 -3.02 22.00
CA ASP A 33 -12.59 -4.10 21.05
C ASP A 33 -12.16 -3.56 19.69
N GLY A 34 -11.08 -4.12 19.16
CA GLY A 34 -10.66 -3.86 17.79
C GLY A 34 -9.99 -2.53 17.55
N PHE A 35 -9.72 -1.76 18.60
CA PHE A 35 -9.06 -0.47 18.46
C PHE A 35 -7.57 -0.70 18.24
N ARG A 36 -7.08 -0.41 17.03
CA ARG A 36 -5.68 -0.62 16.70
C ARG A 36 -4.88 0.66 16.93
N ALA A 37 -3.56 0.50 16.97
CA ALA A 37 -2.67 1.62 17.32
C ALA A 37 -2.63 2.67 16.21
N GLU A 38 -2.78 2.24 14.96
CA GLU A 38 -2.76 3.18 13.84
C GLU A 38 -3.86 4.22 13.98
N TYR A 39 -4.97 3.87 14.63
CA TYR A 39 -6.04 4.84 14.85
C TYR A 39 -5.55 6.02 15.67
N LEU A 40 -4.85 5.74 16.77
CA LEU A 40 -4.32 6.83 17.58
C LEU A 40 -3.12 7.50 16.91
N HIS A 41 -2.41 6.76 16.06
CA HIS A 41 -1.31 7.37 15.31
C HIS A 41 -1.81 8.42 14.34
N THR A 42 -2.94 8.17 13.67
CA THR A 42 -3.43 9.05 12.62
C THR A 42 -4.52 10.01 13.08
N TRP A 43 -5.63 9.49 13.60
CA TRP A 43 -6.79 10.31 13.92
C TRP A 43 -6.76 10.85 15.35
N GLY A 44 -5.56 11.05 15.91
CA GLY A 44 -5.47 11.52 17.28
C GLY A 44 -6.07 12.89 17.48
N GLY A 45 -5.94 13.77 16.47
CA GLY A 45 -6.48 15.11 16.58
C GLY A 45 -7.99 15.14 16.72
N LEU A 46 -8.66 14.10 16.25
CA LEU A 46 -10.11 14.00 16.35
C LEU A 46 -10.58 13.40 17.66
N LEU A 47 -9.64 12.95 18.51
CA LEU A 47 -9.96 12.29 19.78
C LEU A 47 -9.31 13.07 20.92
N PRO A 48 -10.04 13.98 21.56
CA PRO A 48 -9.41 14.81 22.60
C PRO A 48 -9.13 14.09 23.90
N VAL A 49 -10.08 13.29 24.40
CA VAL A 49 -9.94 12.68 25.72
C VAL A 49 -8.81 11.66 25.72
N ILE A 50 -8.76 10.80 24.71
CA ILE A 50 -7.73 9.78 24.65
C ILE A 50 -6.36 10.41 24.45
N SER A 51 -6.29 11.48 23.65
CA SER A 51 -5.02 12.18 23.47
C SER A 51 -4.55 12.82 24.77
N LYS A 52 -5.48 13.40 25.54
CA LYS A 52 -5.10 13.96 26.84
C LYS A 52 -4.64 12.89 27.80
N LEU A 53 -5.31 11.73 27.79
CA LEU A 53 -4.89 10.62 28.65
C LEU A 53 -3.50 10.14 28.27
N LYS A 54 -3.21 10.08 26.97
CA LYS A 54 -1.87 9.72 26.53
C LYS A 54 -0.84 10.76 26.97
N LYS A 55 -1.19 12.04 26.88
CA LYS A 55 -0.25 13.10 27.21
C LYS A 55 0.13 13.11 28.68
N CYS A 56 -0.83 12.84 29.58
CA CYS A 56 -0.62 12.91 31.01
C CYS A 56 -0.48 11.53 31.64
N GLY A 57 0.16 10.60 30.96
CA GLY A 57 0.32 9.26 31.50
C GLY A 57 1.22 8.43 30.61
N THR A 58 1.41 7.18 31.05
CA THR A 58 2.24 6.24 30.31
C THR A 58 1.58 5.87 28.98
N TYR A 59 2.41 5.62 27.98
CA TYR A 59 1.91 5.30 26.64
C TYR A 59 2.97 4.48 25.91
N THR A 60 2.51 3.62 25.01
CA THR A 60 3.37 2.83 24.15
C THR A 60 2.83 2.84 22.73
N LYS A 61 3.72 2.90 21.75
CA LYS A 61 3.30 3.01 20.36
C LYS A 61 2.55 1.76 19.91
N ASN A 62 3.06 0.58 20.24
CA ASN A 62 2.44 -0.67 19.85
C ASN A 62 2.53 -1.68 20.98
N MET A 63 1.47 -2.46 21.15
CA MET A 63 1.45 -3.60 22.05
C MET A 63 1.16 -4.85 21.24
N ARG A 64 1.99 -5.88 21.44
CA ARG A 64 1.95 -7.06 20.59
C ARG A 64 0.95 -8.08 21.13
N PRO A 65 -0.06 -8.47 20.35
CA PRO A 65 -0.99 -9.50 20.81
C PRO A 65 -0.40 -10.91 20.73
N VAL A 66 -1.19 -11.92 21.06
CA VAL A 66 -0.75 -13.31 20.99
C VAL A 66 -1.44 -13.99 19.81
N TYR A 67 -0.82 -15.05 19.31
CA TYR A 67 -1.35 -15.78 18.16
C TYR A 67 -2.22 -16.94 18.63
N PRO A 68 -3.43 -17.12 18.06
CA PRO A 68 -4.02 -16.27 17.04
C PRO A 68 -4.58 -14.98 17.60
N THR A 69 -4.68 -13.97 16.75
CA THR A 69 -5.03 -12.61 17.17
C THR A 69 -6.54 -12.46 17.13
N LYS A 70 -7.21 -12.94 18.18
CA LYS A 70 -8.67 -12.95 18.23
C LYS A 70 -9.13 -12.53 19.63
N ALA A 71 -10.40 -12.80 19.94
CA ALA A 71 -11.05 -12.18 21.09
C ALA A 71 -10.73 -12.89 22.40
N PHE A 72 -11.18 -14.14 22.55
CA PHE A 72 -10.96 -14.85 23.81
C PHE A 72 -9.49 -15.13 24.12
N PRO A 73 -8.66 -15.60 23.19
CA PRO A 73 -7.24 -15.78 23.54
C PRO A 73 -6.61 -14.52 24.12
N ASN A 74 -6.83 -13.37 23.48
CA ASN A 74 -6.22 -12.13 23.92
C ASN A 74 -6.87 -11.56 25.17
N HIS A 75 -8.17 -11.77 25.35
CA HIS A 75 -8.86 -11.25 26.53
C HIS A 75 -8.65 -12.14 27.76
N TYR A 76 -8.21 -13.37 27.57
CA TYR A 76 -8.00 -14.26 28.70
C TYR A 76 -6.51 -14.41 29.02
N SER A 77 -5.63 -14.11 28.05
CA SER A 77 -4.20 -14.07 28.35
C SER A 77 -3.81 -12.84 29.15
N ILE A 78 -4.54 -11.73 28.98
CA ILE A 78 -4.26 -10.53 29.76
C ILE A 78 -4.50 -10.78 31.24
N VAL A 79 -5.56 -11.51 31.57
CA VAL A 79 -5.90 -11.76 32.97
C VAL A 79 -5.16 -12.98 33.52
N THR A 80 -4.98 -14.03 32.73
CA THR A 80 -4.24 -15.18 33.22
C THR A 80 -2.73 -14.93 33.21
N GLY A 81 -2.22 -14.30 32.15
CA GLY A 81 -0.79 -14.14 31.99
C GLY A 81 -0.09 -15.24 31.23
N LEU A 82 -0.82 -16.24 30.76
CA LEU A 82 -0.25 -17.42 30.11
C LEU A 82 -0.54 -17.41 28.61
N TYR A 83 0.24 -18.20 27.88
CA TYR A 83 0.03 -18.35 26.45
C TYR A 83 -1.23 -19.16 26.17
N PRO A 84 -1.82 -18.98 24.99
CA PRO A 84 -3.04 -19.76 24.67
C PRO A 84 -2.84 -21.26 24.72
N GLU A 85 -1.63 -21.75 24.44
CA GLU A 85 -1.36 -23.17 24.56
C GLU A 85 -1.34 -23.65 26.00
N SER A 86 -1.35 -22.74 26.97
CA SER A 86 -1.30 -23.09 28.38
C SER A 86 -2.61 -22.87 29.14
N HIS A 87 -3.38 -21.85 28.79
CA HIS A 87 -4.63 -21.57 29.48
C HIS A 87 -5.84 -22.14 28.76
N GLY A 88 -5.63 -22.92 27.71
CA GLY A 88 -6.72 -23.67 27.08
C GLY A 88 -7.44 -23.03 25.92
N ILE A 89 -7.90 -21.79 26.08
CA ILE A 89 -8.68 -21.11 25.04
C ILE A 89 -7.73 -20.73 23.92
N ILE A 90 -7.71 -21.51 22.85
CA ILE A 90 -6.82 -21.26 21.72
C ILE A 90 -7.47 -20.47 20.60
N ASP A 91 -8.80 -20.40 20.56
CA ASP A 91 -9.50 -19.69 19.49
C ASP A 91 -10.97 -19.57 19.90
N ASN A 92 -11.73 -18.84 19.09
CA ASN A 92 -13.17 -18.75 19.28
C ASN A 92 -13.88 -20.04 18.88
N LYS A 93 -13.27 -20.85 18.04
CA LYS A 93 -13.84 -22.13 17.62
C LYS A 93 -12.75 -23.19 17.74
N MET A 94 -13.03 -24.25 18.51
CA MET A 94 -12.05 -25.30 18.73
C MET A 94 -12.78 -26.58 19.14
N TYR A 95 -12.08 -27.70 19.02
CA TYR A 95 -12.65 -29.02 19.23
C TYR A 95 -11.76 -29.83 20.15
N ASP A 96 -12.35 -30.39 21.21
CA ASP A 96 -11.61 -31.24 22.13
C ASP A 96 -12.02 -32.69 21.94
N PRO A 97 -11.11 -33.57 21.53
CA PRO A 97 -11.50 -34.98 21.33
C PRO A 97 -11.71 -35.73 22.63
N LYS A 98 -10.91 -35.45 23.66
CA LYS A 98 -11.09 -36.13 24.94
C LYS A 98 -12.47 -35.85 25.53
N MET A 99 -12.89 -34.59 25.49
CA MET A 99 -14.27 -34.26 25.84
C MET A 99 -15.24 -34.62 24.71
N ASN A 100 -14.74 -34.79 23.49
CA ASN A 100 -15.58 -35.00 22.32
C ASN A 100 -16.61 -33.89 22.18
N ALA A 101 -16.13 -32.65 22.24
CA ALA A 101 -17.01 -31.50 22.29
C ALA A 101 -16.42 -30.36 21.47
N SER A 102 -17.26 -29.36 21.21
CA SER A 102 -16.87 -28.18 20.43
C SER A 102 -17.19 -26.92 21.20
N PHE A 103 -16.32 -25.92 21.07
CA PHE A 103 -16.47 -24.63 21.74
C PHE A 103 -16.88 -23.59 20.70
N SER A 104 -17.91 -22.82 21.00
CA SER A 104 -18.42 -21.82 20.07
C SER A 104 -18.97 -20.64 20.85
N LEU A 105 -19.03 -19.49 20.17
CA LEU A 105 -19.52 -18.27 20.80
C LEU A 105 -21.03 -18.26 20.94
N LYS A 106 -21.75 -18.88 20.00
CA LYS A 106 -23.21 -18.80 19.95
C LYS A 106 -23.89 -20.03 20.54
N SER A 107 -23.12 -20.92 21.18
CA SER A 107 -23.65 -22.14 21.76
C SER A 107 -23.65 -22.04 23.28
N LYS A 108 -24.12 -23.11 23.92
CA LYS A 108 -24.13 -23.20 25.37
C LYS A 108 -22.84 -23.75 25.96
N GLU A 109 -21.92 -24.23 25.12
CA GLU A 109 -20.65 -24.73 25.60
C GLU A 109 -19.71 -23.63 26.05
N LYS A 110 -20.04 -22.36 25.78
CA LYS A 110 -19.19 -21.26 26.20
C LYS A 110 -19.09 -21.15 27.72
N PHE A 111 -20.09 -21.65 28.45
CA PHE A 111 -20.12 -21.56 29.90
C PHE A 111 -19.68 -22.85 30.58
N ASN A 112 -19.10 -23.79 29.83
CA ASN A 112 -18.63 -25.03 30.42
C ASN A 112 -17.31 -24.79 31.16
N PRO A 113 -17.23 -25.05 32.46
CA PRO A 113 -15.99 -24.75 33.20
C PRO A 113 -14.79 -25.59 32.76
N GLU A 114 -15.00 -26.70 32.06
CA GLU A 114 -13.88 -27.55 31.67
C GLU A 114 -13.04 -26.95 30.55
N TRP A 115 -13.57 -25.95 29.84
CA TRP A 115 -12.83 -25.33 28.75
C TRP A 115 -11.77 -24.36 29.22
N TYR A 116 -11.86 -23.88 30.46
CA TYR A 116 -11.00 -22.82 30.97
C TYR A 116 -9.97 -23.41 31.93
N LYS A 117 -8.71 -23.06 31.69
CA LYS A 117 -7.58 -23.48 32.52
C LYS A 117 -6.88 -22.25 33.09
N GLY A 118 -5.75 -22.49 33.74
CA GLY A 118 -4.98 -21.38 34.31
C GLY A 118 -5.60 -20.84 35.58
N GLU A 119 -5.34 -19.57 35.85
CA GLU A 119 -5.87 -18.91 37.03
C GLU A 119 -6.02 -17.41 36.80
N PRO A 120 -7.24 -16.90 36.68
CA PRO A 120 -7.43 -15.47 36.43
C PRO A 120 -7.03 -14.60 37.60
N ILE A 121 -7.23 -13.29 37.49
CA ILE A 121 -6.73 -12.37 38.51
C ILE A 121 -7.74 -12.22 39.65
N TRP A 122 -9.03 -12.30 39.36
CA TRP A 122 -10.01 -12.19 40.43
C TRP A 122 -9.94 -13.38 41.38
N VAL A 123 -9.53 -14.55 40.88
CA VAL A 123 -9.31 -15.70 41.75
C VAL A 123 -8.19 -15.40 42.74
N THR A 124 -7.09 -14.82 42.25
CA THR A 124 -5.99 -14.45 43.13
C THR A 124 -6.43 -13.40 44.15
N ALA A 125 -7.22 -12.41 43.71
CA ALA A 125 -7.71 -11.39 44.62
C ALA A 125 -8.59 -11.98 45.70
N LYS A 126 -9.45 -12.94 45.33
CA LYS A 126 -10.27 -13.62 46.33
C LYS A 126 -9.42 -14.42 47.30
N TYR A 127 -8.39 -15.10 46.80
CA TYR A 127 -7.52 -15.88 47.67
C TYR A 127 -6.77 -15.00 48.66
N GLN A 128 -6.31 -13.82 48.23
CA GLN A 128 -5.51 -12.96 49.09
C GLN A 128 -6.31 -11.82 49.69
N GLY A 129 -7.63 -11.97 49.82
CA GLY A 129 -8.45 -11.04 50.56
C GLY A 129 -8.78 -9.75 49.85
N LEU A 130 -9.43 -9.84 48.69
CA LEU A 130 -9.90 -8.68 47.95
C LEU A 130 -11.17 -9.03 47.22
N LYS A 131 -11.92 -8.01 46.82
CA LYS A 131 -13.18 -8.16 46.11
C LYS A 131 -13.09 -7.46 44.77
N SER A 132 -13.76 -8.02 43.76
CA SER A 132 -13.68 -7.52 42.39
C SER A 132 -15.07 -7.53 41.76
N GLY A 133 -15.39 -6.45 41.05
CA GLY A 133 -16.63 -6.36 40.30
C GLY A 133 -16.39 -6.35 38.81
N THR A 134 -16.82 -7.40 38.12
CA THR A 134 -16.53 -7.59 36.71
C THR A 134 -17.77 -7.38 35.87
N PHE A 135 -17.62 -6.66 34.76
CA PHE A 135 -18.72 -6.34 33.85
C PHE A 135 -18.32 -6.76 32.43
N PHE A 136 -18.82 -7.90 31.98
CA PHE A 136 -18.64 -8.39 30.61
C PHE A 136 -17.16 -8.54 30.24
N TRP A 137 -16.49 -9.44 30.95
CA TRP A 137 -15.14 -9.83 30.55
C TRP A 137 -15.14 -11.30 30.19
N PRO A 138 -14.51 -11.69 29.08
CA PRO A 138 -14.49 -13.12 28.68
C PRO A 138 -13.96 -14.04 29.77
N GLY A 139 -14.78 -15.03 30.14
CA GLY A 139 -14.43 -15.99 31.16
C GLY A 139 -14.85 -15.61 32.57
N SER A 140 -15.37 -14.40 32.77
CA SER A 140 -15.74 -13.95 34.10
C SER A 140 -17.02 -14.59 34.61
N ASP A 141 -17.94 -14.95 33.72
CA ASP A 141 -19.22 -15.54 34.10
C ASP A 141 -19.18 -17.06 34.09
N VAL A 142 -18.01 -17.64 34.34
CA VAL A 142 -17.83 -19.09 34.38
C VAL A 142 -17.21 -19.45 35.73
N GLU A 143 -17.71 -20.54 36.32
CA GLU A 143 -17.25 -20.98 37.63
C GLU A 143 -15.88 -21.62 37.47
N ILE A 144 -14.84 -20.79 37.51
CA ILE A 144 -13.47 -21.25 37.34
C ILE A 144 -12.93 -21.64 38.71
N ASN A 145 -12.54 -22.91 38.85
CA ASN A 145 -12.04 -23.46 40.12
C ASN A 145 -13.06 -23.30 41.24
N GLY A 146 -14.34 -23.37 40.92
CA GLY A 146 -15.39 -23.26 41.92
C GLY A 146 -15.52 -21.89 42.54
N ILE A 147 -15.08 -20.84 41.85
CA ILE A 147 -15.09 -19.49 42.38
C ILE A 147 -15.65 -18.54 41.32
N PHE A 148 -16.58 -17.68 41.75
CA PHE A 148 -17.13 -16.60 40.95
C PHE A 148 -16.53 -15.26 41.39
N PRO A 149 -16.51 -14.26 40.53
CA PRO A 149 -16.22 -12.90 41.00
C PRO A 149 -17.34 -12.42 41.92
N ASP A 150 -17.01 -11.45 42.77
CA ASP A 150 -17.98 -10.96 43.76
C ASP A 150 -19.24 -10.43 43.09
N ILE A 151 -19.08 -9.55 42.10
CA ILE A 151 -20.18 -9.03 41.30
C ILE A 151 -19.86 -9.30 39.84
N TYR A 152 -20.82 -9.89 39.12
CA TYR A 152 -20.59 -10.24 37.73
C TYR A 152 -21.90 -10.19 36.98
N LYS A 153 -21.80 -10.04 35.65
CA LYS A 153 -22.96 -9.98 34.78
C LYS A 153 -22.78 -10.97 33.64
N MET A 154 -23.78 -11.81 33.42
CA MET A 154 -23.78 -12.70 32.27
C MET A 154 -23.86 -11.86 30.99
N TYR A 155 -23.13 -12.29 29.96
CA TYR A 155 -23.00 -11.47 28.76
C TYR A 155 -24.34 -11.29 28.06
N ASN A 156 -24.58 -10.08 27.60
CA ASN A 156 -25.81 -9.73 26.89
C ASN A 156 -25.54 -8.47 26.10
N GLY A 157 -25.63 -8.56 24.77
CA GLY A 157 -25.24 -7.47 23.91
C GLY A 157 -26.27 -6.39 23.70
N SER A 158 -27.43 -6.47 24.34
CA SER A 158 -28.49 -5.50 24.18
C SER A 158 -28.44 -4.38 25.21
N VAL A 159 -27.42 -4.34 26.07
CA VAL A 159 -27.31 -3.34 27.12
C VAL A 159 -26.58 -2.11 26.59
N PRO A 160 -27.15 -0.92 26.73
CA PRO A 160 -26.46 0.29 26.27
C PRO A 160 -25.18 0.55 27.06
N PHE A 161 -24.26 1.27 26.43
CA PHE A 161 -22.95 1.55 27.05
C PHE A 161 -23.11 2.40 28.31
N GLU A 162 -24.01 3.38 28.26
CA GLU A 162 -24.17 4.29 29.40
C GLU A 162 -24.67 3.55 30.63
N GLU A 163 -25.49 2.51 30.45
CA GLU A 163 -25.92 1.72 31.59
C GLU A 163 -24.75 0.99 32.22
N ARG A 164 -23.84 0.46 31.40
CA ARG A 164 -22.64 -0.18 31.93
C ARG A 164 -21.80 0.79 32.73
N ILE A 165 -21.57 1.99 32.18
CA ILE A 165 -20.74 2.97 32.87
C ILE A 165 -21.40 3.40 34.18
N LEU A 166 -22.71 3.65 34.15
CA LEU A 166 -23.42 4.05 35.37
C LEU A 166 -23.41 2.94 36.41
N ALA A 167 -23.52 1.68 35.97
CA ALA A 167 -23.43 0.57 36.91
C ALA A 167 -22.06 0.50 37.56
N VAL A 168 -21.00 0.73 36.78
CA VAL A 168 -19.65 0.75 37.35
C VAL A 168 -19.52 1.87 38.38
N LEU A 169 -20.06 3.05 38.06
CA LEU A 169 -19.98 4.16 39.02
C LEU A 169 -20.78 3.85 40.28
N GLN A 170 -21.95 3.24 40.13
CA GLN A 170 -22.77 2.89 41.29
C GLN A 170 -22.07 1.85 42.16
N TRP A 171 -21.36 0.91 41.54
CA TRP A 171 -20.52 0.00 42.31
C TRP A 171 -19.41 0.75 43.02
N LEU A 172 -18.87 1.78 42.36
CA LEU A 172 -17.83 2.60 42.99
C LEU A 172 -18.35 3.37 44.20
N GLN A 173 -19.64 3.70 44.23
CA GLN A 173 -20.23 4.36 45.39
C GLN A 173 -20.78 3.38 46.43
N LEU A 174 -20.44 2.09 46.30
CA LEU A 174 -20.85 1.10 47.28
C LEU A 174 -20.08 1.33 48.58
N PRO A 175 -20.69 1.04 49.73
CA PRO A 175 -19.97 1.25 51.00
C PRO A 175 -18.78 0.33 51.14
N LYS A 176 -17.84 0.73 52.00
CA LYS A 176 -16.53 0.10 52.07
C LYS A 176 -16.59 -1.34 52.58
N ASP A 177 -17.74 -1.77 53.12
CA ASP A 177 -17.84 -3.13 53.64
C ASP A 177 -17.64 -4.18 52.55
N GLU A 178 -18.17 -3.92 51.35
CA GLU A 178 -18.07 -4.88 50.25
C GLU A 178 -17.70 -4.16 48.95
N ARG A 179 -16.96 -3.06 49.06
CA ARG A 179 -16.57 -2.31 47.87
C ARG A 179 -15.49 -3.07 47.09
N PRO A 180 -15.68 -3.32 45.80
CA PRO A 180 -14.68 -4.06 45.04
C PRO A 180 -13.39 -3.26 44.87
N HIS A 181 -12.29 -4.00 44.70
CA HIS A 181 -10.97 -3.41 44.49
C HIS A 181 -10.45 -3.58 43.07
N PHE A 182 -11.23 -4.20 42.17
CA PHE A 182 -10.77 -4.46 40.82
C PHE A 182 -11.98 -4.52 39.90
N TYR A 183 -12.03 -3.61 38.93
CA TYR A 183 -13.17 -3.50 38.04
C TYR A 183 -12.70 -3.69 36.59
N THR A 184 -13.65 -4.12 35.75
CA THR A 184 -13.43 -4.23 34.31
C THR A 184 -14.65 -3.67 33.58
N LEU A 185 -14.46 -3.36 32.31
CA LEU A 185 -15.53 -2.82 31.49
C LEU A 185 -15.16 -2.97 30.02
N TYR A 186 -16.13 -3.40 29.21
CA TYR A 186 -15.88 -3.83 27.84
C TYR A 186 -16.90 -3.22 26.89
N LEU A 187 -16.44 -2.81 25.71
CA LEU A 187 -17.29 -2.25 24.66
C LEU A 187 -17.04 -2.98 23.35
N GLU A 188 -18.07 -3.07 22.52
CA GLU A 188 -18.04 -3.88 21.31
C GLU A 188 -17.50 -3.13 20.09
N GLU A 189 -17.13 -1.87 20.22
CA GLU A 189 -16.69 -1.05 19.10
C GLU A 189 -15.33 -0.45 19.42
N PRO A 190 -14.54 -0.08 18.39
CA PRO A 190 -14.83 -0.06 16.94
C PRO A 190 -14.54 -1.36 16.19
N ASP A 191 -14.93 -2.50 16.74
CA ASP A 191 -14.73 -3.77 16.05
C ASP A 191 -15.85 -4.05 15.05
N SER A 192 -17.10 -3.85 15.47
CA SER A 192 -18.23 -4.16 14.60
C SER A 192 -18.24 -3.27 13.36
N SER A 193 -17.98 -1.97 13.54
CA SER A 193 -17.91 -1.08 12.39
C SER A 193 -16.71 -1.43 11.51
N GLY A 194 -15.62 -1.91 12.12
CA GLY A 194 -14.49 -2.34 11.33
C GLY A 194 -14.79 -3.53 10.45
N HIS A 195 -15.51 -4.52 10.99
CA HIS A 195 -15.94 -5.65 10.17
C HIS A 195 -16.90 -5.21 9.09
N SER A 196 -17.90 -4.39 9.44
CA SER A 196 -18.94 -4.05 8.48
C SER A 196 -18.42 -3.17 7.34
N TYR A 197 -17.56 -2.20 7.65
CA TYR A 197 -17.21 -1.17 6.71
C TYR A 197 -15.73 -1.09 6.35
N GLY A 198 -14.86 -1.76 7.10
CA GLY A 198 -13.45 -1.73 6.82
C GLY A 198 -12.70 -0.74 7.70
N PRO A 199 -11.38 -0.94 7.84
CA PRO A 199 -10.60 -0.06 8.72
C PRO A 199 -10.64 1.41 8.34
N VAL A 200 -10.73 1.74 7.06
CA VAL A 200 -10.70 3.12 6.59
C VAL A 200 -12.06 3.46 6.00
N SER A 201 -12.86 4.22 6.74
CA SER A 201 -14.18 4.66 6.31
C SER A 201 -14.64 5.75 7.27
N SER A 202 -15.89 6.19 7.11
CA SER A 202 -16.45 7.24 7.95
C SER A 202 -17.14 6.69 9.19
N GLU A 203 -17.79 5.53 9.08
CA GLU A 203 -18.46 4.94 10.24
C GLU A 203 -17.46 4.61 11.33
N VAL A 204 -16.24 4.23 10.95
CA VAL A 204 -15.19 3.98 11.93
C VAL A 204 -14.81 5.28 12.64
N ILE A 205 -14.77 6.39 11.89
CA ILE A 205 -14.49 7.68 12.51
C ILE A 205 -15.56 8.03 13.53
N LYS A 206 -16.84 7.83 13.16
CA LYS A 206 -17.92 8.11 14.10
C LYS A 206 -17.84 7.21 15.33
N ALA A 207 -17.53 5.94 15.12
CA ALA A 207 -17.41 5.00 16.24
C ALA A 207 -16.28 5.41 17.18
N LEU A 208 -15.13 5.83 16.61
CA LEU A 208 -14.02 6.29 17.43
C LEU A 208 -14.41 7.51 18.24
N GLN A 209 -15.08 8.48 17.61
CA GLN A 209 -15.49 9.68 18.33
C GLN A 209 -16.48 9.35 19.44
N ARG A 210 -17.37 8.40 19.21
CA ARG A 210 -18.38 8.09 20.22
C ARG A 210 -17.80 7.27 21.37
N VAL A 211 -16.86 6.36 21.10
CA VAL A 211 -16.22 5.67 22.22
C VAL A 211 -15.33 6.64 23.01
N ASP A 212 -14.73 7.62 22.33
CA ASP A 212 -14.03 8.68 23.04
C ASP A 212 -14.99 9.46 23.93
N GLY A 213 -16.19 9.76 23.43
CA GLY A 213 -17.19 10.41 24.25
C GLY A 213 -17.56 9.59 25.48
N MET A 214 -17.67 8.27 25.30
CA MET A 214 -17.96 7.40 26.45
C MET A 214 -16.83 7.44 27.48
N VAL A 215 -15.58 7.41 27.02
CA VAL A 215 -14.45 7.50 27.93
C VAL A 215 -14.47 8.84 28.68
N GLY A 216 -14.78 9.92 27.97
CA GLY A 216 -14.89 11.21 28.62
C GLY A 216 -16.01 11.26 29.64
N MET A 217 -17.14 10.60 29.34
CA MET A 217 -18.22 10.48 30.30
C MET A 217 -17.74 9.77 31.57
N LEU A 218 -17.01 8.67 31.40
CA LEU A 218 -16.47 7.96 32.56
C LEU A 218 -15.53 8.85 33.37
N MET A 219 -14.67 9.60 32.68
CA MET A 219 -13.73 10.47 33.39
C MET A 219 -14.44 11.59 34.14
N ASP A 220 -15.48 12.16 33.53
CA ASP A 220 -16.26 13.18 34.22
C ASP A 220 -16.96 12.61 35.44
N GLY A 221 -17.53 11.41 35.32
CA GLY A 221 -18.13 10.78 36.47
C GLY A 221 -17.13 10.51 37.58
N LEU A 222 -15.91 10.11 37.20
CA LEU A 222 -14.85 9.92 38.18
C LEU A 222 -14.50 11.23 38.89
N LYS A 223 -14.38 12.32 38.12
CA LYS A 223 -14.01 13.60 38.72
C LYS A 223 -15.11 14.11 39.65
N GLU A 224 -16.37 13.90 39.28
CA GLU A 224 -17.47 14.40 40.10
C GLU A 224 -17.49 13.73 41.47
N LEU A 225 -16.91 12.54 41.59
CA LEU A 225 -16.86 11.81 42.85
C LEU A 225 -15.57 12.05 43.63
N ASN A 226 -14.72 12.97 43.16
CA ASN A 226 -13.43 13.28 43.76
C ASN A 226 -12.47 12.09 43.76
N LEU A 227 -12.68 11.15 42.84
CA LEU A 227 -11.78 10.00 42.68
C LEU A 227 -10.87 10.14 41.47
N HIS A 228 -10.83 11.31 40.85
CA HIS A 228 -10.02 11.52 39.65
C HIS A 228 -8.52 11.49 39.95
N ARG A 229 -8.11 11.50 41.21
CA ARG A 229 -6.70 11.42 41.57
C ARG A 229 -6.41 10.22 42.47
N CYS A 230 -7.28 9.21 42.45
CA CYS A 230 -7.10 8.00 43.25
C CYS A 230 -7.09 6.73 42.43
N LEU A 231 -7.97 6.62 41.43
CA LEU A 231 -8.09 5.38 40.68
C LEU A 231 -6.94 5.20 39.69
N ASN A 232 -6.61 3.95 39.40
CA ASN A 232 -5.65 3.59 38.37
C ASN A 232 -6.43 3.13 37.14
N LEU A 233 -6.17 3.75 36.00
CA LEU A 233 -6.88 3.47 34.76
C LEU A 233 -5.93 2.86 33.74
N ILE A 234 -6.37 1.75 33.14
CA ILE A 234 -5.62 1.07 32.09
C ILE A 234 -6.54 0.97 30.88
N LEU A 235 -6.27 1.76 29.86
CA LEU A 235 -7.02 1.72 28.60
C LEU A 235 -6.31 0.76 27.65
N ILE A 236 -6.98 -0.34 27.31
CA ILE A 236 -6.34 -1.46 26.63
C ILE A 236 -7.21 -1.90 25.47
N SER A 237 -6.61 -2.68 24.57
CA SER A 237 -7.27 -3.26 23.43
C SER A 237 -6.65 -4.62 23.13
N ASP A 238 -7.38 -5.45 22.38
CA ASP A 238 -7.00 -6.84 22.22
C ASP A 238 -6.41 -7.19 20.86
N HIS A 239 -6.72 -6.44 19.80
CA HIS A 239 -6.19 -6.77 18.48
C HIS A 239 -6.38 -5.55 17.58
N GLY A 240 -6.03 -5.72 16.31
CA GLY A 240 -6.23 -4.70 15.30
C GLY A 240 -7.14 -5.17 14.19
N MET A 241 -7.21 -4.42 13.09
CA MET A 241 -8.09 -4.76 11.98
C MET A 241 -7.34 -4.64 10.66
N GLU A 242 -7.71 -5.51 9.71
CA GLU A 242 -7.15 -5.50 8.38
C GLU A 242 -8.28 -5.61 7.37
N GLN A 243 -8.08 -4.99 6.20
CA GLN A 243 -9.11 -4.93 5.16
C GLN A 243 -8.96 -6.14 4.24
N GLY A 244 -10.00 -6.97 4.18
CA GLY A 244 -9.98 -8.14 3.33
C GLY A 244 -10.67 -7.87 2.00
N SER A 245 -10.07 -8.38 0.93
CA SER A 245 -10.62 -8.27 -0.41
C SER A 245 -11.23 -9.59 -0.84
N CYS A 246 -12.15 -9.53 -1.79
CA CYS A 246 -12.80 -10.73 -2.29
C CYS A 246 -11.99 -11.46 -3.34
N LYS A 247 -10.91 -10.85 -3.83
CA LYS A 247 -10.02 -11.47 -4.82
C LYS A 247 -8.75 -12.03 -4.19
N LYS A 248 -8.72 -12.12 -2.85
CA LYS A 248 -7.55 -12.58 -2.12
C LYS A 248 -7.90 -13.74 -1.21
N TYR A 249 -8.66 -14.70 -1.74
CA TYR A 249 -8.92 -15.96 -1.05
C TYR A 249 -8.19 -17.11 -1.72
N ILE A 250 -8.06 -18.20 -0.98
CA ILE A 250 -7.41 -19.42 -1.45
C ILE A 250 -8.36 -20.57 -1.17
N TYR A 251 -8.68 -21.34 -2.20
CA TYR A 251 -9.63 -22.44 -2.09
C TYR A 251 -8.90 -23.77 -2.26
N LEU A 252 -9.08 -24.68 -1.31
CA LEU A 252 -8.40 -25.96 -1.34
C LEU A 252 -9.03 -26.95 -2.31
N ASN A 253 -10.23 -26.65 -2.83
CA ASN A 253 -10.87 -27.56 -3.77
C ASN A 253 -10.09 -27.65 -5.09
N LYS A 254 -9.37 -26.59 -5.44
CA LYS A 254 -8.56 -26.62 -6.66
C LYS A 254 -7.44 -27.65 -6.55
N TYR A 255 -6.78 -27.73 -5.39
CA TYR A 255 -5.67 -28.64 -5.19
C TYR A 255 -6.11 -29.99 -4.65
N LEU A 256 -6.92 -29.99 -3.58
CA LEU A 256 -7.34 -31.22 -2.93
C LEU A 256 -8.56 -31.87 -3.58
N GLY A 257 -9.12 -31.25 -4.62
CA GLY A 257 -10.30 -31.79 -5.25
C GLY A 257 -11.56 -31.55 -4.44
N ASP A 258 -12.65 -32.15 -4.90
CA ASP A 258 -13.95 -32.05 -4.23
C ASP A 258 -14.14 -33.18 -3.22
N VAL A 259 -13.17 -33.33 -2.32
CA VAL A 259 -13.25 -34.39 -1.32
C VAL A 259 -14.20 -33.96 -0.20
N LYS A 260 -14.86 -34.95 0.41
CA LYS A 260 -15.86 -34.69 1.43
C LYS A 260 -15.61 -35.54 2.68
N ASN A 261 -14.35 -35.58 3.14
CA ASN A 261 -14.03 -36.27 4.38
C ASN A 261 -13.14 -35.44 5.29
N ILE A 262 -12.99 -34.14 5.02
CA ILE A 262 -12.17 -33.25 5.83
C ILE A 262 -12.95 -31.99 6.13
N LYS A 263 -12.48 -31.25 7.13
CA LYS A 263 -13.05 -29.97 7.52
C LYS A 263 -11.92 -28.96 7.66
N VAL A 264 -12.20 -27.71 7.31
CA VAL A 264 -11.22 -26.63 7.40
C VAL A 264 -11.80 -25.52 8.24
N ILE A 265 -10.99 -24.99 9.17
CA ILE A 265 -11.30 -23.78 9.91
C ILE A 265 -10.70 -22.63 9.12
N TYR A 266 -11.57 -21.80 8.53
CA TYR A 266 -11.16 -20.81 7.54
C TYR A 266 -10.59 -19.57 8.24
N GLY A 267 -10.29 -18.54 7.45
CA GLY A 267 -9.74 -17.32 7.97
C GLY A 267 -8.25 -17.22 7.72
N PRO A 268 -7.61 -16.19 8.29
CA PRO A 268 -6.16 -16.06 8.16
C PRO A 268 -5.37 -17.00 9.07
N ALA A 269 -6.05 -17.82 9.87
CA ALA A 269 -5.43 -18.82 10.72
C ALA A 269 -6.06 -20.18 10.48
N ALA A 270 -6.17 -20.55 9.20
CA ALA A 270 -6.88 -21.74 8.80
C ALA A 270 -6.21 -23.01 9.35
N ARG A 271 -7.02 -24.05 9.56
CA ARG A 271 -6.52 -25.32 10.06
C ARG A 271 -7.32 -26.44 9.40
N LEU A 272 -6.74 -27.64 9.41
CA LEU A 272 -7.35 -28.79 8.74
C LEU A 272 -7.57 -29.91 9.76
N ARG A 273 -8.72 -30.57 9.68
CA ARG A 273 -9.08 -31.64 10.59
C ARG A 273 -9.80 -32.73 9.82
N PRO A 274 -9.65 -33.99 10.23
CA PRO A 274 -10.50 -35.05 9.64
C PRO A 274 -11.94 -34.92 10.09
N SER A 275 -12.85 -35.38 9.22
CA SER A 275 -14.27 -35.28 9.52
C SER A 275 -14.70 -36.33 10.54
N ASP A 276 -14.11 -37.53 10.48
CA ASP A 276 -14.47 -38.61 11.40
C ASP A 276 -13.65 -38.44 12.67
N VAL A 277 -14.32 -38.04 13.75
CA VAL A 277 -13.66 -37.81 15.03
C VAL A 277 -14.48 -38.48 16.12
N PRO A 278 -13.82 -38.91 17.21
CA PRO A 278 -12.38 -38.83 17.48
C PRO A 278 -11.62 -40.07 17.03
N ASP A 279 -12.29 -40.97 16.30
CA ASP A 279 -11.67 -42.23 15.92
C ASP A 279 -10.47 -42.01 15.00
N LYS A 280 -10.60 -41.09 14.04
CA LYS A 280 -9.56 -40.85 13.06
C LYS A 280 -8.74 -39.60 13.34
N TYR A 281 -8.82 -39.06 14.56
CA TYR A 281 -8.08 -37.85 14.88
C TYR A 281 -6.57 -38.09 14.83
N TYR A 282 -6.12 -39.24 15.32
CA TYR A 282 -4.70 -39.57 15.37
C TYR A 282 -4.25 -40.46 14.21
N SER A 283 -5.10 -41.39 13.79
CA SER A 283 -4.73 -42.32 12.72
C SER A 283 -4.68 -41.66 11.34
N PHE A 284 -5.13 -40.40 11.23
CA PHE A 284 -5.17 -39.73 9.94
C PHE A 284 -3.76 -39.47 9.42
N ASN A 285 -3.66 -39.31 8.11
CA ASN A 285 -2.39 -39.09 7.42
C ASN A 285 -2.29 -37.62 7.06
N TYR A 286 -1.72 -36.82 7.96
CA TYR A 286 -1.58 -35.39 7.71
C TYR A 286 -0.43 -35.07 6.75
N GLU A 287 0.64 -35.88 6.79
CA GLU A 287 1.81 -35.58 5.98
C GLU A 287 1.52 -35.66 4.49
N GLY A 288 0.61 -36.55 4.08
CA GLY A 288 0.26 -36.62 2.67
C GLY A 288 -0.35 -35.33 2.16
N ILE A 289 -1.29 -34.77 2.91
CA ILE A 289 -1.88 -33.49 2.53
C ILE A 289 -0.85 -32.37 2.64
N ALA A 290 0.02 -32.44 3.65
CA ALA A 290 1.04 -31.42 3.81
C ALA A 290 1.97 -31.36 2.60
N ARG A 291 2.40 -32.52 2.11
CA ARG A 291 3.25 -32.56 0.93
C ARG A 291 2.46 -32.32 -0.35
N ASN A 292 1.15 -32.55 -0.32
CA ASN A 292 0.33 -32.34 -1.51
C ASN A 292 0.30 -30.88 -1.94
N LEU A 293 0.15 -29.97 -0.97
CA LEU A 293 0.04 -28.55 -1.25
C LEU A 293 1.35 -27.81 -1.13
N SER A 294 2.47 -28.51 -1.13
CA SER A 294 3.78 -27.89 -0.96
C SER A 294 4.14 -27.11 -2.22
N CYS A 295 3.89 -25.79 -2.18
CA CYS A 295 4.22 -24.84 -3.24
C CYS A 295 3.90 -25.39 -4.63
N ARG A 296 2.61 -25.70 -4.82
CA ARG A 296 2.15 -26.19 -6.11
C ARG A 296 2.22 -25.13 -7.20
N GLU A 297 2.31 -23.86 -6.84
CA GLU A 297 2.33 -22.75 -7.77
C GLU A 297 3.48 -21.81 -7.40
N PRO A 298 3.97 -21.02 -8.34
CA PRO A 298 4.95 -19.98 -7.97
C PRO A 298 4.33 -18.97 -7.03
N ASN A 299 5.17 -18.48 -6.10
CA ASN A 299 4.88 -17.47 -5.09
C ASN A 299 3.44 -17.55 -4.57
N GLN A 300 2.98 -18.75 -4.23
CA GLN A 300 1.66 -18.90 -3.63
C GLN A 300 1.66 -18.29 -2.23
N HIS A 301 0.55 -17.64 -1.87
CA HIS A 301 0.48 -16.89 -0.62
C HIS A 301 -0.15 -17.73 0.50
N PHE A 302 0.43 -18.90 0.73
CA PHE A 302 0.12 -19.70 1.91
C PHE A 302 1.17 -20.79 2.02
N LYS A 303 1.35 -21.29 3.24
CA LYS A 303 2.34 -22.34 3.48
C LYS A 303 1.82 -23.35 4.48
N PRO A 304 1.73 -24.63 4.13
CA PRO A 304 1.35 -25.64 5.11
C PRO A 304 2.44 -25.84 6.16
N TYR A 305 2.01 -26.26 7.34
CA TYR A 305 2.92 -26.41 8.46
C TYR A 305 2.40 -27.49 9.40
N LEU A 306 3.25 -28.45 9.73
CA LEU A 306 2.98 -29.29 10.89
C LEU A 306 3.08 -28.43 12.14
N LYS A 307 2.23 -28.72 13.12
CA LYS A 307 2.12 -27.82 14.26
C LYS A 307 3.39 -27.78 15.11
N HIS A 308 4.30 -28.73 14.93
CA HIS A 308 5.57 -28.73 15.62
C HIS A 308 6.71 -28.19 14.77
N PHE A 309 6.42 -27.68 13.57
CA PHE A 309 7.41 -27.06 12.72
C PHE A 309 7.21 -25.55 12.57
N LEU A 310 6.24 -24.98 13.27
CA LEU A 310 6.01 -23.55 13.22
C LEU A 310 7.15 -22.81 13.91
N PRO A 311 7.32 -21.52 13.62
CA PRO A 311 8.35 -20.75 14.33
C PRO A 311 8.13 -20.78 15.84
N LYS A 312 9.23 -20.86 16.58
CA LYS A 312 9.14 -21.02 18.03
C LYS A 312 8.65 -19.76 18.74
N ARG A 313 8.60 -18.62 18.04
CA ARG A 313 8.12 -17.38 18.65
C ARG A 313 6.60 -17.32 18.73
N LEU A 314 5.89 -18.26 18.12
CA LEU A 314 4.43 -18.26 18.13
C LEU A 314 3.85 -19.00 19.33
N HIS A 315 4.53 -20.05 19.81
CA HIS A 315 4.09 -20.84 20.97
C HIS A 315 2.69 -21.39 20.75
N PHE A 316 2.56 -22.26 19.75
CA PHE A 316 1.27 -22.75 19.30
C PHE A 316 1.33 -24.25 19.00
N ALA A 317 1.94 -25.03 19.89
CA ALA A 317 2.07 -26.46 19.64
C ALA A 317 1.82 -27.37 20.84
N LYS A 318 1.79 -26.86 22.08
CA LYS A 318 1.78 -27.75 23.23
C LYS A 318 0.42 -28.42 23.41
N SER A 319 -0.66 -27.66 23.30
CA SER A 319 -1.98 -28.19 23.61
C SER A 319 -2.45 -29.18 22.54
N ASP A 320 -3.38 -30.04 22.93
CA ASP A 320 -3.93 -31.05 22.04
C ASP A 320 -5.19 -30.58 21.32
N ARG A 321 -5.63 -29.34 21.54
CA ARG A 321 -6.77 -28.79 20.83
C ARG A 321 -6.37 -28.12 19.52
N ILE A 322 -5.08 -28.05 19.20
CA ILE A 322 -4.61 -27.56 17.91
C ILE A 322 -4.51 -28.74 16.95
N GLU A 323 -5.11 -28.59 15.77
CA GLU A 323 -5.04 -29.64 14.77
C GLU A 323 -3.61 -29.80 14.29
N PRO A 324 -3.16 -31.04 14.01
CA PRO A 324 -1.75 -31.25 13.66
C PRO A 324 -1.31 -30.61 12.36
N LEU A 325 -2.22 -29.92 11.68
CA LEU A 325 -1.89 -29.20 10.45
C LEU A 325 -2.37 -27.76 10.58
N THR A 326 -1.61 -26.84 9.99
CA THR A 326 -1.91 -25.42 10.09
C THR A 326 -1.43 -24.75 8.80
N PHE A 327 -1.99 -23.59 8.51
CA PHE A 327 -1.62 -22.82 7.33
C PHE A 327 -1.14 -21.44 7.74
N TYR A 328 0.03 -21.04 7.26
CA TYR A 328 0.56 -19.70 7.48
C TYR A 328 0.24 -18.86 6.25
N LEU A 329 -0.44 -17.74 6.47
CA LEU A 329 -0.98 -16.92 5.39
C LEU A 329 -0.22 -15.61 5.28
N ASP A 330 -0.04 -15.15 4.05
CA ASP A 330 0.56 -13.85 3.80
C ASP A 330 -0.40 -12.74 4.23
N PRO A 331 0.09 -11.52 4.43
CA PRO A 331 -0.80 -10.43 4.83
C PRO A 331 -1.90 -10.19 3.82
N GLN A 332 -3.09 -9.86 4.34
CA GLN A 332 -4.31 -9.53 3.60
C GLN A 332 -4.93 -10.73 2.91
N TRP A 333 -4.36 -11.93 3.04
CA TRP A 333 -4.88 -13.12 2.39
C TRP A 333 -5.53 -14.04 3.42
N GLN A 334 -6.51 -14.82 2.96
CA GLN A 334 -7.22 -15.79 3.78
C GLN A 334 -7.25 -17.12 3.04
N LEU A 335 -7.88 -18.12 3.66
CA LEU A 335 -7.95 -19.46 3.10
C LEU A 335 -9.29 -20.09 3.43
N ALA A 336 -9.74 -20.98 2.55
CA ALA A 336 -10.99 -21.71 2.72
C ALA A 336 -10.95 -22.94 1.83
N LEU A 337 -11.98 -23.78 1.97
CA LEU A 337 -12.10 -24.98 1.15
C LEU A 337 -12.88 -24.70 -0.13
N ASN A 338 -14.11 -24.25 0.01
CA ASN A 338 -14.99 -23.93 -1.10
C ASN A 338 -15.73 -22.64 -0.76
N PRO A 339 -16.23 -21.93 -1.78
CA PRO A 339 -16.92 -20.65 -1.49
C PRO A 339 -18.14 -20.80 -0.60
N SER A 340 -18.71 -22.00 -0.49
CA SER A 340 -19.89 -22.19 0.35
C SER A 340 -19.54 -22.16 1.84
N GLU A 341 -18.39 -22.74 2.22
CA GLU A 341 -18.02 -22.87 3.63
C GLU A 341 -17.05 -21.75 4.00
N ARG A 342 -17.62 -20.55 4.18
CA ARG A 342 -16.85 -19.35 4.53
C ARG A 342 -17.86 -18.23 4.78
N LYS A 343 -17.35 -17.12 5.31
CA LYS A 343 -18.13 -15.92 5.53
C LYS A 343 -17.94 -14.96 4.35
N TYR A 344 -18.42 -13.73 4.48
CA TYR A 344 -18.27 -12.77 3.42
C TYR A 344 -16.80 -12.47 3.16
N CYS A 345 -16.52 -11.94 1.98
CA CYS A 345 -15.15 -11.70 1.53
C CYS A 345 -14.76 -10.22 1.56
N GLY A 346 -15.67 -9.34 1.17
CA GLY A 346 -15.34 -7.91 1.14
C GLY A 346 -15.63 -7.20 2.44
N SER A 347 -14.86 -7.53 3.47
CA SER A 347 -15.05 -6.94 4.79
C SER A 347 -13.74 -7.02 5.56
N GLY A 348 -13.68 -6.29 6.67
CA GLY A 348 -12.49 -6.32 7.50
C GLY A 348 -12.32 -7.65 8.22
N PHE A 349 -11.07 -7.96 8.56
CA PHE A 349 -10.76 -9.22 9.21
C PHE A 349 -9.53 -9.05 10.09
N HIS A 350 -9.39 -9.97 11.04
CA HIS A 350 -8.21 -10.06 11.89
C HIS A 350 -7.91 -11.53 12.15
N GLY A 351 -6.82 -11.79 12.86
CA GLY A 351 -6.41 -13.15 13.17
C GLY A 351 -5.12 -13.59 12.52
N SER A 352 -4.42 -12.70 11.82
CA SER A 352 -3.19 -13.07 11.12
C SER A 352 -2.05 -13.16 12.12
N ASP A 353 -0.81 -13.23 11.60
CA ASP A 353 0.36 -13.31 12.47
C ASP A 353 0.47 -12.04 13.32
N ASN A 354 0.89 -12.23 14.57
CA ASN A 354 0.84 -11.16 15.57
C ASN A 354 2.03 -10.20 15.49
N VAL A 355 2.79 -10.22 14.41
CA VAL A 355 3.90 -9.29 14.22
C VAL A 355 3.63 -8.30 13.10
N PHE A 356 2.54 -8.48 12.35
CA PHE A 356 2.20 -7.55 11.30
C PHE A 356 1.86 -6.18 11.87
N SER A 357 2.12 -5.14 11.09
CA SER A 357 1.99 -3.78 11.59
C SER A 357 0.54 -3.40 11.86
N ASN A 358 -0.42 -4.08 11.22
CA ASN A 358 -1.82 -3.75 11.35
C ASN A 358 -2.53 -4.54 12.43
N MET A 359 -1.82 -5.41 13.15
CA MET A 359 -2.42 -6.24 14.19
C MET A 359 -2.06 -5.77 15.60
N GLN A 360 -1.45 -4.61 15.74
CA GLN A 360 -0.98 -4.14 17.04
C GLN A 360 -2.10 -3.43 17.80
N ALA A 361 -2.04 -3.53 19.13
CA ALA A 361 -3.09 -3.08 20.02
C ALA A 361 -2.70 -1.79 20.73
N LEU A 362 -3.55 -1.38 21.68
CA LEU A 362 -3.41 -0.11 22.39
C LEU A 362 -3.13 -0.34 23.86
N PHE A 363 -2.29 0.52 24.44
CA PHE A 363 -2.08 0.49 25.88
C PHE A 363 -1.81 1.91 26.38
N VAL A 364 -2.63 2.38 27.30
CA VAL A 364 -2.47 3.68 27.95
C VAL A 364 -2.67 3.49 29.45
N GLY A 365 -1.83 4.15 30.24
CA GLY A 365 -1.95 4.07 31.68
C GLY A 365 -2.06 5.44 32.31
N TYR A 366 -2.84 5.52 33.38
CA TYR A 366 -3.04 6.78 34.07
C TYR A 366 -3.31 6.52 35.54
N GLY A 367 -2.90 7.46 36.39
CA GLY A 367 -3.16 7.37 37.80
C GLY A 367 -1.94 7.61 38.66
N PRO A 368 -2.11 7.49 39.98
CA PRO A 368 -0.97 7.69 40.88
C PRO A 368 0.18 6.73 40.66
N GLY A 369 -0.10 5.48 40.27
CA GLY A 369 0.95 4.48 40.17
C GLY A 369 1.75 4.50 38.88
N PHE A 370 1.37 5.33 37.92
CA PHE A 370 2.04 5.38 36.63
C PHE A 370 2.81 6.70 36.49
N LYS A 371 3.91 6.64 35.77
CA LYS A 371 4.68 7.84 35.48
C LYS A 371 3.91 8.76 34.53
N HIS A 372 4.32 10.02 34.49
CA HIS A 372 3.61 11.06 33.75
C HIS A 372 4.43 11.48 32.54
N GLY A 373 3.77 11.57 31.39
CA GLY A 373 4.39 12.06 30.17
C GLY A 373 5.57 11.23 29.71
N ILE A 374 5.43 9.91 29.69
CA ILE A 374 6.49 9.01 29.28
C ILE A 374 6.03 8.22 28.06
N GLU A 375 6.98 7.57 27.40
CA GLU A 375 6.69 6.73 26.24
C GLU A 375 7.64 5.55 26.27
N ALA A 376 7.09 4.34 26.34
CA ALA A 376 7.87 3.12 26.46
C ALA A 376 8.03 2.45 25.10
N ASP A 377 8.67 1.28 25.10
CA ASP A 377 8.89 0.52 23.89
C ASP A 377 7.74 -0.48 23.71
N THR A 378 7.91 -1.41 22.77
CA THR A 378 6.88 -2.41 22.50
C THR A 378 7.02 -3.57 23.48
N PHE A 379 5.90 -4.00 24.06
CA PHE A 379 5.88 -5.14 24.97
C PHE A 379 4.61 -5.94 24.71
N GLU A 380 4.65 -7.21 25.14
CA GLU A 380 3.53 -8.11 24.94
C GLU A 380 2.49 -7.90 26.04
N ASN A 381 1.24 -8.29 25.72
CA ASN A 381 0.16 -8.13 26.68
C ASN A 381 0.24 -9.14 27.82
N ILE A 382 0.91 -10.27 27.60
CA ILE A 382 1.02 -11.30 28.62
C ILE A 382 1.77 -10.83 29.85
N GLU A 383 2.33 -9.62 29.83
CA GLU A 383 3.05 -9.07 30.96
C GLU A 383 2.25 -7.99 31.70
N VAL A 384 1.01 -7.73 31.29
CA VAL A 384 0.19 -6.78 32.03
C VAL A 384 -0.19 -7.36 33.40
N TYR A 385 -0.46 -8.68 33.44
CA TYR A 385 -0.84 -9.36 34.67
C TYR A 385 0.06 -9.00 35.84
N ASN A 386 1.36 -9.29 35.71
CA ASN A 386 2.32 -8.96 36.76
C ASN A 386 2.21 -7.50 37.16
N LEU A 387 2.10 -6.60 36.18
CA LEU A 387 1.96 -5.18 36.47
C LEU A 387 0.77 -4.93 37.37
N MET A 388 -0.38 -5.53 37.04
CA MET A 388 -1.56 -5.36 37.90
C MET A 388 -1.30 -5.94 39.28
N CYS A 389 -0.57 -7.05 39.35
CA CYS A 389 -0.24 -7.62 40.66
C CYS A 389 0.61 -6.67 41.49
N ASP A 390 1.38 -5.80 40.83
CA ASP A 390 2.17 -4.81 41.53
C ASP A 390 1.40 -3.52 41.80
N LEU A 391 0.20 -3.38 41.25
CA LEU A 391 -0.65 -2.23 41.53
C LEU A 391 -1.71 -2.54 42.58
N LEU A 392 -1.78 -3.78 43.06
CA LEU A 392 -2.71 -4.15 44.11
C LEU A 392 -2.02 -4.86 45.27
N ASN A 393 -0.69 -4.97 45.25
CA ASN A 393 0.08 -5.62 46.30
C ASN A 393 -0.35 -7.08 46.48
N LEU A 394 -0.20 -7.85 45.40
CA LEU A 394 -0.54 -9.26 45.39
C LEU A 394 0.66 -10.07 44.90
N THR A 395 0.70 -11.34 45.29
CA THR A 395 1.76 -12.22 44.83
C THR A 395 1.27 -12.98 43.60
N PRO A 396 1.84 -12.74 42.42
CA PRO A 396 1.31 -13.36 41.21
C PRO A 396 1.50 -14.87 41.21
N ALA A 397 0.53 -15.56 40.63
CA ALA A 397 0.69 -16.98 40.33
C ALA A 397 1.68 -17.13 39.18
N PRO A 398 2.33 -18.29 39.06
CA PRO A 398 3.29 -18.48 37.98
C PRO A 398 2.65 -18.31 36.61
N ASN A 399 3.36 -17.62 35.72
CA ASN A 399 2.87 -17.34 34.38
C ASN A 399 4.07 -17.29 33.44
N ASN A 400 3.85 -16.74 32.24
CA ASN A 400 4.88 -16.66 31.21
C ASN A 400 5.39 -15.24 31.01
N GLY A 401 5.37 -14.45 32.07
CA GLY A 401 5.94 -13.11 32.04
C GLY A 401 7.08 -13.00 33.03
N THR A 402 8.12 -12.29 32.64
CA THR A 402 9.31 -12.12 33.47
C THR A 402 9.08 -10.95 34.41
N HIS A 403 8.97 -11.25 35.70
CA HIS A 403 8.67 -10.22 36.69
C HIS A 403 9.83 -9.25 36.81
N GLY A 404 9.51 -7.95 36.71
CA GLY A 404 10.50 -6.90 36.75
C GLY A 404 10.88 -6.34 35.39
N SER A 405 10.52 -7.03 34.31
CA SER A 405 10.81 -6.53 32.97
C SER A 405 10.09 -5.22 32.70
N LEU A 406 8.83 -5.12 33.12
CA LEU A 406 8.00 -3.96 32.87
C LEU A 406 7.98 -3.02 34.08
N ASN A 407 9.10 -2.92 34.79
CA ASN A 407 9.19 -2.20 36.05
C ASN A 407 9.49 -0.72 35.88
N HIS A 408 9.80 -0.26 34.68
CA HIS A 408 10.10 1.15 34.44
C HIS A 408 8.85 1.98 34.17
N LEU A 409 7.67 1.36 34.20
CA LEU A 409 6.41 2.06 34.03
C LEU A 409 5.79 2.48 35.35
N LEU A 410 6.43 2.18 36.48
CA LEU A 410 5.87 2.42 37.80
C LEU A 410 6.70 3.46 38.54
N LYS A 411 6.03 4.33 39.28
CA LYS A 411 6.73 5.31 40.10
C LYS A 411 7.52 4.65 41.21
N ASN A 412 6.86 3.77 41.98
CA ASN A 412 7.47 3.07 43.10
C ASN A 412 7.41 1.58 42.82
N PRO A 413 8.49 0.98 42.30
CA PRO A 413 8.49 -0.46 42.08
C PRO A 413 8.35 -1.24 43.38
N VAL A 414 7.68 -2.39 43.30
CA VAL A 414 7.43 -3.22 44.47
C VAL A 414 8.40 -4.40 44.50
N TYR A 415 8.62 -5.01 43.35
CA TYR A 415 9.45 -6.20 43.23
C TYR A 415 10.79 -5.85 42.62
N THR A 416 11.87 -6.36 43.22
CA THR A 416 13.22 -6.13 42.73
C THR A 416 13.77 -7.43 42.15
N PRO A 417 13.94 -7.53 40.83
CA PRO A 417 14.44 -8.79 40.25
C PRO A 417 15.90 -9.03 40.59
N LYS A 418 16.28 -10.31 40.58
CA LYS A 418 17.65 -10.73 40.85
C LYS A 418 18.06 -11.80 39.83
N HIS A 419 19.36 -11.85 39.55
CA HIS A 419 19.87 -12.81 38.59
C HIS A 419 19.79 -14.23 39.17
N PRO A 420 19.40 -15.21 38.37
CA PRO A 420 19.42 -16.60 38.86
C PRO A 420 20.84 -17.09 39.08
N LYS A 421 20.98 -18.02 40.02
CA LYS A 421 22.28 -18.54 40.41
C LYS A 421 22.51 -19.93 39.84
N GLU A 422 23.78 -20.25 39.59
CA GLU A 422 24.15 -21.55 39.08
C GLU A 422 23.89 -22.64 40.12
N VAL A 423 23.58 -23.84 39.63
CA VAL A 423 23.27 -24.95 40.52
C VAL A 423 24.55 -25.57 41.06
N HIS A 424 25.48 -25.94 40.18
CA HIS A 424 26.72 -26.57 40.57
C HIS A 424 27.89 -25.88 39.90
N PRO A 425 29.05 -25.87 40.56
CA PRO A 425 30.24 -25.27 39.94
C PRO A 425 30.68 -26.06 38.72
N LEU A 426 31.30 -25.36 37.77
CA LEU A 426 31.74 -25.98 36.53
C LEU A 426 32.88 -26.96 36.80
N VAL A 427 32.72 -28.20 36.35
CA VAL A 427 33.81 -29.17 36.42
C VAL A 427 34.91 -28.77 35.43
N GLN A 428 36.10 -29.30 35.66
CA GLN A 428 37.25 -29.03 34.81
C GLN A 428 37.63 -30.28 34.03
N CYS A 429 38.01 -30.10 32.77
CA CYS A 429 38.47 -31.19 31.91
C CYS A 429 39.99 -31.13 31.78
N PRO A 430 40.72 -31.83 32.64
CA PRO A 430 42.18 -31.74 32.61
C PRO A 430 42.80 -32.57 31.49
N PHE A 431 44.04 -32.24 31.17
CA PHE A 431 44.79 -32.98 30.16
C PHE A 431 45.17 -34.36 30.70
N THR A 432 45.14 -35.35 29.81
CA THR A 432 45.49 -36.72 30.15
C THR A 432 46.25 -37.34 28.98
N ARG A 433 47.32 -38.06 29.30
CA ARG A 433 48.13 -38.70 28.26
C ARG A 433 47.36 -39.85 27.64
N ASN A 434 47.32 -39.87 26.31
CA ASN A 434 46.62 -40.90 25.55
C ASN A 434 47.42 -41.24 24.31
N PRO A 435 47.30 -42.47 23.80
CA PRO A 435 48.00 -42.83 22.57
C PRO A 435 47.47 -42.05 21.37
N ARG A 436 48.36 -41.82 20.41
CA ARG A 436 48.01 -41.07 19.20
C ARG A 436 47.28 -42.00 18.25
N ASP A 437 45.95 -41.95 18.28
CA ASP A 437 45.14 -42.79 17.42
C ASP A 437 45.01 -42.18 16.02
N ASN A 438 44.66 -43.02 15.06
CA ASN A 438 44.48 -42.60 13.67
C ASN A 438 42.99 -42.53 13.37
N LEU A 439 42.55 -41.36 12.90
CA LEU A 439 41.14 -41.14 12.58
C LEU A 439 40.81 -41.42 11.11
N GLY A 440 41.79 -41.80 10.31
CA GLY A 440 41.54 -42.13 8.92
C GLY A 440 41.01 -40.98 8.09
N CYS A 441 41.58 -39.79 8.26
N CYS A 441 41.58 -39.79 8.26
CA CYS A 441 41.16 -38.59 7.54
CA CYS A 441 41.16 -38.59 7.54
C CYS A 441 42.31 -38.11 6.65
C CYS A 441 42.31 -38.11 6.65
N SER A 442 42.00 -37.85 5.38
CA SER A 442 42.97 -37.35 4.42
C SER A 442 42.47 -36.01 3.91
N CYS A 443 43.14 -34.93 4.30
CA CYS A 443 42.72 -33.57 4.00
C CYS A 443 43.82 -32.82 3.24
N ASN A 444 43.58 -31.53 3.04
CA ASN A 444 44.53 -30.70 2.31
C ASN A 444 45.83 -30.57 3.09
N PRO A 445 46.98 -30.87 2.50
CA PRO A 445 48.25 -30.69 3.21
C PRO A 445 48.56 -29.25 3.56
N SER A 446 47.87 -28.28 2.94
CA SER A 446 48.12 -26.88 3.24
C SER A 446 47.80 -26.52 4.69
N ILE A 447 46.98 -27.33 5.36
CA ILE A 447 46.63 -27.08 6.76
C ILE A 447 47.79 -27.51 7.64
N LEU A 448 48.24 -26.60 8.50
CA LEU A 448 49.37 -26.88 9.38
C LEU A 448 48.92 -27.74 10.55
N PRO A 449 49.47 -28.95 10.72
CA PRO A 449 49.05 -29.80 11.84
C PRO A 449 49.63 -29.31 13.16
N ILE A 450 48.98 -29.73 14.25
CA ILE A 450 49.42 -29.39 15.60
C ILE A 450 50.51 -30.37 16.01
N GLU A 451 51.63 -29.84 16.51
CA GLU A 451 52.78 -30.67 16.87
C GLU A 451 52.68 -31.18 18.30
N ASP A 452 52.62 -30.27 19.27
CA ASP A 452 52.57 -30.63 20.68
C ASP A 452 51.30 -30.03 21.29
N PHE A 453 50.38 -30.89 21.74
CA PHE A 453 49.16 -30.41 22.34
C PHE A 453 49.43 -29.72 23.67
N GLN A 454 50.32 -30.28 24.48
CA GLN A 454 50.60 -29.72 25.80
C GLN A 454 51.25 -28.34 25.68
N THR A 455 52.15 -28.17 24.72
CA THR A 455 52.92 -26.93 24.65
C THR A 455 52.05 -25.73 24.27
N GLN A 456 51.24 -25.86 23.23
CA GLN A 456 50.46 -24.72 22.75
C GLN A 456 49.27 -24.41 23.65
N PHE A 457 48.73 -25.41 24.35
CA PHE A 457 47.54 -25.23 25.18
C PHE A 457 47.87 -25.00 26.64
N ASN A 458 49.14 -24.83 26.99
CA ASN A 458 49.55 -24.42 28.33
C ASN A 458 49.89 -22.94 28.30
N LEU A 459 49.15 -22.15 29.08
CA LEU A 459 49.26 -20.69 29.02
C LEU A 459 49.40 -20.11 30.42
N THR A 460 50.13 -19.00 30.50
CA THR A 460 50.25 -18.26 31.74
C THR A 460 48.98 -17.49 32.03
N VAL A 461 48.77 -17.18 33.32
CA VAL A 461 47.48 -16.64 33.78
C VAL A 461 47.12 -15.38 33.03
N ALA A 462 48.11 -14.60 32.61
CA ALA A 462 47.84 -13.41 31.81
C ALA A 462 47.17 -13.78 30.49
N GLU A 463 47.58 -14.91 29.90
CA GLU A 463 46.98 -15.35 28.64
C GLU A 463 45.50 -15.68 28.84
N GLU A 464 45.16 -16.44 29.88
CA GLU A 464 43.75 -16.74 30.12
C GLU A 464 42.97 -15.47 30.43
N LYS A 465 43.57 -14.54 31.17
CA LYS A 465 42.89 -13.28 31.47
C LYS A 465 42.57 -12.50 30.20
N ILE A 466 43.54 -12.36 29.30
CA ILE A 466 43.32 -11.58 28.10
C ILE A 466 42.34 -12.31 27.16
N ILE A 467 42.40 -13.64 27.13
CA ILE A 467 41.47 -14.39 26.28
C ILE A 467 40.04 -14.25 26.81
N LYS A 468 39.87 -14.32 28.13
CA LYS A 468 38.54 -14.13 28.71
C LYS A 468 38.03 -12.72 28.43
N HIS A 469 38.90 -11.72 28.53
CA HIS A 469 38.49 -10.35 28.23
C HIS A 469 38.07 -10.21 26.77
N GLU A 470 38.83 -10.82 25.85
CA GLU A 470 38.58 -10.64 24.42
C GLU A 470 37.37 -11.42 23.94
N THR A 471 37.19 -12.65 24.40
CA THR A 471 36.16 -13.54 23.86
C THR A 471 34.86 -13.54 24.67
N LEU A 472 34.91 -13.19 25.95
CA LEU A 472 33.73 -13.16 26.81
C LEU A 472 33.63 -11.79 27.48
N PRO A 473 33.25 -10.75 26.72
CA PRO A 473 33.11 -9.42 27.32
C PRO A 473 32.04 -9.35 28.40
N TYR A 474 30.95 -10.10 28.25
CA TYR A 474 29.83 -10.03 29.18
C TYR A 474 29.82 -11.17 30.19
N GLY A 475 30.80 -12.05 30.16
CA GLY A 475 30.85 -13.17 31.08
C GLY A 475 30.33 -14.45 30.47
N ARG A 476 30.80 -15.57 30.99
CA ARG A 476 30.39 -16.87 30.48
C ARG A 476 28.91 -17.11 30.78
N PRO A 477 28.16 -17.69 29.85
CA PRO A 477 26.79 -18.12 30.16
C PRO A 477 26.78 -19.17 31.26
N ARG A 478 25.78 -19.09 32.12
CA ARG A 478 25.60 -20.04 33.21
C ARG A 478 24.55 -21.08 32.82
N VAL A 479 24.53 -22.18 33.56
CA VAL A 479 23.60 -23.28 33.33
C VAL A 479 22.72 -23.44 34.55
N LEU A 480 21.41 -23.55 34.34
CA LEU A 480 20.45 -23.67 35.43
C LEU A 480 19.93 -25.10 35.60
N GLN A 481 20.36 -26.02 34.75
CA GLN A 481 19.90 -27.41 34.87
C GLN A 481 20.46 -28.05 36.13
N LYS A 482 19.62 -28.82 36.82
CA LYS A 482 20.00 -29.38 38.11
C LYS A 482 21.12 -30.40 37.96
N GLU A 483 20.97 -31.36 37.05
CA GLU A 483 21.92 -32.46 36.87
C GLU A 483 22.53 -32.37 35.48
N ASN A 484 23.66 -31.67 35.37
CA ASN A 484 24.37 -31.56 34.10
C ASN A 484 25.81 -31.18 34.39
N THR A 485 26.75 -32.05 34.03
CA THR A 485 28.17 -31.81 34.27
C THR A 485 28.80 -31.28 32.99
N ILE A 486 29.37 -30.08 33.07
CA ILE A 486 29.98 -29.40 31.94
C ILE A 486 31.38 -28.95 32.33
N CYS A 487 32.26 -28.86 31.34
CA CYS A 487 33.59 -28.32 31.55
C CYS A 487 33.89 -27.24 30.53
N LEU A 488 34.60 -26.21 30.96
CA LEU A 488 34.88 -25.04 30.15
C LEU A 488 36.20 -25.25 29.40
N LEU A 489 36.14 -25.21 28.08
CA LEU A 489 37.31 -25.39 27.23
C LEU A 489 37.71 -24.04 26.64
N SER A 490 39.00 -23.73 26.74
CA SER A 490 39.53 -22.43 26.34
C SER A 490 40.49 -22.60 25.17
N GLN A 491 40.30 -21.80 24.13
CA GLN A 491 41.19 -21.80 22.97
C GLN A 491 41.70 -20.38 22.73
N HIS A 492 42.35 -20.16 21.58
CA HIS A 492 42.99 -18.87 21.35
C HIS A 492 41.98 -17.78 21.04
N GLN A 493 40.91 -18.09 20.29
CA GLN A 493 39.94 -17.05 19.97
C GLN A 493 38.50 -17.52 20.03
N PHE A 494 38.22 -18.67 20.63
CA PHE A 494 36.84 -19.10 20.84
C PHE A 494 36.78 -19.98 22.09
N MET A 495 35.73 -19.81 22.88
CA MET A 495 35.57 -20.51 24.15
C MET A 495 34.33 -21.39 24.09
N SER A 496 34.44 -22.62 24.60
CA SER A 496 33.38 -23.60 24.45
C SER A 496 33.00 -24.20 25.80
N GLY A 497 31.77 -24.69 25.86
CA GLY A 497 31.33 -25.47 27.02
C GLY A 497 30.99 -26.90 26.61
N TYR A 498 31.78 -27.86 27.05
CA TYR A 498 31.65 -29.24 26.61
C TYR A 498 30.94 -30.06 27.68
N SER A 499 29.89 -30.76 27.27
CA SER A 499 29.07 -31.56 28.17
C SER A 499 29.49 -33.02 28.11
N GLN A 500 29.80 -33.60 29.26
CA GLN A 500 30.22 -35.00 29.31
C GLN A 500 29.03 -35.94 29.15
N ASP A 501 27.85 -35.54 29.60
CA ASP A 501 26.69 -36.44 29.59
C ASP A 501 26.25 -36.78 28.17
N ILE A 502 26.09 -35.77 27.32
CA ILE A 502 25.57 -35.98 25.97
C ILE A 502 26.68 -36.06 24.93
N LEU A 503 27.93 -35.79 25.30
CA LEU A 503 29.07 -35.85 24.39
C LEU A 503 28.84 -34.90 23.20
N MET A 504 28.78 -33.61 23.52
CA MET A 504 28.56 -32.55 22.56
C MET A 504 28.78 -31.19 23.20
N PRO A 505 29.33 -30.22 22.49
CA PRO A 505 29.39 -28.85 23.03
C PRO A 505 27.99 -28.26 23.16
N LEU A 506 27.82 -27.45 24.21
CA LEU A 506 26.55 -26.79 24.46
C LEU A 506 26.52 -25.34 23.99
N TRP A 507 27.65 -24.63 24.08
CA TRP A 507 27.71 -23.25 23.62
C TRP A 507 29.14 -22.92 23.21
N THR A 508 29.26 -22.13 22.15
CA THR A 508 30.55 -21.63 21.67
C THR A 508 30.44 -20.14 21.48
N SER A 509 31.40 -19.40 22.04
CA SER A 509 31.40 -17.94 22.04
C SER A 509 32.70 -17.42 21.43
N TYR A 510 32.58 -16.40 20.59
CA TYR A 510 33.73 -15.78 19.96
C TYR A 510 33.34 -14.37 19.51
N THR A 511 34.30 -13.66 18.93
CA THR A 511 34.09 -12.29 18.47
C THR A 511 34.67 -12.13 17.07
N VAL A 512 33.95 -11.37 16.23
CA VAL A 512 34.38 -11.08 14.86
C VAL A 512 34.57 -9.58 14.75
N ASP A 513 35.77 -9.17 14.33
CA ASP A 513 36.09 -7.75 14.21
C ASP A 513 35.90 -7.28 12.78
N ARG A 514 35.89 -5.95 12.62
CA ARG A 514 35.66 -5.35 11.31
C ARG A 514 36.75 -5.71 10.32
N ASN A 515 38.00 -5.72 10.77
N ASN A 515 38.00 -5.72 10.77
CA ASN A 515 39.13 -5.99 9.89
CA ASN A 515 39.13 -5.99 9.89
C ASN A 515 39.41 -7.48 9.71
C ASN A 515 39.41 -7.48 9.71
N ASP A 516 38.68 -8.35 10.39
CA ASP A 516 38.89 -9.78 10.23
C ASP A 516 38.51 -10.25 8.83
N SER A 517 39.25 -11.21 8.31
CA SER A 517 39.07 -11.71 6.95
C SER A 517 38.67 -13.18 6.98
N PHE A 518 37.90 -13.56 5.97
CA PHE A 518 37.42 -14.94 5.80
C PHE A 518 38.15 -15.60 4.65
N SER A 519 38.62 -16.83 4.87
CA SER A 519 39.30 -17.59 3.84
C SER A 519 38.29 -18.34 2.97
N THR A 520 38.81 -18.99 1.92
CA THR A 520 37.96 -19.73 0.99
C THR A 520 38.53 -21.09 0.62
N GLU A 521 39.56 -21.57 1.33
CA GLU A 521 40.13 -22.87 1.04
C GLU A 521 39.23 -23.99 1.55
N ASP A 522 39.46 -25.19 1.03
CA ASP A 522 38.70 -26.37 1.43
C ASP A 522 39.31 -26.95 2.70
N PHE A 523 38.44 -27.47 3.57
CA PHE A 523 38.89 -28.03 4.85
C PHE A 523 38.14 -29.31 5.19
N SER A 524 37.61 -29.98 4.17
CA SER A 524 36.77 -31.16 4.40
C SER A 524 37.61 -32.30 4.97
N ASN A 525 36.89 -33.31 5.49
CA ASN A 525 37.38 -34.59 6.01
C ASN A 525 38.76 -34.48 6.66
N CYS A 526 38.92 -33.50 7.56
CA CYS A 526 40.17 -33.31 8.31
C CYS A 526 39.79 -33.08 9.76
N LEU A 527 40.11 -34.05 10.62
CA LEU A 527 39.77 -34.01 12.03
C LEU A 527 41.02 -34.20 12.87
N TYR A 528 41.20 -33.34 13.87
CA TYR A 528 42.33 -33.42 14.79
C TYR A 528 41.83 -33.83 16.16
N GLN A 529 42.43 -34.88 16.72
CA GLN A 529 41.97 -35.41 18.00
C GLN A 529 42.37 -34.50 19.14
N ASP A 530 41.50 -34.44 20.15
CA ASP A 530 41.72 -33.64 21.35
C ASP A 530 41.94 -34.57 22.53
N PHE A 531 43.03 -34.36 23.27
CA PHE A 531 43.40 -35.24 24.37
C PHE A 531 42.68 -34.90 25.67
N ARG A 532 41.99 -33.75 25.75
CA ARG A 532 41.33 -33.39 26.99
C ARG A 532 40.11 -34.25 27.29
N ILE A 533 39.59 -34.97 26.30
CA ILE A 533 38.44 -35.85 26.50
C ILE A 533 38.75 -37.21 25.90
N PRO A 534 38.14 -38.26 26.47
CA PRO A 534 38.31 -39.60 25.89
C PRO A 534 37.73 -39.67 24.48
N LEU A 535 38.37 -40.49 23.64
CA LEU A 535 37.95 -40.61 22.26
C LEU A 535 36.60 -41.32 22.16
N SER A 536 35.89 -41.05 21.07
CA SER A 536 34.58 -41.58 20.79
C SER A 536 34.51 -42.07 19.36
N PRO A 537 33.81 -43.18 19.09
CA PRO A 537 33.67 -43.63 17.70
C PRO A 537 32.81 -42.71 16.85
N VAL A 538 32.03 -41.83 17.47
CA VAL A 538 31.34 -40.77 16.73
C VAL A 538 32.31 -39.70 16.26
N HIS A 539 33.51 -39.65 16.84
CA HIS A 539 34.49 -38.59 16.58
C HIS A 539 35.53 -39.00 15.53
N LYS A 540 35.13 -39.78 14.53
CA LYS A 540 36.03 -40.22 13.48
C LYS A 540 35.44 -39.91 12.12
N CYS A 541 36.32 -39.64 11.15
CA CYS A 541 35.87 -39.37 9.79
C CYS A 541 35.21 -40.60 9.16
N SER A 542 35.55 -41.79 9.65
CA SER A 542 34.99 -43.01 9.07
C SER A 542 33.48 -43.07 9.27
N PHE A 543 32.99 -42.60 10.41
CA PHE A 543 31.55 -42.60 10.66
C PHE A 543 30.83 -41.72 9.64
N TYR A 544 31.38 -40.55 9.35
CA TYR A 544 30.77 -39.60 8.42
C TYR A 544 31.26 -39.78 6.99
N LYS A 545 32.09 -40.79 6.72
CA LYS A 545 32.61 -41.02 5.37
C LYS A 545 31.55 -41.76 4.55
N ASN A 546 31.08 -41.12 3.48
CA ASN A 546 30.10 -41.69 2.57
C ASN A 546 28.83 -42.13 3.31
N ASN A 547 28.21 -41.14 3.96
CA ASN A 547 26.95 -41.35 4.68
C ASN A 547 25.90 -40.38 4.12
N THR A 548 24.73 -40.93 3.79
CA THR A 548 23.64 -40.13 3.24
C THR A 548 22.62 -39.72 4.29
N LYS A 549 22.85 -40.03 5.56
CA LYS A 549 21.91 -39.73 6.63
C LYS A 549 22.35 -38.58 7.52
N VAL A 550 23.61 -38.57 7.97
CA VAL A 550 24.11 -37.59 8.91
C VAL A 550 25.38 -36.96 8.34
N SER A 551 25.92 -36.00 9.10
CA SER A 551 27.15 -35.29 8.75
C SER A 551 27.59 -34.53 9.99
N TYR A 552 28.60 -33.67 9.82
CA TYR A 552 29.14 -32.91 10.94
C TYR A 552 29.30 -31.45 10.54
N GLY A 553 29.26 -30.57 11.55
CA GLY A 553 29.46 -29.15 11.32
C GLY A 553 30.28 -28.56 12.45
N PHE A 554 30.72 -27.32 12.23
CA PHE A 554 31.60 -26.63 13.16
C PHE A 554 30.87 -25.43 13.76
N LEU A 555 30.81 -25.38 15.10
CA LEU A 555 30.21 -24.23 15.76
C LEU A 555 31.07 -22.98 15.58
N SER A 556 32.39 -23.12 15.76
CA SER A 556 33.31 -22.02 15.54
C SER A 556 33.82 -22.08 14.11
N PRO A 557 33.61 -21.05 13.29
CA PRO A 557 33.92 -21.16 11.86
C PRO A 557 35.43 -21.19 11.63
N PRO A 558 35.93 -22.26 11.01
CA PRO A 558 37.36 -22.31 10.68
C PRO A 558 37.77 -21.33 9.59
N GLN A 559 36.81 -20.74 8.88
CA GLN A 559 37.16 -19.78 7.82
C GLN A 559 37.74 -18.50 8.40
N LEU A 560 37.57 -18.25 9.69
CA LEU A 560 37.97 -17.00 10.32
C LEU A 560 39.31 -17.19 11.03
N ASN A 561 40.32 -16.45 10.58
CA ASN A 561 41.62 -16.43 11.22
C ASN A 561 41.97 -14.98 11.55
N LYS A 562 42.33 -14.73 12.80
CA LYS A 562 42.56 -13.38 13.29
C LYS A 562 44.02 -12.94 13.16
N ASN A 563 44.91 -13.84 12.76
CA ASN A 563 46.33 -13.50 12.69
C ASN A 563 46.90 -13.75 11.30
N SER A 564 46.35 -14.72 10.58
CA SER A 564 46.85 -15.11 9.27
C SER A 564 45.71 -15.09 8.25
N SER A 565 46.08 -15.18 6.98
CA SER A 565 45.13 -15.19 5.89
C SER A 565 44.65 -16.59 5.52
N GLY A 566 45.20 -17.63 6.15
CA GLY A 566 44.77 -18.98 5.89
C GLY A 566 43.54 -19.36 6.67
N ILE A 567 43.53 -20.57 7.25
CA ILE A 567 42.43 -21.04 8.07
C ILE A 567 42.97 -21.41 9.44
N TYR A 568 42.09 -21.38 10.44
CA TYR A 568 42.50 -21.62 11.81
C TYR A 568 42.54 -23.12 12.07
N SER A 569 43.71 -23.61 12.53
CA SER A 569 43.88 -25.04 12.70
C SER A 569 43.13 -25.56 13.92
N GLU A 570 43.19 -24.83 15.03
CA GLU A 570 42.56 -25.32 16.27
C GLU A 570 41.05 -25.35 16.18
N ALA A 571 40.45 -24.64 15.21
CA ALA A 571 39.02 -24.76 15.00
C ALA A 571 38.61 -26.11 14.43
N LEU A 572 39.57 -26.90 13.95
CA LEU A 572 39.31 -28.22 13.40
C LEU A 572 39.43 -29.32 14.44
N LEU A 573 39.31 -28.98 15.72
CA LEU A 573 39.48 -29.96 16.78
C LEU A 573 38.28 -30.90 16.85
N THR A 574 38.46 -31.97 17.63
CA THR A 574 37.39 -32.94 17.84
C THR A 574 36.25 -32.38 18.68
N THR A 575 36.55 -31.50 19.64
CA THR A 575 35.57 -30.98 20.56
C THR A 575 34.79 -29.79 19.99
N ASN A 576 34.73 -29.66 18.67
CA ASN A 576 34.01 -28.59 18.01
C ASN A 576 33.17 -29.16 16.86
N ILE A 577 32.46 -30.26 17.13
CA ILE A 577 31.71 -30.98 16.10
C ILE A 577 30.29 -31.20 16.59
N VAL A 578 29.32 -30.89 15.73
CA VAL A 578 27.92 -31.17 16.01
C VAL A 578 27.32 -31.93 14.83
N PRO A 579 26.47 -32.94 15.06
CA PRO A 579 25.82 -33.62 13.95
C PRO A 579 24.94 -32.66 13.16
N MET A 580 24.90 -32.85 11.85
CA MET A 580 24.16 -31.96 10.96
C MET A 580 23.65 -32.75 9.77
N TYR A 581 22.50 -32.35 9.25
CA TYR A 581 21.95 -32.96 8.04
C TYR A 581 22.62 -32.38 6.80
N GLN A 582 22.41 -33.05 5.67
CA GLN A 582 23.01 -32.62 4.42
C GLN A 582 22.47 -31.27 3.98
N SER A 583 21.17 -31.04 4.14
CA SER A 583 20.56 -29.83 3.61
C SER A 583 20.87 -28.60 4.47
N PHE A 584 20.99 -28.79 5.79
CA PHE A 584 21.23 -27.65 6.68
C PHE A 584 22.59 -27.01 6.43
N GLN A 585 23.54 -27.78 5.88
CA GLN A 585 24.87 -27.23 5.64
C GLN A 585 24.84 -26.06 4.68
N VAL A 586 23.89 -26.04 3.74
CA VAL A 586 23.78 -24.91 2.83
C VAL A 586 23.53 -23.63 3.60
N ILE A 587 22.54 -23.66 4.50
CA ILE A 587 22.21 -22.48 5.31
C ILE A 587 23.38 -22.12 6.22
N TRP A 588 23.97 -23.12 6.87
CA TRP A 588 25.07 -22.85 7.80
C TRP A 588 26.24 -22.19 7.07
N ARG A 589 26.64 -22.75 5.94
CA ARG A 589 27.77 -22.21 5.19
C ARG A 589 27.46 -20.82 4.64
N TYR A 590 26.26 -20.63 4.08
CA TYR A 590 25.91 -19.32 3.55
C TYR A 590 25.95 -18.26 4.64
N PHE A 591 25.36 -18.58 5.79
CA PHE A 591 25.42 -17.65 6.93
C PHE A 591 26.86 -17.32 7.28
N HIS A 592 27.64 -18.34 7.66
CA HIS A 592 28.99 -18.11 8.16
C HIS A 592 29.88 -17.43 7.12
N ASP A 593 29.57 -17.59 5.83
CA ASP A 593 30.42 -17.01 4.79
C ASP A 593 30.04 -15.58 4.45
N THR A 594 28.75 -15.28 4.30
CA THR A 594 28.32 -13.96 3.85
C THR A 594 27.73 -13.11 4.97
N LEU A 595 26.79 -13.66 5.74
CA LEU A 595 26.02 -12.82 6.65
C LEU A 595 26.86 -12.37 7.85
N LEU A 596 27.71 -13.27 8.35
CA LEU A 596 28.58 -12.88 9.47
C LEU A 596 29.51 -11.74 9.06
N ARG A 597 30.11 -11.85 7.87
CA ARG A 597 30.99 -10.79 7.38
C ARG A 597 30.21 -9.49 7.18
N LYS A 598 29.01 -9.58 6.61
CA LYS A 598 28.22 -8.37 6.37
C LYS A 598 27.86 -7.69 7.69
N TYR A 599 27.43 -8.46 8.68
CA TYR A 599 27.09 -7.89 9.98
C TYR A 599 28.32 -7.27 10.65
N ALA A 600 29.46 -7.97 10.58
CA ALA A 600 30.68 -7.43 11.18
C ALA A 600 31.10 -6.13 10.51
N GLU A 601 30.99 -6.06 9.19
CA GLU A 601 31.35 -4.85 8.47
C GLU A 601 30.41 -3.69 8.81
N GLU A 602 29.10 -3.96 8.84
CA GLU A 602 28.13 -2.89 9.03
C GLU A 602 28.10 -2.39 10.47
N ARG A 603 28.18 -3.31 11.44
CA ARG A 603 27.98 -2.97 12.84
C ARG A 603 29.29 -2.83 13.60
N ASN A 604 30.43 -2.87 12.91
CA ASN A 604 31.75 -2.69 13.52
C ASN A 604 32.02 -3.75 14.59
N GLY A 605 32.02 -5.01 14.14
CA GLY A 605 32.31 -6.12 15.03
C GLY A 605 31.10 -6.65 15.75
N VAL A 606 30.99 -7.97 15.86
CA VAL A 606 29.88 -8.61 16.55
C VAL A 606 30.41 -9.74 17.43
N ASN A 607 29.86 -9.86 18.64
CA ASN A 607 30.14 -10.99 19.50
C ASN A 607 29.08 -12.05 19.26
N VAL A 608 29.51 -13.26 18.90
CA VAL A 608 28.62 -14.32 18.43
C VAL A 608 28.73 -15.48 19.41
N VAL A 609 27.58 -15.97 19.89
CA VAL A 609 27.57 -17.20 20.65
C VAL A 609 26.42 -18.08 20.16
N SER A 610 26.71 -19.36 19.98
CA SER A 610 25.81 -20.28 19.28
C SER A 610 25.85 -21.66 19.91
N GLY A 611 24.87 -22.48 19.53
CA GLY A 611 24.81 -23.85 19.99
C GLY A 611 23.59 -24.60 19.49
N PRO A 612 23.48 -25.88 19.87
CA PRO A 612 22.29 -26.66 19.55
C PRO A 612 21.28 -26.68 20.70
N VAL A 613 20.04 -26.99 20.35
CA VAL A 613 18.96 -27.11 21.32
C VAL A 613 18.15 -28.36 21.01
N PHE A 614 17.76 -29.08 22.07
CA PHE A 614 17.08 -30.37 21.97
C PHE A 614 15.70 -30.21 22.58
N ASP A 615 14.66 -30.35 21.75
CA ASP A 615 13.29 -30.22 22.27
C ASP A 615 12.38 -31.12 21.43
N PHE A 616 12.16 -32.35 21.90
CA PHE A 616 11.33 -33.30 21.21
C PHE A 616 9.87 -33.28 21.64
N ASP A 617 9.54 -32.52 22.69
CA ASP A 617 8.17 -32.42 23.20
C ASP A 617 7.42 -31.23 22.63
N TYR A 618 8.06 -30.40 21.81
CA TYR A 618 7.50 -29.15 21.28
C TYR A 618 6.71 -28.40 22.35
N ASP A 619 7.30 -28.29 23.54
CA ASP A 619 6.68 -27.59 24.65
C ASP A 619 7.38 -26.29 25.01
N GLY A 620 8.51 -25.98 24.39
CA GLY A 620 9.21 -24.74 24.62
C GLY A 620 10.25 -24.76 25.73
N ARG A 621 10.38 -25.86 26.45
CA ARG A 621 11.36 -25.99 27.52
C ARG A 621 12.34 -27.11 27.22
N CYS A 622 13.57 -26.95 27.69
CA CYS A 622 14.62 -27.92 27.41
C CYS A 622 14.29 -29.26 28.03
N ASP A 623 14.61 -30.33 27.30
CA ASP A 623 14.33 -31.68 27.77
C ASP A 623 15.27 -32.06 28.92
N SER A 624 14.76 -32.90 29.82
CA SER A 624 15.59 -33.44 30.89
C SER A 624 16.46 -34.59 30.38
N LEU A 625 17.42 -35.00 31.20
CA LEU A 625 18.33 -36.07 30.80
C LEU A 625 17.59 -37.39 30.62
N GLU A 626 16.65 -37.69 31.50
CA GLU A 626 15.89 -38.94 31.40
C GLU A 626 15.10 -38.97 30.10
N ASN A 627 14.42 -37.88 29.77
CA ASN A 627 13.66 -37.82 28.52
C ASN A 627 14.61 -37.85 27.32
N LEU A 628 15.74 -37.15 27.42
CA LEU A 628 16.68 -37.10 26.30
C LEU A 628 17.33 -38.45 26.03
N ARG A 629 17.40 -39.31 27.05
CA ARG A 629 18.08 -40.59 26.88
C ARG A 629 17.38 -41.49 25.87
N GLN A 630 16.05 -41.55 25.93
CA GLN A 630 15.31 -42.46 25.06
C GLN A 630 15.20 -41.96 23.63
N LYS A 631 15.36 -40.66 23.40
CA LYS A 631 15.13 -40.08 22.08
C LYS A 631 16.34 -40.20 21.16
N ARG A 632 17.47 -40.72 21.63
CA ARG A 632 18.65 -40.83 20.79
C ARG A 632 18.47 -41.92 19.74
N ARG A 633 18.93 -41.65 18.52
CA ARG A 633 18.78 -42.58 17.42
C ARG A 633 20.00 -43.50 17.32
N VAL A 634 19.85 -44.55 16.52
CA VAL A 634 20.90 -45.55 16.31
C VAL A 634 21.16 -45.66 14.81
N ILE A 635 22.44 -45.69 14.45
CA ILE A 635 22.85 -45.85 13.05
C ILE A 635 24.27 -46.39 13.04
N ARG A 636 24.54 -47.30 12.10
CA ARG A 636 25.85 -47.93 11.93
C ARG A 636 26.33 -48.55 13.25
N ASN A 637 25.41 -49.19 13.96
CA ASN A 637 25.65 -49.86 15.24
C ASN A 637 26.12 -48.91 16.33
N GLN A 638 26.02 -47.59 16.11
CA GLN A 638 26.39 -46.60 17.09
C GLN A 638 25.17 -45.77 17.47
N GLU A 639 25.28 -45.04 18.57
CA GLU A 639 24.17 -44.27 19.12
C GLU A 639 24.52 -42.79 19.06
N ILE A 640 23.63 -41.99 18.45
CA ILE A 640 23.82 -40.56 18.29
C ILE A 640 22.57 -39.86 18.79
N LEU A 641 22.67 -38.54 18.93
CA LEU A 641 21.57 -37.71 19.44
C LEU A 641 21.56 -36.44 18.59
N ILE A 642 20.70 -36.43 17.57
CA ILE A 642 20.69 -35.35 16.58
C ILE A 642 19.98 -34.12 17.16
N PRO A 643 20.51 -32.91 16.96
CA PRO A 643 19.83 -31.73 17.50
C PRO A 643 18.51 -31.45 16.81
N THR A 644 17.63 -30.76 17.55
CA THR A 644 16.33 -30.36 17.03
C THR A 644 16.36 -28.97 16.42
N HIS A 645 16.96 -27.99 17.08
CA HIS A 645 17.16 -26.68 16.46
C HIS A 645 18.58 -26.20 16.77
N PHE A 646 18.95 -25.09 16.13
CA PHE A 646 20.22 -24.43 16.38
C PHE A 646 19.97 -22.97 16.70
N PHE A 647 20.51 -22.51 17.82
CA PHE A 647 20.35 -21.12 18.26
C PHE A 647 21.65 -20.36 18.04
N ILE A 648 21.52 -19.12 17.55
CA ILE A 648 22.65 -18.21 17.39
C ILE A 648 22.22 -16.83 17.88
N VAL A 649 23.09 -16.16 18.63
CA VAL A 649 22.77 -14.82 19.09
C VAL A 649 23.99 -13.91 18.92
N LEU A 650 23.72 -12.69 18.46
CA LEU A 650 24.71 -11.70 18.04
C LEU A 650 24.54 -10.46 18.91
N THR A 651 25.67 -9.91 19.37
CA THR A 651 25.65 -8.73 20.22
C THR A 651 26.62 -7.69 19.69
N SER A 652 26.26 -6.42 19.85
CA SER A 652 27.12 -5.32 19.43
C SER A 652 26.72 -4.07 20.21
N CYS A 653 27.35 -2.95 19.87
CA CYS A 653 27.02 -1.67 20.47
C CYS A 653 25.90 -0.99 19.71
N LYS A 654 25.16 -0.13 20.42
CA LYS A 654 24.11 0.64 19.77
C LYS A 654 24.71 1.66 18.81
N ASP A 655 25.83 2.29 19.18
CA ASP A 655 26.52 3.24 18.34
C ASP A 655 27.66 2.55 17.61
N THR A 656 27.79 2.82 16.31
CA THR A 656 28.77 2.14 15.48
C THR A 656 30.21 2.56 15.77
N SER A 657 30.42 3.59 16.58
CA SER A 657 31.76 4.12 16.82
C SER A 657 32.50 3.37 17.92
N GLN A 658 31.89 2.38 18.56
CA GLN A 658 32.52 1.65 19.65
C GLN A 658 32.51 0.15 19.36
N THR A 659 33.63 -0.51 19.65
CA THR A 659 33.75 -1.94 19.49
C THR A 659 32.92 -2.67 20.54
N PRO A 660 32.53 -3.92 20.28
CA PRO A 660 31.72 -4.65 21.26
C PRO A 660 32.41 -4.85 22.60
N LEU A 661 33.74 -4.73 22.66
CA LEU A 661 34.45 -4.92 23.91
C LEU A 661 34.09 -3.87 24.94
N HIS A 662 33.66 -2.68 24.50
CA HIS A 662 33.39 -1.56 25.39
C HIS A 662 32.04 -0.93 25.07
N CYS A 663 31.00 -1.77 24.94
CA CYS A 663 29.68 -1.28 24.63
C CYS A 663 29.08 -0.53 25.82
N GLU A 664 28.69 0.72 25.61
CA GLU A 664 27.91 1.43 26.63
C GLU A 664 26.46 0.93 26.64
N ASN A 665 25.88 0.70 25.46
CA ASN A 665 24.55 0.13 25.34
C ASN A 665 24.61 -1.04 24.36
N LEU A 666 23.74 -2.02 24.57
CA LEU A 666 23.79 -3.27 23.83
C LEU A 666 22.70 -3.32 22.77
N ASP A 667 23.03 -3.93 21.64
CA ASP A 667 22.09 -4.25 20.58
C ASP A 667 22.23 -5.72 20.25
N THR A 668 21.12 -6.44 20.25
CA THR A 668 21.13 -7.90 20.23
C THR A 668 20.21 -8.43 19.14
N LEU A 669 20.58 -9.59 18.59
CA LEU A 669 19.81 -10.22 17.52
C LEU A 669 19.91 -11.73 17.69
N ALA A 670 18.77 -12.40 17.88
CA ALA A 670 18.76 -13.83 18.17
C ALA A 670 17.95 -14.59 17.14
N PHE A 671 18.39 -15.81 16.82
CA PHE A 671 17.69 -16.69 15.89
C PHE A 671 17.68 -18.10 16.43
N ILE A 672 16.55 -18.79 16.25
CA ILE A 672 16.40 -20.21 16.53
C ILE A 672 15.97 -20.85 15.23
N LEU A 673 16.88 -21.53 14.55
CA LEU A 673 16.57 -22.11 13.24
C LEU A 673 16.31 -23.60 13.37
N PRO A 674 15.34 -24.12 12.61
CA PRO A 674 15.03 -25.54 12.69
C PRO A 674 16.05 -26.39 11.95
N HIS A 675 16.13 -27.66 12.36
CA HIS A 675 17.04 -28.65 11.79
C HIS A 675 16.19 -29.66 11.02
N ARG A 676 16.06 -29.44 9.72
CA ARG A 676 15.19 -30.25 8.87
C ARG A 676 16.01 -31.03 7.85
N THR A 677 15.48 -32.19 7.46
CA THR A 677 16.19 -33.05 6.51
C THR A 677 16.24 -32.41 5.12
N ASP A 678 15.18 -31.74 4.72
CA ASP A 678 15.08 -31.11 3.41
C ASP A 678 14.65 -29.65 3.54
N ASN A 679 14.79 -28.92 2.44
CA ASN A 679 14.44 -27.50 2.39
C ASN A 679 13.10 -27.27 1.67
N SER A 680 12.15 -28.19 1.85
CA SER A 680 10.84 -28.02 1.24
C SER A 680 10.05 -26.87 1.85
N GLU A 681 10.42 -26.42 3.05
CA GLU A 681 9.69 -25.33 3.70
C GLU A 681 9.80 -24.04 2.88
N SER A 682 11.00 -23.71 2.42
CA SER A 682 11.21 -22.52 1.62
C SER A 682 10.96 -22.74 0.13
N CYS A 683 10.82 -23.98 -0.30
CA CYS A 683 10.55 -24.33 -1.70
C CYS A 683 11.57 -23.69 -2.65
N VAL A 684 12.82 -24.11 -2.50
CA VAL A 684 13.87 -23.66 -3.41
C VAL A 684 13.80 -24.49 -4.69
N HIS A 685 13.63 -23.81 -5.82
CA HIS A 685 13.54 -24.48 -7.11
C HIS A 685 13.84 -23.45 -8.20
N GLY A 686 14.98 -23.58 -8.85
CA GLY A 686 15.37 -22.61 -9.86
C GLY A 686 15.50 -21.20 -9.31
N LYS A 687 16.00 -21.07 -8.08
CA LYS A 687 16.10 -19.79 -7.40
C LYS A 687 17.51 -19.61 -6.87
N HIS A 688 18.01 -18.37 -6.95
CA HIS A 688 19.32 -18.07 -6.42
C HIS A 688 19.33 -18.22 -4.90
N ASP A 689 20.47 -18.66 -4.37
CA ASP A 689 20.61 -18.94 -2.94
C ASP A 689 20.66 -17.69 -2.08
N SER A 690 20.75 -16.51 -2.70
CA SER A 690 20.94 -15.28 -1.94
C SER A 690 19.75 -14.95 -1.05
N SER A 691 18.53 -15.19 -1.55
CA SER A 691 17.34 -14.65 -0.92
C SER A 691 16.67 -15.59 0.07
N TRP A 692 16.56 -16.89 -0.24
CA TRP A 692 15.74 -17.77 0.56
C TRP A 692 16.35 -18.01 1.94
N VAL A 693 17.69 -18.10 2.02
CA VAL A 693 18.33 -18.29 3.32
C VAL A 693 18.10 -17.07 4.20
N GLU A 694 18.24 -15.87 3.63
CA GLU A 694 17.99 -14.66 4.40
C GLU A 694 16.54 -14.57 4.85
N GLU A 695 15.60 -14.98 3.98
CA GLU A 695 14.20 -14.97 4.37
C GLU A 695 13.93 -15.96 5.51
N LEU A 696 14.52 -17.14 5.44
CA LEU A 696 14.34 -18.12 6.51
C LEU A 696 14.91 -17.60 7.82
N LEU A 697 16.08 -16.96 7.78
CA LEU A 697 16.61 -16.33 8.98
C LEU A 697 15.70 -15.21 9.46
N MET A 698 15.05 -14.52 8.52
CA MET A 698 14.15 -13.42 8.88
C MET A 698 12.94 -13.92 9.63
N LEU A 699 12.32 -15.00 9.16
CA LEU A 699 11.07 -15.47 9.74
C LEU A 699 11.25 -16.11 11.11
N HIS A 700 12.41 -16.70 11.38
CA HIS A 700 12.61 -17.52 12.57
C HIS A 700 13.36 -16.78 13.68
N ARG A 701 13.17 -15.47 13.79
CA ARG A 701 13.78 -14.74 14.88
C ARG A 701 13.10 -15.09 16.21
N ALA A 702 13.69 -14.61 17.30
CA ALA A 702 13.19 -14.91 18.64
C ALA A 702 13.78 -13.90 19.61
N ARG A 703 13.40 -14.02 20.88
CA ARG A 703 13.93 -13.21 21.95
C ARG A 703 14.96 -14.01 22.75
N ILE A 704 15.71 -13.29 23.59
CA ILE A 704 16.69 -13.95 24.45
C ILE A 704 15.99 -14.80 25.50
N THR A 705 14.80 -14.40 25.93
CA THR A 705 14.07 -15.19 26.93
C THR A 705 13.66 -16.54 26.36
N ASP A 706 13.26 -16.58 25.09
CA ASP A 706 12.93 -17.84 24.45
C ASP A 706 14.14 -18.77 24.41
N VAL A 707 15.31 -18.22 24.06
CA VAL A 707 16.53 -19.03 24.03
C VAL A 707 16.87 -19.52 25.43
N GLU A 708 16.74 -18.66 26.44
CA GLU A 708 17.02 -19.07 27.81
C GLU A 708 16.09 -20.20 28.25
N HIS A 709 14.82 -20.11 27.89
CA HIS A 709 13.87 -21.17 28.25
C HIS A 709 14.19 -22.47 27.52
N ILE A 710 14.56 -22.38 26.24
CA ILE A 710 14.75 -23.59 25.44
C ILE A 710 16.12 -24.21 25.63
N THR A 711 17.07 -23.50 26.23
CA THR A 711 18.42 -24.02 26.45
C THR A 711 18.73 -24.33 27.89
N GLY A 712 18.21 -23.56 28.84
CA GLY A 712 18.64 -23.65 30.21
C GLY A 712 19.85 -22.80 30.53
N LEU A 713 20.19 -21.84 29.68
CA LEU A 713 21.34 -20.97 29.86
C LEU A 713 20.89 -19.58 30.29
N SER A 714 21.82 -18.84 30.90
CA SER A 714 21.59 -17.47 31.33
C SER A 714 22.71 -16.60 30.82
N PHE A 715 22.35 -15.48 30.18
CA PHE A 715 23.31 -14.60 29.53
C PHE A 715 23.38 -13.25 30.24
N TYR A 716 24.48 -12.56 30.02
CA TYR A 716 24.69 -11.18 30.48
C TYR A 716 24.49 -11.06 31.99
N GLN A 717 25.37 -11.73 32.73
CA GLN A 717 25.33 -11.71 34.19
C GLN A 717 26.48 -10.93 34.80
N GLN A 718 27.29 -10.26 33.99
CA GLN A 718 28.40 -9.46 34.49
C GLN A 718 28.28 -7.98 34.16
N ARG A 719 27.19 -7.55 33.51
CA ARG A 719 27.01 -6.15 33.19
C ARG A 719 26.72 -5.34 34.44
N LYS A 720 27.16 -4.08 34.43
CA LYS A 720 26.98 -3.19 35.57
C LYS A 720 25.59 -2.59 35.64
N GLU A 721 24.78 -2.74 34.60
CA GLU A 721 23.44 -2.18 34.61
C GLU A 721 22.55 -2.94 35.60
N PRO A 722 21.53 -2.29 36.14
CA PRO A 722 20.63 -2.98 37.08
C PRO A 722 19.89 -4.12 36.40
N VAL A 723 19.41 -5.05 37.21
CA VAL A 723 18.76 -6.26 36.69
C VAL A 723 17.52 -5.92 35.89
N SER A 724 16.82 -4.85 36.26
CA SER A 724 15.60 -4.48 35.54
C SER A 724 15.91 -4.13 34.09
N ASP A 725 16.99 -3.37 33.84
CA ASP A 725 17.36 -3.02 32.48
C ASP A 725 17.74 -4.25 31.68
N ILE A 726 18.46 -5.20 32.31
CA ILE A 726 18.83 -6.44 31.62
C ILE A 726 17.58 -7.23 31.25
N LEU A 727 16.63 -7.34 32.18
CA LEU A 727 15.39 -8.06 31.88
C LEU A 727 14.61 -7.38 30.78
N LYS A 728 14.59 -6.04 30.76
CA LYS A 728 13.91 -5.32 29.69
C LYS A 728 14.57 -5.58 28.35
N LEU A 729 15.91 -5.61 28.33
CA LEU A 729 16.63 -5.83 27.07
C LEU A 729 16.42 -7.26 26.57
N LYS A 730 16.38 -8.23 27.47
CA LYS A 730 16.24 -9.62 27.05
C LYS A 730 14.88 -9.89 26.44
N THR A 731 13.86 -9.14 26.85
CA THR A 731 12.49 -9.35 26.39
C THR A 731 12.22 -8.65 25.06
N HIS A 732 13.18 -7.90 24.53
CA HIS A 732 12.99 -7.17 23.29
C HIS A 732 13.10 -8.13 22.11
N LEU A 733 12.11 -8.08 21.23
CA LEU A 733 12.07 -8.93 20.04
C LEU A 733 12.47 -8.12 18.82
N PRO A 734 13.44 -8.59 18.05
CA PRO A 734 13.96 -7.77 16.93
C PRO A 734 12.88 -7.42 15.92
N THR A 735 12.95 -6.20 15.42
CA THR A 735 12.02 -5.71 14.41
C THR A 735 12.81 -5.17 13.22
N PHE A 736 12.21 -5.26 12.04
CA PHE A 736 12.88 -4.84 10.82
C PHE A 736 11.97 -3.96 9.97
N GLU B 2 -36.32 30.74 5.43
CA GLU B 2 -36.05 29.70 4.45
C GLU B 2 -35.06 28.67 5.01
N LYS B 3 -35.42 27.40 4.89
CA LYS B 3 -34.56 26.33 5.38
C LYS B 3 -33.32 26.19 4.49
N SER B 4 -32.32 25.49 5.02
CA SER B 4 -31.10 25.26 4.27
C SER B 4 -31.39 24.42 3.02
N TRP B 5 -30.64 24.70 1.94
CA TRP B 5 -30.88 24.02 0.67
C TRP B 5 -30.63 22.52 0.79
N VAL B 6 -29.69 22.12 1.63
CA VAL B 6 -29.33 20.71 1.73
C VAL B 6 -30.47 19.89 2.31
N GLU B 7 -31.35 20.50 3.09
CA GLU B 7 -32.43 19.76 3.73
C GLU B 7 -33.61 19.52 2.81
N GLU B 8 -33.68 20.21 1.68
CA GLU B 8 -34.80 20.02 0.76
C GLU B 8 -34.70 18.65 0.09
N PRO B 9 -35.84 18.01 -0.20
CA PRO B 9 -35.80 16.76 -0.96
C PRO B 9 -35.34 16.99 -2.39
N CYS B 10 -34.72 15.97 -2.97
CA CYS B 10 -34.24 16.06 -4.34
C CYS B 10 -35.40 16.23 -5.30
N GLU B 11 -35.20 17.08 -6.31
CA GLU B 11 -36.24 17.40 -7.28
C GLU B 11 -35.61 17.37 -8.67
N SER B 12 -36.39 17.78 -9.67
CA SER B 12 -35.96 17.81 -11.05
C SER B 12 -36.23 19.19 -11.64
N ILE B 13 -35.33 19.66 -12.49
CA ILE B 13 -35.45 20.95 -13.14
C ILE B 13 -35.57 20.68 -14.64
N ASN B 14 -36.80 20.60 -15.13
CA ASN B 14 -37.03 20.32 -16.55
C ASN B 14 -36.99 21.57 -17.41
N GLU B 15 -37.33 22.74 -16.85
CA GLU B 15 -37.29 23.99 -17.59
C GLU B 15 -36.86 25.09 -16.63
N PRO B 16 -35.88 25.91 -17.01
CA PRO B 16 -35.41 26.96 -16.11
C PRO B 16 -36.36 28.16 -16.11
N GLN B 17 -36.67 28.66 -14.91
CA GLN B 17 -37.42 29.90 -14.74
C GLN B 17 -36.49 30.92 -14.11
N CYS B 18 -36.22 31.99 -14.85
CA CYS B 18 -35.26 33.01 -14.45
C CYS B 18 -35.83 34.39 -14.75
N PRO B 19 -35.35 35.42 -14.05
CA PRO B 19 -35.81 36.78 -14.35
C PRO B 19 -35.37 37.25 -15.73
N ALA B 20 -35.75 38.46 -16.11
CA ALA B 20 -35.41 38.99 -17.42
C ALA B 20 -33.89 39.13 -17.57
N GLY B 21 -33.42 38.87 -18.79
CA GLY B 21 -31.99 38.92 -19.07
C GLY B 21 -31.28 37.58 -18.98
N PHE B 22 -31.98 36.52 -18.61
CA PHE B 22 -31.37 35.20 -18.48
C PHE B 22 -32.02 34.18 -19.41
N GLU B 23 -32.21 34.55 -20.68
CA GLU B 23 -32.72 33.58 -21.65
C GLU B 23 -31.81 32.38 -21.74
N THR B 24 -30.49 32.61 -21.76
CA THR B 24 -29.50 31.54 -21.64
C THR B 24 -28.96 31.55 -20.22
N PRO B 25 -29.18 30.49 -19.44
CA PRO B 25 -28.78 30.50 -18.03
C PRO B 25 -27.27 30.68 -17.89
N PRO B 26 -26.84 31.40 -16.85
CA PRO B 26 -25.40 31.59 -16.64
C PRO B 26 -24.74 30.31 -16.13
N THR B 27 -23.41 30.32 -16.17
CA THR B 27 -22.60 29.18 -15.78
C THR B 27 -21.58 29.61 -14.73
N LEU B 28 -21.42 28.78 -13.69
CA LEU B 28 -20.46 29.02 -12.63
C LEU B 28 -19.42 27.92 -12.64
N LEU B 29 -18.15 28.32 -12.57
CA LEU B 29 -17.02 27.39 -12.55
C LEU B 29 -16.34 27.51 -11.18
N PHE B 30 -16.60 26.55 -10.31
CA PHE B 30 -16.14 26.58 -8.92
C PHE B 30 -15.05 25.52 -8.73
N SER B 31 -13.89 25.95 -8.26
CA SER B 31 -12.71 25.10 -8.19
C SER B 31 -12.23 24.93 -6.76
N LEU B 32 -11.89 23.69 -6.40
CA LEU B 32 -11.30 23.37 -5.11
C LEU B 32 -9.92 22.75 -5.36
N ASP B 33 -8.87 23.52 -5.05
CA ASP B 33 -7.51 23.09 -5.33
C ASP B 33 -7.16 21.81 -4.59
N GLY B 34 -6.62 20.84 -5.32
CA GLY B 34 -6.05 19.65 -4.73
C GLY B 34 -7.05 18.62 -4.25
N PHE B 35 -8.34 18.81 -4.49
CA PHE B 35 -9.35 17.86 -4.07
C PHE B 35 -9.33 16.67 -5.02
N ARG B 36 -8.90 15.51 -4.54
CA ARG B 36 -8.82 14.32 -5.36
C ARG B 36 -10.09 13.48 -5.23
N ALA B 37 -10.26 12.56 -6.17
CA ALA B 37 -11.50 11.77 -6.24
C ALA B 37 -11.61 10.79 -5.09
N GLU B 38 -10.47 10.28 -4.60
CA GLU B 38 -10.48 9.34 -3.49
C GLU B 38 -11.13 9.95 -2.25
N TYR B 39 -11.06 11.27 -2.10
CA TYR B 39 -11.70 11.93 -0.97
C TYR B 39 -13.21 11.70 -1.01
N LEU B 40 -13.83 11.91 -2.17
CA LEU B 40 -15.26 11.67 -2.27
C LEU B 40 -15.58 10.18 -2.28
N HIS B 41 -14.64 9.35 -2.72
CA HIS B 41 -14.86 7.91 -2.67
C HIS B 41 -14.96 7.41 -1.24
N THR B 42 -14.12 7.95 -0.34
CA THR B 42 -14.01 7.44 1.02
C THR B 42 -14.81 8.26 2.03
N TRP B 43 -14.52 9.55 2.15
CA TRP B 43 -15.11 10.38 3.20
C TRP B 43 -16.42 11.04 2.77
N GLY B 44 -17.15 10.42 1.85
CA GLY B 44 -18.38 11.02 1.37
C GLY B 44 -19.42 11.20 2.45
N GLY B 45 -19.47 10.25 3.40
CA GLY B 45 -20.46 10.34 4.46
C GLY B 45 -20.26 11.55 5.36
N LEU B 46 -19.04 12.08 5.42
CA LEU B 46 -18.73 13.26 6.21
C LEU B 46 -19.02 14.56 5.46
N LEU B 47 -19.39 14.49 4.18
CA LEU B 47 -19.63 15.66 3.34
C LEU B 47 -21.05 15.63 2.81
N PRO B 48 -21.99 16.29 3.48
CA PRO B 48 -23.40 16.18 3.05
C PRO B 48 -23.72 16.96 1.78
N VAL B 49 -23.24 18.20 1.64
CA VAL B 49 -23.63 19.04 0.52
C VAL B 49 -23.08 18.48 -0.80
N ILE B 50 -21.81 18.10 -0.80
CA ILE B 50 -21.22 17.57 -2.02
C ILE B 50 -21.84 16.24 -2.41
N SER B 51 -22.16 15.41 -1.41
CA SER B 51 -22.83 14.15 -1.69
C SER B 51 -24.22 14.38 -2.27
N LYS B 52 -24.96 15.36 -1.75
CA LYS B 52 -26.26 15.68 -2.31
C LYS B 52 -26.15 16.22 -3.73
N LEU B 53 -25.14 17.04 -3.99
CA LEU B 53 -24.92 17.55 -5.34
C LEU B 53 -24.60 16.42 -6.31
N LYS B 54 -23.80 15.45 -5.85
CA LYS B 54 -23.52 14.28 -6.68
C LYS B 54 -24.79 13.47 -6.93
N LYS B 55 -25.63 13.31 -5.91
CA LYS B 55 -26.82 12.49 -6.04
C LYS B 55 -27.83 13.07 -7.02
N CYS B 56 -27.99 14.39 -7.05
CA CYS B 56 -28.99 15.06 -7.87
C CYS B 56 -28.36 15.73 -9.10
N GLY B 57 -27.37 15.10 -9.69
CA GLY B 57 -26.73 15.69 -10.86
C GLY B 57 -25.72 14.73 -11.47
N THR B 58 -25.09 15.19 -12.54
CA THR B 58 -24.08 14.40 -13.23
C THR B 58 -22.84 14.22 -12.36
N TYR B 59 -22.19 13.08 -12.51
CA TYR B 59 -21.02 12.76 -11.71
C TYR B 59 -20.16 11.76 -12.47
N THR B 60 -18.85 11.83 -12.23
CA THR B 60 -17.90 10.89 -12.79
C THR B 60 -16.91 10.47 -11.73
N LYS B 61 -16.52 9.18 -11.75
CA LYS B 61 -15.65 8.66 -10.71
C LYS B 61 -14.27 9.31 -10.74
N ASN B 62 -13.69 9.47 -11.94
CA ASN B 62 -12.37 10.06 -12.08
C ASN B 62 -12.34 10.95 -13.31
N MET B 63 -11.64 12.07 -13.19
CA MET B 63 -11.34 12.96 -14.32
C MET B 63 -9.84 13.04 -14.47
N ARG B 64 -9.35 12.84 -15.69
CA ARG B 64 -7.92 12.69 -15.92
C ARG B 64 -7.29 14.06 -16.18
N PRO B 65 -6.30 14.48 -15.38
CA PRO B 65 -5.62 15.76 -15.65
C PRO B 65 -4.63 15.65 -16.80
N VAL B 66 -3.91 16.74 -17.08
CA VAL B 66 -2.90 16.77 -18.13
C VAL B 66 -1.52 16.79 -17.50
N TYR B 67 -0.54 16.33 -18.26
CA TYR B 67 0.84 16.26 -17.77
C TYR B 67 1.60 17.53 -18.15
N PRO B 68 2.34 18.15 -17.21
CA PRO B 68 2.46 17.75 -15.81
C PRO B 68 1.25 18.14 -14.98
N THR B 69 1.02 17.41 -13.89
CA THR B 69 -0.19 17.55 -13.09
C THR B 69 0.03 18.62 -12.04
N LYS B 70 -0.14 19.87 -12.44
CA LYS B 70 0.14 21.02 -11.57
C LYS B 70 -0.96 22.06 -11.74
N ALA B 71 -0.69 23.29 -11.26
CA ALA B 71 -1.75 24.28 -11.08
C ALA B 71 -2.09 25.01 -12.37
N PHE B 72 -1.15 25.80 -12.90
CA PHE B 72 -1.46 26.58 -14.10
C PHE B 72 -1.74 25.74 -15.34
N PRO B 73 -0.96 24.70 -15.67
CA PRO B 73 -1.33 23.88 -16.84
C PRO B 73 -2.76 23.39 -16.78
N ASN B 74 -3.19 22.84 -15.65
CA ASN B 74 -4.53 22.27 -15.53
C ASN B 74 -5.60 23.36 -15.42
N HIS B 75 -5.30 24.50 -14.83
CA HIS B 75 -6.28 25.56 -14.69
C HIS B 75 -6.43 26.39 -15.96
N TYR B 76 -5.46 26.30 -16.88
CA TYR B 76 -5.54 27.05 -18.12
C TYR B 76 -5.93 26.16 -19.29
N SER B 77 -5.74 24.85 -19.18
CA SER B 77 -6.23 23.93 -20.20
C SER B 77 -7.74 23.76 -20.11
N ILE B 78 -8.32 23.90 -18.92
CA ILE B 78 -9.77 23.79 -18.79
C ILE B 78 -10.46 24.92 -19.54
N VAL B 79 -9.90 26.12 -19.48
CA VAL B 79 -10.52 27.27 -20.13
C VAL B 79 -10.11 27.39 -21.59
N THR B 80 -8.85 27.08 -21.92
CA THR B 80 -8.44 27.14 -23.32
C THR B 80 -8.91 25.93 -24.10
N GLY B 81 -8.83 24.75 -23.51
CA GLY B 81 -9.15 23.52 -24.22
C GLY B 81 -7.98 22.87 -24.93
N LEU B 82 -6.78 23.42 -24.82
CA LEU B 82 -5.60 22.95 -25.53
C LEU B 82 -4.62 22.28 -24.58
N TYR B 83 -3.72 21.49 -25.16
CA TYR B 83 -2.67 20.84 -24.38
C TYR B 83 -1.63 21.86 -23.94
N PRO B 84 -0.91 21.57 -22.85
CA PRO B 84 0.12 22.52 -22.38
C PRO B 84 1.19 22.82 -23.42
N GLU B 85 1.48 21.89 -24.32
CA GLU B 85 2.43 22.16 -25.39
C GLU B 85 1.88 23.14 -26.43
N SER B 86 0.59 23.46 -26.37
CA SER B 86 -0.04 24.36 -27.34
C SER B 86 -0.40 25.72 -26.78
N HIS B 87 -0.81 25.80 -25.52
CA HIS B 87 -1.20 27.08 -24.93
C HIS B 87 -0.06 27.72 -24.14
N GLY B 88 1.13 27.18 -24.19
CA GLY B 88 2.31 27.84 -23.63
C GLY B 88 2.70 27.52 -22.21
N ILE B 89 1.75 27.59 -21.27
CA ILE B 89 2.05 27.38 -19.85
C ILE B 89 2.25 25.89 -19.64
N ILE B 90 3.53 25.47 -19.57
CA ILE B 90 3.86 24.06 -19.41
C ILE B 90 4.09 23.66 -17.96
N ASP B 91 4.33 24.62 -17.07
CA ASP B 91 4.61 24.32 -15.67
C ASP B 91 4.55 25.62 -14.89
N ASN B 92 4.66 25.51 -13.56
CA ASN B 92 4.76 26.68 -12.71
C ASN B 92 6.11 27.37 -12.83
N LYS B 93 7.14 26.64 -13.26
CA LYS B 93 8.48 27.19 -13.45
C LYS B 93 8.98 26.75 -14.81
N MET B 94 9.36 27.71 -15.65
CA MET B 94 9.84 27.40 -16.99
C MET B 94 10.70 28.56 -17.49
N TYR B 95 11.48 28.28 -18.53
CA TYR B 95 12.46 29.22 -19.06
C TYR B 95 12.30 29.31 -20.57
N ASP B 96 12.19 30.55 -21.08
CA ASP B 96 12.11 30.77 -22.52
C ASP B 96 13.41 31.39 -23.01
N PRO B 97 14.15 30.71 -23.90
CA PRO B 97 15.41 31.30 -24.38
C PRO B 97 15.21 32.44 -25.37
N LYS B 98 14.18 32.36 -26.22
CA LYS B 98 13.93 33.45 -27.17
C LYS B 98 13.63 34.75 -26.43
N MET B 99 12.79 34.68 -25.40
CA MET B 99 12.59 35.83 -24.53
C MET B 99 13.76 36.00 -23.57
N ASN B 100 14.56 34.96 -23.35
CA ASN B 100 15.62 34.96 -22.35
C ASN B 100 15.08 35.34 -20.99
N ALA B 101 14.00 34.66 -20.58
CA ALA B 101 13.28 35.02 -19.37
C ALA B 101 12.82 33.76 -18.65
N SER B 102 12.38 33.95 -17.40
CA SER B 102 11.91 32.87 -16.56
C SER B 102 10.54 33.20 -16.00
N PHE B 103 9.69 32.18 -15.89
CA PHE B 103 8.34 32.31 -15.38
C PHE B 103 8.28 31.71 -13.97
N SER B 104 7.71 32.46 -13.03
CA SER B 104 7.65 32.00 -11.66
C SER B 104 6.38 32.53 -11.01
N LEU B 105 5.95 31.85 -9.94
CA LEU B 105 4.73 32.24 -9.23
C LEU B 105 4.95 33.47 -8.36
N LYS B 106 6.14 33.63 -7.79
CA LYS B 106 6.41 34.67 -6.81
C LYS B 106 7.10 35.89 -7.42
N SER B 107 7.22 35.94 -8.74
CA SER B 107 7.89 37.04 -9.43
C SER B 107 6.87 37.91 -10.15
N LYS B 108 7.37 38.94 -10.82
CA LYS B 108 6.53 39.83 -11.60
C LYS B 108 6.32 39.36 -13.04
N GLU B 109 7.02 38.31 -13.47
CA GLU B 109 6.85 37.78 -14.80
C GLU B 109 5.53 37.02 -14.98
N LYS B 110 4.82 36.75 -13.88
CA LYS B 110 3.55 36.04 -13.98
C LYS B 110 2.50 36.83 -14.75
N PHE B 111 2.63 38.15 -14.80
CA PHE B 111 1.66 39.01 -15.46
C PHE B 111 2.12 39.45 -16.85
N ASN B 112 3.17 38.83 -17.38
CA ASN B 112 3.65 39.18 -18.71
C ASN B 112 2.75 38.56 -19.77
N PRO B 113 2.12 39.33 -20.64
CA PRO B 113 1.18 38.75 -21.62
C PRO B 113 1.84 37.83 -22.63
N GLU B 114 3.15 37.89 -22.80
CA GLU B 114 3.81 37.06 -23.80
C GLU B 114 3.89 35.59 -23.39
N TRP B 115 3.68 35.29 -22.11
CA TRP B 115 3.75 33.91 -21.65
C TRP B 115 2.50 33.11 -21.99
N TYR B 116 1.39 33.77 -22.28
CA TYR B 116 0.10 33.12 -22.45
C TYR B 116 -0.27 33.07 -23.93
N LYS B 117 -0.63 31.88 -24.40
CA LYS B 117 -1.06 31.65 -25.77
C LYS B 117 -2.48 31.10 -25.77
N GLY B 118 -2.95 30.69 -26.95
CA GLY B 118 -4.28 30.13 -27.06
C GLY B 118 -5.36 31.20 -27.01
N GLU B 119 -6.55 30.79 -26.56
CA GLU B 119 -7.67 31.70 -26.45
C GLU B 119 -8.62 31.24 -25.35
N PRO B 120 -8.68 31.95 -24.22
CA PRO B 120 -9.57 31.53 -23.13
C PRO B 120 -11.05 31.68 -23.48
N ILE B 121 -11.92 31.38 -22.51
CA ILE B 121 -13.35 31.35 -22.80
C ILE B 121 -13.98 32.73 -22.67
N TRP B 122 -13.48 33.57 -21.76
CA TRP B 122 -14.03 34.91 -21.64
C TRP B 122 -13.74 35.75 -22.87
N VAL B 123 -12.62 35.48 -23.55
CA VAL B 123 -12.34 36.16 -24.82
C VAL B 123 -13.41 35.82 -25.86
N THR B 124 -13.77 34.53 -25.94
CA THR B 124 -14.82 34.11 -26.87
C THR B 124 -16.16 34.75 -26.49
N ALA B 125 -16.47 34.79 -25.19
CA ALA B 125 -17.72 35.40 -24.75
C ALA B 125 -17.76 36.89 -25.10
N LYS B 126 -16.63 37.59 -24.95
CA LYS B 126 -16.58 38.99 -25.34
C LYS B 126 -16.75 39.15 -26.85
N TYR B 127 -16.14 38.27 -27.63
CA TYR B 127 -16.26 38.36 -29.09
C TYR B 127 -17.70 38.12 -29.54
N GLN B 128 -18.41 37.19 -28.90
CA GLN B 128 -19.76 36.83 -29.33
C GLN B 128 -20.84 37.48 -28.47
N GLY B 129 -20.52 38.58 -27.80
CA GLY B 129 -21.53 39.38 -27.13
C GLY B 129 -21.99 38.84 -25.79
N LEU B 130 -21.06 38.67 -24.84
CA LEU B 130 -21.40 38.26 -23.49
C LEU B 130 -20.40 38.89 -22.52
N LYS B 131 -20.79 38.92 -21.25
CA LYS B 131 -19.97 39.50 -20.19
C LYS B 131 -19.68 38.44 -19.14
N SER B 132 -18.49 38.51 -18.54
CA SER B 132 -18.04 37.50 -17.60
C SER B 132 -17.35 38.17 -16.41
N GLY B 133 -17.66 37.68 -15.21
CA GLY B 133 -17.01 38.16 -14.00
C GLY B 133 -16.14 37.09 -13.37
N THR B 134 -14.83 37.32 -13.37
CA THR B 134 -13.86 36.31 -12.95
C THR B 134 -13.24 36.69 -11.62
N PHE B 135 -13.13 35.72 -10.72
CA PHE B 135 -12.58 35.91 -9.38
C PHE B 135 -11.46 34.90 -9.15
N PHE B 136 -10.21 35.34 -9.28
CA PHE B 136 -9.03 34.53 -8.98
C PHE B 136 -8.98 33.24 -9.81
N TRP B 137 -8.88 33.41 -11.12
CA TRP B 137 -8.61 32.27 -11.99
C TRP B 137 -7.27 32.48 -12.67
N PRO B 138 -6.41 31.46 -12.72
CA PRO B 138 -5.09 31.62 -13.37
C PRO B 138 -5.17 32.13 -14.80
N GLY B 139 -4.49 33.25 -15.07
CA GLY B 139 -4.49 33.85 -16.38
C GLY B 139 -5.57 34.89 -16.61
N SER B 140 -6.49 35.07 -15.67
CA SER B 140 -7.59 36.01 -15.87
C SER B 140 -7.17 37.46 -15.70
N ASP B 141 -6.15 37.72 -14.88
CA ASP B 141 -5.69 39.08 -14.62
C ASP B 141 -4.54 39.49 -15.55
N VAL B 142 -4.50 38.92 -16.75
CA VAL B 142 -3.48 39.21 -17.73
C VAL B 142 -4.16 39.65 -19.02
N GLU B 143 -3.61 40.69 -19.65
CA GLU B 143 -4.19 41.24 -20.87
C GLU B 143 -3.88 40.29 -22.02
N ILE B 144 -4.73 39.30 -22.20
CA ILE B 144 -4.56 38.29 -23.25
C ILE B 144 -5.24 38.80 -24.51
N ASN B 145 -4.44 38.96 -25.58
CA ASN B 145 -4.92 39.49 -26.86
C ASN B 145 -5.54 40.87 -26.71
N GLY B 146 -5.02 41.67 -25.78
CA GLY B 146 -5.52 43.02 -25.59
C GLY B 146 -6.91 43.09 -25.00
N ILE B 147 -7.36 42.05 -24.31
CA ILE B 147 -8.71 41.98 -23.77
C ILE B 147 -8.65 41.51 -22.32
N PHE B 148 -9.38 42.22 -21.45
CA PHE B 148 -9.59 41.85 -20.06
C PHE B 148 -10.99 41.28 -19.88
N PRO B 149 -11.22 40.47 -18.85
CA PRO B 149 -12.59 40.14 -18.47
C PRO B 149 -13.31 41.38 -17.96
N ASP B 150 -14.64 41.36 -18.03
CA ASP B 150 -15.42 42.54 -17.65
C ASP B 150 -15.15 42.93 -16.20
N ILE B 151 -15.24 41.98 -15.28
CA ILE B 151 -14.91 42.20 -13.88
C ILE B 151 -13.86 41.17 -13.48
N TYR B 152 -12.77 41.63 -12.87
CA TYR B 152 -11.68 40.74 -12.50
C TYR B 152 -10.98 41.27 -11.27
N LYS B 153 -10.29 40.37 -10.57
CA LYS B 153 -9.56 40.71 -9.35
C LYS B 153 -8.14 40.18 -9.47
N MET B 154 -7.16 41.06 -9.23
CA MET B 154 -5.77 40.62 -9.16
C MET B 154 -5.59 39.70 -7.97
N TYR B 155 -4.77 38.66 -8.14
CA TYR B 155 -4.67 37.62 -7.13
C TYR B 155 -4.09 38.17 -5.83
N ASN B 156 -4.67 37.73 -4.72
CA ASN B 156 -4.24 38.14 -3.39
C ASN B 156 -4.76 37.10 -2.41
N GLY B 157 -3.85 36.42 -1.73
CA GLY B 157 -4.21 35.30 -0.89
C GLY B 157 -4.68 35.64 0.50
N SER B 158 -4.79 36.92 0.84
CA SER B 158 -5.21 37.34 2.17
C SER B 158 -6.71 37.59 2.27
N VAL B 159 -7.47 37.32 1.22
CA VAL B 159 -8.91 37.58 1.20
C VAL B 159 -9.65 36.36 1.75
N PRO B 160 -10.52 36.53 2.73
CA PRO B 160 -11.29 35.37 3.24
C PRO B 160 -12.24 34.82 2.19
N PHE B 161 -12.58 33.53 2.36
CA PHE B 161 -13.43 32.85 1.39
C PHE B 161 -14.83 33.46 1.36
N GLU B 162 -15.36 33.83 2.52
CA GLU B 162 -16.72 34.36 2.58
C GLU B 162 -16.83 35.67 1.82
N GLU B 163 -15.77 36.48 1.82
CA GLU B 163 -15.80 37.71 1.03
C GLU B 163 -15.88 37.40 -0.46
N ARG B 164 -15.15 36.39 -0.92
CA ARG B 164 -15.24 35.99 -2.32
C ARG B 164 -16.64 35.53 -2.67
N ILE B 165 -17.25 34.70 -1.83
CA ILE B 165 -18.59 34.19 -2.12
C ILE B 165 -19.61 35.34 -2.13
N LEU B 166 -19.50 36.24 -1.15
CA LEU B 166 -20.42 37.38 -1.09
C LEU B 166 -20.23 38.30 -2.28
N ALA B 167 -18.99 38.49 -2.75
CA ALA B 167 -18.76 39.30 -3.93
C ALA B 167 -19.39 38.66 -5.16
N VAL B 168 -19.29 37.33 -5.29
CA VAL B 168 -19.92 36.65 -6.41
C VAL B 168 -21.44 36.85 -6.35
N LEU B 169 -22.04 36.72 -5.17
CA LEU B 169 -23.47 36.91 -5.05
C LEU B 169 -23.87 38.35 -5.37
N GLN B 170 -23.08 39.32 -4.92
CA GLN B 170 -23.37 40.72 -5.21
C GLN B 170 -23.28 41.01 -6.70
N TRP B 171 -22.32 40.37 -7.39
CA TRP B 171 -22.28 40.46 -8.85
C TRP B 171 -23.52 39.82 -9.46
N LEU B 172 -23.99 38.73 -8.86
CA LEU B 172 -25.21 38.08 -9.33
C LEU B 172 -26.44 38.97 -9.18
N GLN B 173 -26.45 39.87 -8.20
CA GLN B 173 -27.55 40.80 -8.03
C GLN B 173 -27.35 42.11 -8.80
N LEU B 174 -26.38 42.15 -9.69
CA LEU B 174 -26.15 43.32 -10.53
C LEU B 174 -27.29 43.44 -11.54
N PRO B 175 -27.67 44.65 -11.92
CA PRO B 175 -28.76 44.80 -12.89
C PRO B 175 -28.38 44.26 -14.26
N LYS B 176 -29.43 43.94 -15.05
CA LYS B 176 -29.24 43.18 -16.27
C LYS B 176 -28.47 43.94 -17.34
N ASP B 177 -28.25 45.24 -17.16
CA ASP B 177 -27.54 46.02 -18.16
C ASP B 177 -26.11 45.53 -18.35
N GLU B 178 -25.45 45.16 -17.26
CA GLU B 178 -24.06 44.70 -17.31
C GLU B 178 -23.85 43.45 -16.47
N ARG B 179 -24.90 42.63 -16.32
CA ARG B 179 -24.80 41.43 -15.52
C ARG B 179 -23.96 40.38 -16.24
N PRO B 180 -22.93 39.83 -15.61
CA PRO B 180 -22.09 38.83 -16.29
C PRO B 180 -22.85 37.54 -16.55
N HIS B 181 -22.40 36.80 -17.57
CA HIS B 181 -22.98 35.52 -17.94
C HIS B 181 -22.08 34.34 -17.64
N PHE B 182 -20.89 34.57 -17.05
CA PHE B 182 -19.94 33.49 -16.80
C PHE B 182 -19.09 33.88 -15.61
N TYR B 183 -19.16 33.09 -14.55
CA TYR B 183 -18.46 33.37 -13.30
C TYR B 183 -17.51 32.24 -12.96
N THR B 184 -16.45 32.57 -12.21
CA THR B 184 -15.53 31.58 -11.68
C THR B 184 -15.24 31.92 -10.23
N LEU B 185 -14.72 30.94 -9.49
CA LEU B 185 -14.41 31.11 -8.08
C LEU B 185 -13.45 30.01 -7.65
N TYR B 186 -12.42 30.39 -6.89
CA TYR B 186 -11.29 29.51 -6.59
C TYR B 186 -10.95 29.55 -5.11
N LEU B 187 -10.63 28.38 -4.55
CA LEU B 187 -10.22 28.25 -3.16
C LEU B 187 -8.91 27.48 -3.08
N GLU B 188 -8.10 27.82 -2.07
CA GLU B 188 -6.74 27.30 -1.93
C GLU B 188 -6.65 25.96 -1.21
N GLU B 189 -7.76 25.40 -0.77
CA GLU B 189 -7.77 24.17 0.01
C GLU B 189 -8.70 23.15 -0.63
N PRO B 190 -8.49 21.84 -0.38
CA PRO B 190 -7.55 21.20 0.55
C PRO B 190 -6.15 20.91 -0.01
N ASP B 191 -5.56 21.86 -0.72
CA ASP B 191 -4.21 21.66 -1.24
C ASP B 191 -3.15 22.01 -0.20
N SER B 192 -3.31 23.14 0.49
CA SER B 192 -2.31 23.57 1.46
C SER B 192 -2.20 22.58 2.62
N SER B 193 -3.34 22.12 3.13
CA SER B 193 -3.31 21.13 4.20
C SER B 193 -2.74 19.81 3.70
N GLY B 194 -2.98 19.49 2.43
CA GLY B 194 -2.39 18.29 1.86
C GLY B 194 -0.88 18.35 1.80
N HIS B 195 -0.33 19.49 1.38
CA HIS B 195 1.12 19.65 1.41
C HIS B 195 1.66 19.61 2.83
N SER B 196 1.03 20.34 3.75
CA SER B 196 1.58 20.47 5.10
C SER B 196 1.52 19.15 5.86
N TYR B 197 0.43 18.40 5.73
CA TYR B 197 0.17 17.27 6.62
C TYR B 197 0.03 15.93 5.92
N GLY B 198 -0.11 15.91 4.60
CA GLY B 198 -0.24 14.66 3.88
C GLY B 198 -1.69 14.34 3.54
N PRO B 199 -1.89 13.48 2.54
CA PRO B 199 -3.26 13.17 2.12
C PRO B 199 -4.13 12.55 3.21
N VAL B 200 -3.56 11.77 4.12
CA VAL B 200 -4.32 11.06 5.15
C VAL B 200 -3.93 11.65 6.50
N SER B 201 -4.80 12.47 7.07
CA SER B 201 -4.60 13.09 8.38
C SER B 201 -5.93 13.69 8.81
N SER B 202 -5.91 14.42 9.93
CA SER B 202 -7.11 15.03 10.46
C SER B 202 -7.34 16.44 9.95
N GLU B 203 -6.26 17.20 9.72
CA GLU B 203 -6.40 18.55 9.20
C GLU B 203 -7.04 18.54 7.82
N VAL B 204 -6.75 17.50 7.03
CA VAL B 204 -7.39 17.37 5.72
C VAL B 204 -8.89 17.12 5.89
N ILE B 205 -9.27 16.33 6.90
CA ILE B 205 -10.69 16.11 7.18
C ILE B 205 -11.37 17.43 7.53
N LYS B 206 -10.75 18.22 8.40
CA LYS B 206 -11.32 19.52 8.75
C LYS B 206 -11.42 20.44 7.55
N ALA B 207 -10.39 20.46 6.70
CA ALA B 207 -10.41 21.29 5.51
C ALA B 207 -11.53 20.87 4.56
N LEU B 208 -11.72 19.55 4.39
CA LEU B 208 -12.80 19.06 3.54
C LEU B 208 -14.16 19.49 4.09
N GLN B 209 -14.36 19.34 5.40
CA GLN B 209 -15.63 19.73 6.00
C GLN B 209 -15.87 21.23 5.86
N ARG B 210 -14.83 22.04 5.97
CA ARG B 210 -15.03 23.48 5.90
C ARG B 210 -15.25 23.97 4.46
N VAL B 211 -14.59 23.36 3.47
CA VAL B 211 -14.89 23.73 2.10
C VAL B 211 -16.29 23.25 1.71
N ASP B 212 -16.73 22.11 2.26
CA ASP B 212 -18.11 21.70 2.08
C ASP B 212 -19.06 22.72 2.69
N GLY B 213 -18.73 23.24 3.88
CA GLY B 213 -19.54 24.31 4.45
C GLY B 213 -19.61 25.54 3.58
N MET B 214 -18.48 25.90 2.95
CA MET B 214 -18.48 27.04 2.04
C MET B 214 -19.38 26.78 0.83
N VAL B 215 -19.33 25.58 0.27
CA VAL B 215 -20.20 25.24 -0.86
C VAL B 215 -21.66 25.31 -0.43
N GLY B 216 -21.97 24.81 0.77
CA GLY B 216 -23.33 24.91 1.26
C GLY B 216 -23.78 26.34 1.47
N MET B 217 -22.87 27.20 1.94
CA MET B 217 -23.16 28.62 2.05
C MET B 217 -23.51 29.22 0.68
N LEU B 218 -22.73 28.88 -0.34
CA LEU B 218 -23.02 29.36 -1.68
C LEU B 218 -24.38 28.88 -2.17
N MET B 219 -24.70 27.61 -1.91
CA MET B 219 -25.98 27.06 -2.35
C MET B 219 -27.15 27.72 -1.62
N ASP B 220 -27.00 27.99 -0.33
CA ASP B 220 -28.03 28.68 0.42
C ASP B 220 -28.23 30.10 -0.11
N GLY B 221 -27.13 30.80 -0.40
CA GLY B 221 -27.25 32.12 -1.00
C GLY B 221 -27.94 32.09 -2.34
N LEU B 222 -27.66 31.06 -3.14
CA LEU B 222 -28.34 30.89 -4.42
C LEU B 222 -29.83 30.67 -4.23
N LYS B 223 -30.20 29.82 -3.28
CA LYS B 223 -31.61 29.52 -3.05
C LYS B 223 -32.36 30.75 -2.54
N GLU B 224 -31.72 31.54 -1.68
CA GLU B 224 -32.39 32.72 -1.12
C GLU B 224 -32.74 33.74 -2.21
N LEU B 225 -32.03 33.71 -3.33
CA LEU B 225 -32.27 34.62 -4.44
C LEU B 225 -33.20 34.04 -5.50
N ASN B 226 -33.77 32.86 -5.25
CA ASN B 226 -34.64 32.15 -6.18
C ASN B 226 -33.93 31.77 -7.47
N LEU B 227 -32.61 31.65 -7.44
CA LEU B 227 -31.82 31.21 -8.60
C LEU B 227 -31.35 29.77 -8.46
N HIS B 228 -31.87 29.03 -7.48
CA HIS B 228 -31.44 27.66 -7.25
C HIS B 228 -31.90 26.70 -8.34
N ARG B 229 -32.77 27.14 -9.24
CA ARG B 229 -33.22 26.32 -10.36
C ARG B 229 -32.94 26.96 -11.71
N CYS B 230 -31.99 27.90 -11.76
CA CYS B 230 -31.61 28.58 -12.98
C CYS B 230 -30.14 28.46 -13.32
N LEU B 231 -29.26 28.56 -12.34
CA LEU B 231 -27.83 28.57 -12.60
C LEU B 231 -27.32 27.16 -12.92
N ASN B 232 -26.25 27.11 -13.72
CA ASN B 232 -25.53 25.88 -13.99
C ASN B 232 -24.26 25.87 -13.15
N LEU B 233 -24.07 24.82 -12.37
CA LEU B 233 -22.93 24.71 -11.45
C LEU B 233 -22.03 23.57 -11.89
N ILE B 234 -20.73 23.86 -11.96
CA ILE B 234 -19.71 22.87 -12.29
C ILE B 234 -18.70 22.89 -11.15
N LEU B 235 -18.71 21.84 -10.33
CA LEU B 235 -17.74 21.68 -9.24
C LEU B 235 -16.57 20.86 -9.77
N ILE B 236 -15.39 21.49 -9.83
CA ILE B 236 -14.25 20.92 -10.54
C ILE B 236 -13.01 21.01 -9.66
N SER B 237 -11.99 20.25 -10.05
CA SER B 237 -10.70 20.25 -9.37
C SER B 237 -9.62 20.00 -10.42
N ASP B 238 -8.37 20.34 -10.07
CA ASP B 238 -7.30 20.35 -11.04
C ASP B 238 -6.31 19.20 -10.92
N HIS B 239 -6.15 18.60 -9.74
CA HIS B 239 -5.18 17.52 -9.58
C HIS B 239 -5.50 16.78 -8.29
N GLY B 240 -4.65 15.81 -7.95
CA GLY B 240 -4.75 15.08 -6.71
C GLY B 240 -3.52 15.24 -5.86
N MET B 241 -3.38 14.43 -4.81
CA MET B 241 -2.26 14.54 -3.89
C MET B 241 -1.67 13.17 -3.62
N GLU B 242 -0.36 13.12 -3.41
CA GLU B 242 0.36 11.92 -3.07
C GLU B 242 1.30 12.20 -1.91
N GLN B 243 1.52 11.19 -1.07
CA GLN B 243 2.33 11.34 0.13
C GLN B 243 3.79 11.02 -0.20
N GLY B 244 4.66 12.01 -0.01
CA GLY B 244 6.08 11.83 -0.27
C GLY B 244 6.84 11.49 1.00
N SER B 245 7.77 10.55 0.87
CA SER B 245 8.63 10.14 1.96
C SER B 245 10.02 10.73 1.77
N CYS B 246 10.75 10.85 2.87
CA CYS B 246 12.10 11.40 2.82
C CYS B 246 13.15 10.36 2.44
N LYS B 247 12.78 9.08 2.37
CA LYS B 247 13.69 8.01 1.96
C LYS B 247 13.45 7.59 0.51
N LYS B 248 12.69 8.37 -0.25
CA LYS B 248 12.34 8.05 -1.62
C LYS B 248 12.72 9.18 -2.56
N TYR B 249 13.93 9.73 -2.39
CA TYR B 249 14.49 10.69 -3.31
C TYR B 249 15.63 10.07 -4.10
N ILE B 250 15.97 10.72 -5.21
CA ILE B 250 17.06 10.31 -6.08
C ILE B 250 17.94 11.52 -6.31
N TYR B 251 19.23 11.37 -6.05
CA TYR B 251 20.18 12.47 -6.16
C TYR B 251 21.14 12.19 -7.31
N LEU B 252 21.28 13.16 -8.22
CA LEU B 252 22.12 12.99 -9.39
C LEU B 252 23.60 13.19 -9.09
N ASN B 253 23.94 13.69 -7.89
CA ASN B 253 25.35 13.88 -7.55
C ASN B 253 26.08 12.54 -7.41
N LYS B 254 25.35 11.48 -7.06
CA LYS B 254 25.97 10.16 -6.95
C LYS B 254 26.46 9.67 -8.31
N TYR B 255 25.66 9.89 -9.37
CA TYR B 255 26.01 9.42 -10.70
C TYR B 255 26.78 10.47 -11.49
N LEU B 256 26.26 11.70 -11.55
CA LEU B 256 26.87 12.75 -12.34
C LEU B 256 28.01 13.47 -11.63
N GLY B 257 28.29 13.13 -10.38
CA GLY B 257 29.34 13.79 -9.64
C GLY B 257 28.90 15.15 -9.14
N ASP B 258 29.87 15.87 -8.58
CA ASP B 258 29.63 17.21 -8.04
C ASP B 258 29.90 18.28 -9.10
N VAL B 259 29.26 18.13 -10.26
CA VAL B 259 29.44 19.07 -11.35
C VAL B 259 28.62 20.34 -11.07
N LYS B 260 29.10 21.47 -11.56
CA LYS B 260 28.49 22.77 -11.31
C LYS B 260 28.30 23.54 -12.60
N ASN B 261 27.78 22.88 -13.64
CA ASN B 261 27.47 23.58 -14.88
C ASN B 261 26.09 23.20 -15.42
N ILE B 262 25.25 22.56 -14.61
CA ILE B 262 23.91 22.16 -15.01
C ILE B 262 22.92 22.56 -13.92
N LYS B 263 21.64 22.61 -14.30
CA LYS B 263 20.55 22.88 -13.38
C LYS B 263 19.48 21.83 -13.57
N VAL B 264 18.80 21.47 -12.48
CA VAL B 264 17.74 20.47 -12.51
C VAL B 264 16.48 21.09 -11.92
N ILE B 265 15.36 20.87 -12.59
CA ILE B 265 14.04 21.19 -12.05
C ILE B 265 13.55 19.93 -11.33
N TYR B 266 13.46 20.01 -10.01
CA TYR B 266 13.24 18.84 -9.17
C TYR B 266 11.77 18.47 -9.15
N GLY B 267 11.42 17.48 -8.32
CA GLY B 267 10.05 17.02 -8.21
C GLY B 267 9.84 15.71 -8.95
N PRO B 268 8.58 15.27 -9.04
CA PRO B 268 8.27 14.07 -9.81
C PRO B 268 8.26 14.28 -11.31
N ALA B 269 8.53 15.49 -11.78
CA ALA B 269 8.62 15.82 -13.21
C ALA B 269 9.93 16.54 -13.48
N ALA B 270 11.02 15.96 -12.99
CA ALA B 270 12.32 16.61 -13.04
C ALA B 270 12.79 16.79 -14.48
N ARG B 271 13.59 17.84 -14.70
CA ARG B 271 14.14 18.12 -16.01
C ARG B 271 15.57 18.65 -15.85
N LEU B 272 16.35 18.56 -16.91
CA LEU B 272 17.75 18.97 -16.88
C LEU B 272 18.01 20.04 -17.93
N ARG B 273 18.79 21.06 -17.55
CA ARG B 273 19.10 22.17 -18.43
C ARG B 273 20.55 22.59 -18.22
N PRO B 274 21.22 23.07 -19.26
CA PRO B 274 22.55 23.66 -19.07
C PRO B 274 22.47 24.98 -18.32
N SER B 275 23.54 25.28 -17.58
CA SER B 275 23.55 26.51 -16.79
C SER B 275 23.80 27.73 -17.65
N ASP B 276 24.62 27.60 -18.70
CA ASP B 276 24.94 28.71 -19.58
C ASP B 276 23.85 28.81 -20.65
N VAL B 277 23.01 29.83 -20.54
CA VAL B 277 21.90 30.02 -21.47
C VAL B 277 21.89 31.47 -21.92
N PRO B 278 21.40 31.75 -23.15
CA PRO B 278 20.88 30.79 -24.13
C PRO B 278 21.95 30.30 -25.11
N ASP B 279 23.21 30.64 -24.85
CA ASP B 279 24.28 30.31 -25.79
C ASP B 279 24.45 28.80 -25.93
N LYS B 280 24.38 28.07 -24.82
CA LYS B 280 24.60 26.63 -24.82
C LYS B 280 23.32 25.82 -24.74
N TYR B 281 22.17 26.45 -24.99
CA TYR B 281 20.90 25.73 -24.91
C TYR B 281 20.81 24.63 -25.96
N TYR B 282 21.29 24.91 -27.17
CA TYR B 282 21.22 23.96 -28.28
C TYR B 282 22.52 23.19 -28.50
N SER B 283 23.66 23.85 -28.30
CA SER B 283 24.95 23.21 -28.52
C SER B 283 25.30 22.17 -27.47
N PHE B 284 24.52 22.08 -26.38
CA PHE B 284 24.82 21.17 -25.31
C PHE B 284 24.66 19.72 -25.77
N ASN B 285 25.34 18.82 -25.06
CA ASN B 285 25.35 17.39 -25.38
C ASN B 285 24.45 16.68 -24.37
N TYR B 286 23.17 16.55 -24.72
CA TYR B 286 22.21 15.88 -23.85
C TYR B 286 22.34 14.37 -23.88
N GLU B 287 22.72 13.81 -25.04
CA GLU B 287 22.75 12.36 -25.19
C GLU B 287 23.80 11.73 -24.29
N GLY B 288 24.91 12.42 -24.03
CA GLY B 288 25.91 11.89 -23.14
C GLY B 288 25.38 11.67 -21.73
N ILE B 289 24.68 12.66 -21.20
CA ILE B 289 24.07 12.51 -19.88
C ILE B 289 22.95 11.48 -19.92
N ALA B 290 22.20 11.44 -21.02
CA ALA B 290 21.12 10.46 -21.14
C ALA B 290 21.64 9.03 -21.06
N ARG B 291 22.75 8.76 -21.77
CA ARG B 291 23.34 7.43 -21.71
C ARG B 291 24.12 7.20 -20.42
N ASN B 292 24.53 8.28 -19.75
CA ASN B 292 25.29 8.13 -18.51
C ASN B 292 24.45 7.48 -17.42
N LEU B 293 23.19 7.91 -17.28
CA LEU B 293 22.32 7.42 -16.22
C LEU B 293 21.42 6.28 -16.67
N SER B 294 21.73 5.64 -17.79
CA SER B 294 20.88 4.57 -18.32
C SER B 294 21.00 3.34 -17.44
N CYS B 295 20.04 3.18 -16.54
CA CYS B 295 19.92 2.03 -15.63
C CYS B 295 21.27 1.61 -15.05
N ARG B 296 21.88 2.55 -14.32
CA ARG B 296 23.15 2.28 -13.66
C ARG B 296 23.02 1.28 -12.53
N GLU B 297 21.82 1.06 -12.02
CA GLU B 297 21.55 0.18 -10.90
C GLU B 297 20.38 -0.73 -11.25
N PRO B 298 20.27 -1.89 -10.61
CA PRO B 298 19.07 -2.71 -10.79
C PRO B 298 17.83 -1.98 -10.30
N ASN B 299 16.72 -2.20 -11.00
CA ASN B 299 15.38 -1.67 -10.76
C ASN B 299 15.41 -0.26 -10.16
N GLN B 300 16.19 0.63 -10.76
CA GLN B 300 16.20 2.02 -10.32
C GLN B 300 14.86 2.68 -10.69
N HIS B 301 14.38 3.54 -9.79
CA HIS B 301 13.04 4.12 -9.95
C HIS B 301 13.11 5.49 -10.62
N PHE B 302 13.73 5.53 -11.79
CA PHE B 302 13.65 6.68 -12.68
C PHE B 302 14.19 6.27 -14.03
N LYS B 303 13.77 7.00 -15.07
CA LYS B 303 14.21 6.69 -16.42
C LYS B 303 14.46 7.97 -17.22
N PRO B 304 15.65 8.19 -17.72
CA PRO B 304 15.90 9.34 -18.59
C PRO B 304 15.17 9.20 -19.92
N TYR B 305 14.83 10.34 -20.51
CA TYR B 305 14.06 10.36 -21.75
C TYR B 305 14.40 11.62 -22.53
N LEU B 306 14.74 11.44 -23.80
CA LEU B 306 14.71 12.57 -24.72
C LEU B 306 13.26 12.99 -24.92
N LYS B 307 13.04 14.30 -25.06
CA LYS B 307 11.66 14.79 -25.04
C LYS B 307 10.85 14.32 -26.24
N HIS B 308 11.50 13.81 -27.28
CA HIS B 308 10.80 13.25 -28.43
C HIS B 308 10.70 11.74 -28.38
N PHE B 309 11.12 11.11 -27.29
CA PHE B 309 10.98 9.66 -27.11
C PHE B 309 9.99 9.30 -26.02
N LEU B 310 9.31 10.29 -25.42
CA LEU B 310 8.31 10.02 -24.41
C LEU B 310 7.09 9.35 -25.05
N PRO B 311 6.26 8.68 -24.24
CA PRO B 311 5.03 8.10 -24.79
C PRO B 311 4.16 9.17 -25.44
N LYS B 312 3.53 8.80 -26.56
CA LYS B 312 2.76 9.76 -27.34
C LYS B 312 1.47 10.19 -26.65
N ARG B 313 1.05 9.50 -25.60
CA ARG B 313 -0.16 9.86 -24.87
C ARG B 313 0.04 11.03 -23.93
N LEU B 314 1.29 11.48 -23.73
CA LEU B 314 1.57 12.59 -22.83
C LEU B 314 1.50 13.95 -23.51
N HIS B 315 1.85 14.02 -24.80
CA HIS B 315 1.80 15.26 -25.58
C HIS B 315 2.65 16.35 -24.92
N PHE B 316 3.95 16.09 -24.84
CA PHE B 316 4.87 16.96 -24.11
C PHE B 316 6.17 17.16 -24.87
N ALA B 317 6.08 17.45 -26.17
CA ALA B 317 7.29 17.62 -26.97
C ALA B 317 7.28 18.78 -27.96
N LYS B 318 6.13 19.38 -28.27
CA LYS B 318 6.08 20.33 -29.38
C LYS B 318 6.75 21.64 -29.02
N SER B 319 6.46 22.18 -27.83
CA SER B 319 6.94 23.51 -27.48
C SER B 319 8.44 23.51 -27.24
N ASP B 320 9.04 24.69 -27.35
CA ASP B 320 10.47 24.88 -27.15
C ASP B 320 10.81 25.26 -25.71
N ARG B 321 9.83 25.37 -24.83
CA ARG B 321 10.08 25.64 -23.42
C ARG B 321 10.33 24.39 -22.61
N ILE B 322 10.21 23.21 -23.22
CA ILE B 322 10.55 21.95 -22.55
C ILE B 322 12.01 21.65 -22.82
N GLU B 323 12.76 21.37 -21.75
CA GLU B 323 14.16 21.02 -21.91
C GLU B 323 14.30 19.70 -22.65
N PRO B 324 15.32 19.55 -23.51
CA PRO B 324 15.41 18.34 -24.34
C PRO B 324 15.64 17.05 -23.58
N LEU B 325 15.74 17.14 -22.25
CA LEU B 325 15.89 15.97 -21.40
C LEU B 325 14.83 15.99 -20.32
N THR B 326 14.35 14.80 -19.94
CA THR B 326 13.27 14.68 -18.97
C THR B 326 13.47 13.37 -18.22
N PHE B 327 12.89 13.28 -17.03
CA PHE B 327 12.98 12.09 -16.21
C PHE B 327 11.57 11.58 -15.91
N TYR B 328 11.35 10.29 -16.14
CA TYR B 328 10.09 9.63 -15.80
C TYR B 328 10.29 8.92 -14.48
N LEU B 329 9.44 9.24 -13.50
CA LEU B 329 9.61 8.77 -12.13
C LEU B 329 8.53 7.76 -11.78
N ASP B 330 8.91 6.76 -10.98
CA ASP B 330 7.97 5.79 -10.47
C ASP B 330 7.06 6.45 -9.43
N PRO B 331 5.92 5.84 -9.12
CA PRO B 331 5.02 6.44 -8.13
C PRO B 331 5.69 6.61 -6.78
N GLN B 332 5.35 7.72 -6.10
CA GLN B 332 5.82 8.11 -4.78
C GLN B 332 7.29 8.51 -4.74
N TRP B 333 7.99 8.51 -5.87
CA TRP B 333 9.40 8.86 -5.92
C TRP B 333 9.57 10.22 -6.58
N GLN B 334 10.64 10.91 -6.19
CA GLN B 334 11.00 12.20 -6.74
C GLN B 334 12.48 12.18 -7.13
N LEU B 335 12.98 13.31 -7.63
CA LEU B 335 14.35 13.41 -8.10
C LEU B 335 14.89 14.80 -7.80
N ALA B 336 16.20 14.87 -7.60
CA ALA B 336 16.89 16.13 -7.34
C ALA B 336 18.37 15.93 -7.64
N LEU B 337 19.13 17.03 -7.57
CA LEU B 337 20.57 16.98 -7.78
C LEU B 337 21.32 16.74 -6.47
N ASN B 338 21.14 17.63 -5.50
CA ASN B 338 21.77 17.54 -4.19
C ASN B 338 20.74 17.92 -3.15
N PRO B 339 20.94 17.51 -1.89
CA PRO B 339 19.94 17.82 -0.85
C PRO B 339 19.73 19.30 -0.62
N SER B 340 20.69 20.14 -1.04
CA SER B 340 20.53 21.58 -0.85
C SER B 340 19.51 22.19 -1.82
N GLU B 341 19.48 21.71 -3.07
CA GLU B 341 18.63 22.30 -4.10
C GLU B 341 17.35 21.46 -4.23
N ARG B 342 16.45 21.66 -3.27
CA ARG B 342 15.17 20.94 -3.21
C ARG B 342 14.37 21.53 -2.05
N LYS B 343 13.10 21.13 -1.99
CA LYS B 343 12.22 21.51 -0.90
C LYS B 343 12.19 20.40 0.15
N TYR B 344 11.27 20.49 1.09
CA TYR B 344 11.18 19.47 2.13
C TYR B 344 10.82 18.11 1.52
N CYS B 345 11.11 17.06 2.26
CA CYS B 345 10.93 15.69 1.78
C CYS B 345 9.72 14.99 2.39
N GLY B 346 9.47 15.18 3.68
CA GLY B 346 8.35 14.52 4.33
C GLY B 346 7.06 15.30 4.26
N SER B 347 6.51 15.42 3.06
CA SER B 347 5.28 16.18 2.85
C SER B 347 4.60 15.66 1.59
N GLY B 348 3.34 16.06 1.41
CA GLY B 348 2.61 15.67 0.23
C GLY B 348 3.12 16.35 -1.03
N PHE B 349 2.89 15.69 -2.16
CA PHE B 349 3.38 16.20 -3.44
C PHE B 349 2.45 15.74 -4.55
N HIS B 350 2.53 16.46 -5.68
CA HIS B 350 1.82 16.09 -6.90
C HIS B 350 2.71 16.45 -8.08
N GLY B 351 2.24 16.12 -9.28
CA GLY B 351 2.99 16.38 -10.49
C GLY B 351 3.47 15.15 -11.23
N SER B 352 3.10 13.95 -10.79
CA SER B 352 3.56 12.72 -11.42
C SER B 352 2.77 12.47 -12.70
N ASP B 353 2.91 11.26 -13.25
CA ASP B 353 2.19 10.90 -14.46
C ASP B 353 0.68 10.96 -14.22
N ASN B 354 -0.05 11.43 -15.23
CA ASN B 354 -1.46 11.75 -15.08
C ASN B 354 -2.38 10.54 -15.21
N VAL B 355 -1.85 9.33 -15.15
CA VAL B 355 -2.65 8.11 -15.20
C VAL B 355 -2.65 7.37 -13.88
N PHE B 356 -1.83 7.81 -12.92
CA PHE B 356 -1.79 7.17 -11.61
C PHE B 356 -3.12 7.38 -10.89
N SER B 357 -3.47 6.42 -10.03
CA SER B 357 -4.79 6.43 -9.39
C SER B 357 -4.94 7.58 -8.42
N ASN B 358 -3.83 8.10 -7.89
CA ASN B 358 -3.89 9.14 -6.87
C ASN B 358 -3.81 10.55 -7.46
N MET B 359 -3.77 10.68 -8.79
CA MET B 359 -3.67 11.99 -9.44
C MET B 359 -4.97 12.42 -10.11
N GLN B 360 -6.07 11.70 -9.87
CA GLN B 360 -7.32 11.98 -10.55
C GLN B 360 -8.11 13.07 -9.83
N ALA B 361 -8.87 13.84 -10.61
CA ALA B 361 -9.55 15.03 -10.13
C ALA B 361 -11.05 14.78 -9.98
N LEU B 362 -11.78 15.87 -9.69
CA LEU B 362 -13.21 15.82 -9.39
C LEU B 362 -14.01 16.54 -10.46
N PHE B 363 -15.19 16.00 -10.77
CA PHE B 363 -16.11 16.70 -11.67
C PHE B 363 -17.54 16.38 -11.25
N VAL B 364 -18.31 17.42 -10.94
CA VAL B 364 -19.73 17.30 -10.59
C VAL B 364 -20.49 18.38 -11.34
N GLY B 365 -21.64 18.04 -11.90
CA GLY B 365 -22.46 19.00 -12.61
C GLY B 365 -23.86 19.05 -12.04
N TYR B 366 -24.44 20.25 -12.05
CA TYR B 366 -25.78 20.45 -11.54
C TYR B 366 -26.44 21.60 -12.28
N GLY B 367 -27.76 21.52 -12.41
CA GLY B 367 -28.54 22.58 -13.02
C GLY B 367 -29.50 22.09 -14.08
N PRO B 368 -30.19 23.03 -14.73
CA PRO B 368 -31.14 22.65 -15.79
C PRO B 368 -30.50 21.92 -16.95
N GLY B 369 -29.27 22.26 -17.32
CA GLY B 369 -28.65 21.70 -18.50
C GLY B 369 -28.02 20.33 -18.34
N PHE B 370 -27.97 19.81 -17.12
CA PHE B 370 -27.34 18.53 -16.85
C PHE B 370 -28.40 17.49 -16.48
N LYS B 371 -28.13 16.25 -16.83
CA LYS B 371 -29.02 15.15 -16.46
C LYS B 371 -28.96 14.92 -14.95
N HIS B 372 -29.96 14.22 -14.44
CA HIS B 372 -30.14 14.02 -13.02
C HIS B 372 -29.87 12.56 -12.65
N GLY B 373 -29.09 12.36 -11.60
CA GLY B 373 -28.82 11.03 -11.07
C GLY B 373 -28.15 10.10 -12.06
N ILE B 374 -27.11 10.58 -12.74
CA ILE B 374 -26.39 9.79 -13.73
C ILE B 374 -24.93 9.65 -13.28
N GLU B 375 -24.22 8.72 -13.92
CA GLU B 375 -22.81 8.50 -13.64
C GLU B 375 -22.13 8.14 -14.94
N ALA B 376 -21.14 8.95 -15.35
CA ALA B 376 -20.46 8.77 -16.61
C ALA B 376 -19.14 8.05 -16.41
N ASP B 377 -18.39 7.90 -17.50
CA ASP B 377 -17.10 7.24 -17.48
C ASP B 377 -16.00 8.28 -17.25
N THR B 378 -14.74 7.87 -17.42
CA THR B 378 -13.62 8.78 -17.24
C THR B 378 -13.38 9.58 -18.52
N PHE B 379 -13.19 10.89 -18.36
CA PHE B 379 -12.89 11.77 -19.48
C PHE B 379 -11.87 12.81 -19.04
N GLU B 380 -11.19 13.39 -20.02
CA GLU B 380 -10.16 14.38 -19.75
C GLU B 380 -10.79 15.75 -19.54
N ASN B 381 -10.05 16.62 -18.84
CA ASN B 381 -10.55 17.95 -18.55
C ASN B 381 -10.52 18.85 -19.78
N ILE B 382 -9.67 18.55 -20.75
CA ILE B 382 -9.54 19.36 -21.96
C ILE B 382 -10.82 19.38 -22.77
N GLU B 383 -11.83 18.60 -22.40
CA GLU B 383 -13.10 18.57 -23.10
C GLU B 383 -14.21 19.30 -22.35
N VAL B 384 -13.90 19.92 -21.21
CA VAL B 384 -14.92 20.70 -20.52
C VAL B 384 -15.25 21.96 -21.32
N TYR B 385 -14.24 22.57 -21.95
CA TYR B 385 -14.42 23.78 -22.75
C TYR B 385 -15.60 23.68 -23.70
N ASN B 386 -15.56 22.70 -24.61
CA ASN B 386 -16.65 22.51 -25.55
C ASN B 386 -17.99 22.41 -24.83
N LEU B 387 -18.03 21.65 -23.73
CA LEU B 387 -19.25 21.52 -22.94
C LEU B 387 -19.77 22.89 -22.53
N MET B 388 -18.88 23.72 -21.98
CA MET B 388 -19.30 25.07 -21.59
C MET B 388 -19.79 25.85 -22.80
N CYS B 389 -19.14 25.67 -23.96
CA CYS B 389 -19.59 26.36 -25.16
C CYS B 389 -20.99 25.93 -25.55
N ASP B 390 -21.39 24.71 -25.19
CA ASP B 390 -22.74 24.25 -25.46
C ASP B 390 -23.72 24.62 -24.35
N LEU B 391 -23.24 25.16 -23.24
CA LEU B 391 -24.11 25.64 -22.17
C LEU B 391 -24.33 27.14 -22.23
N LEU B 392 -23.68 27.83 -23.16
CA LEU B 392 -23.86 29.26 -23.34
C LEU B 392 -24.19 29.63 -24.78
N ASN B 393 -24.36 28.65 -25.67
CA ASN B 393 -24.68 28.87 -27.08
C ASN B 393 -23.60 29.72 -27.76
N LEU B 394 -22.38 29.19 -27.74
CA LEU B 394 -21.24 29.84 -28.37
C LEU B 394 -20.58 28.88 -29.33
N THR B 395 -19.86 29.44 -30.31
CA THR B 395 -19.12 28.64 -31.25
C THR B 395 -17.69 28.50 -30.76
N PRO B 396 -17.25 27.30 -30.37
CA PRO B 396 -15.91 27.16 -29.80
C PRO B 396 -14.81 27.45 -30.81
N ALA B 397 -13.73 28.03 -30.32
CA ALA B 397 -12.51 28.13 -31.10
C ALA B 397 -11.87 26.76 -31.22
N PRO B 398 -11.06 26.53 -32.24
CA PRO B 398 -10.43 25.21 -32.40
C PRO B 398 -9.58 24.84 -31.19
N ASN B 399 -9.70 23.59 -30.77
CA ASN B 399 -8.96 23.08 -29.61
C ASN B 399 -8.67 21.61 -29.84
N ASN B 400 -8.25 20.93 -28.78
CA ASN B 400 -7.87 19.52 -28.86
C ASN B 400 -8.93 18.61 -28.23
N GLY B 401 -10.19 19.01 -28.30
CA GLY B 401 -11.29 18.18 -27.85
C GLY B 401 -12.22 17.87 -29.01
N THR B 402 -12.75 16.66 -29.02
CA THR B 402 -13.64 16.21 -30.09
C THR B 402 -15.06 16.62 -29.74
N HIS B 403 -15.64 17.52 -30.53
CA HIS B 403 -16.96 18.04 -30.24
C HIS B 403 -18.02 16.95 -30.43
N GLY B 404 -18.85 16.75 -29.42
CA GLY B 404 -19.87 15.72 -29.43
C GLY B 404 -19.50 14.48 -28.65
N SER B 405 -18.23 14.31 -28.28
CA SER B 405 -17.83 13.16 -27.48
C SER B 405 -18.50 13.17 -26.11
N LEU B 406 -18.59 14.34 -25.49
CA LEU B 406 -19.14 14.49 -24.15
C LEU B 406 -20.60 14.96 -24.21
N ASN B 407 -21.34 14.49 -25.21
CA ASN B 407 -22.68 14.97 -25.49
C ASN B 407 -23.77 14.22 -24.72
N HIS B 408 -23.43 13.14 -24.03
CA HIS B 408 -24.41 12.38 -23.26
C HIS B 408 -24.60 12.91 -21.86
N LEU B 409 -23.92 14.00 -21.49
CA LEU B 409 -24.09 14.65 -20.21
C LEU B 409 -25.11 15.78 -20.24
N LEU B 410 -25.71 16.05 -21.40
CA LEU B 410 -26.61 17.18 -21.58
C LEU B 410 -28.02 16.69 -21.87
N LYS B 411 -29.01 17.39 -21.31
CA LYS B 411 -30.40 17.05 -21.58
C LYS B 411 -30.75 17.32 -23.04
N ASN B 412 -30.43 18.51 -23.53
CA ASN B 412 -30.72 18.90 -24.91
C ASN B 412 -29.41 19.22 -25.63
N PRO B 413 -28.86 18.27 -26.39
CA PRO B 413 -27.62 18.55 -27.13
C PRO B 413 -27.83 19.65 -28.16
N VAL B 414 -26.78 20.44 -28.37
CA VAL B 414 -26.84 21.56 -29.30
C VAL B 414 -26.17 21.18 -30.61
N TYR B 415 -25.02 20.50 -30.53
CA TYR B 415 -24.22 20.16 -31.70
C TYR B 415 -24.37 18.68 -32.01
N THR B 416 -24.58 18.37 -33.28
CA THR B 416 -24.71 16.99 -33.74
C THR B 416 -23.48 16.61 -34.56
N PRO B 417 -22.62 15.75 -34.05
CA PRO B 417 -21.41 15.38 -34.80
C PRO B 417 -21.73 14.55 -36.04
N LYS B 418 -20.83 14.61 -37.02
CA LYS B 418 -20.96 13.85 -38.25
C LYS B 418 -19.61 13.25 -38.62
N HIS B 419 -19.65 12.12 -39.32
CA HIS B 419 -18.43 11.45 -39.72
C HIS B 419 -17.70 12.26 -40.80
N PRO B 420 -16.38 12.36 -40.73
CA PRO B 420 -15.64 13.03 -41.81
C PRO B 420 -15.70 12.23 -43.10
N LYS B 421 -15.61 12.94 -44.21
CA LYS B 421 -15.73 12.34 -45.53
C LYS B 421 -14.36 12.23 -46.21
N GLU B 422 -14.23 11.22 -47.07
CA GLU B 422 -13.00 11.01 -47.80
C GLU B 422 -12.77 12.13 -48.81
N VAL B 423 -11.50 12.42 -49.07
CA VAL B 423 -11.15 13.50 -49.99
C VAL B 423 -11.28 13.03 -51.43
N HIS B 424 -10.64 11.92 -51.77
CA HIS B 424 -10.66 11.39 -53.12
C HIS B 424 -10.99 9.90 -53.11
N PRO B 425 -11.65 9.41 -54.15
CA PRO B 425 -11.94 7.97 -54.22
C PRO B 425 -10.66 7.16 -54.35
N LEU B 426 -10.73 5.92 -53.86
CA LEU B 426 -9.57 5.03 -53.89
C LEU B 426 -9.23 4.64 -55.32
N VAL B 427 -7.98 4.86 -55.72
CA VAL B 427 -7.51 4.35 -57.01
C VAL B 427 -7.41 2.83 -56.95
N GLN B 428 -7.40 2.20 -58.11
CA GLN B 428 -7.31 0.76 -58.24
C GLN B 428 -5.96 0.36 -58.81
N CYS B 429 -5.39 -0.72 -58.28
CA CYS B 429 -4.12 -1.27 -58.76
C CYS B 429 -4.40 -2.50 -59.61
N PRO B 430 -4.55 -2.36 -60.91
CA PRO B 430 -4.90 -3.51 -61.76
C PRO B 430 -3.70 -4.39 -62.06
N PHE B 431 -3.99 -5.61 -62.47
CA PHE B 431 -2.96 -6.55 -62.86
C PHE B 431 -2.33 -6.12 -64.19
N THR B 432 -1.02 -6.35 -64.29
CA THR B 432 -0.27 -6.02 -65.50
C THR B 432 0.78 -7.10 -65.74
N ARG B 433 0.91 -7.52 -67.00
CA ARG B 433 1.87 -8.55 -67.34
C ARG B 433 3.30 -8.02 -67.22
N ASN B 434 4.15 -8.76 -66.52
CA ASN B 434 5.53 -8.38 -66.31
C ASN B 434 6.40 -9.63 -66.38
N PRO B 435 7.67 -9.48 -66.76
CA PRO B 435 8.56 -10.63 -66.79
C PRO B 435 8.83 -11.16 -65.38
N ARG B 436 9.07 -12.47 -65.31
CA ARG B 436 9.33 -13.13 -64.03
C ARG B 436 10.77 -12.88 -63.64
N ASP B 437 10.99 -11.87 -62.80
CA ASP B 437 12.33 -11.52 -62.36
C ASP B 437 12.75 -12.42 -61.19
N ASN B 438 14.06 -12.49 -60.97
CA ASN B 438 14.65 -13.28 -59.91
C ASN B 438 15.09 -12.37 -58.78
N LEU B 439 14.60 -12.64 -57.58
CA LEU B 439 14.90 -11.83 -56.41
C LEU B 439 16.10 -12.36 -55.62
N GLY B 440 16.69 -13.47 -56.04
CA GLY B 440 17.86 -14.00 -55.36
C GLY B 440 17.61 -14.43 -53.93
N CYS B 441 16.49 -15.11 -53.67
N CYS B 441 16.49 -15.11 -53.67
CA CYS B 441 16.14 -15.56 -52.33
CA CYS B 441 16.14 -15.56 -52.33
C CYS B 441 16.09 -17.08 -52.31
C CYS B 441 16.09 -17.08 -52.31
N SER B 442 16.75 -17.67 -51.31
CA SER B 442 16.78 -19.12 -51.13
C SER B 442 16.18 -19.42 -49.76
N CYS B 443 14.99 -20.01 -49.75
CA CYS B 443 14.24 -20.25 -48.53
C CYS B 443 13.92 -21.75 -48.38
N ASN B 444 13.12 -22.06 -47.37
CA ASN B 444 12.76 -23.44 -47.10
C ASN B 444 11.91 -23.99 -48.24
N PRO B 445 12.28 -25.13 -48.82
CA PRO B 445 11.44 -25.72 -49.89
C PRO B 445 10.08 -26.17 -49.40
N SER B 446 9.87 -26.29 -48.09
CA SER B 446 8.57 -26.70 -47.56
C SER B 446 7.47 -25.70 -47.89
N ILE B 447 7.82 -24.46 -48.20
CA ILE B 447 6.83 -23.44 -48.55
C ILE B 447 6.37 -23.67 -49.98
N LEU B 448 5.06 -23.76 -50.17
CA LEU B 448 4.49 -24.02 -51.48
C LEU B 448 4.50 -22.74 -52.31
N PRO B 449 5.19 -22.71 -53.45
CA PRO B 449 5.22 -21.49 -54.27
C PRO B 449 3.91 -21.29 -55.02
N ILE B 450 3.68 -20.04 -55.41
CA ILE B 450 2.49 -19.68 -56.18
C ILE B 450 2.76 -19.97 -57.65
N GLU B 451 1.81 -20.68 -58.29
CA GLU B 451 1.98 -21.08 -59.68
C GLU B 451 1.50 -20.02 -60.66
N ASP B 452 0.22 -19.66 -60.58
CA ASP B 452 -0.39 -18.68 -61.48
C ASP B 452 -0.97 -17.55 -60.66
N PHE B 453 -0.40 -16.35 -60.81
CA PHE B 453 -0.89 -15.20 -60.07
C PHE B 453 -2.30 -14.82 -60.51
N GLN B 454 -2.56 -14.86 -61.83
CA GLN B 454 -3.86 -14.45 -62.33
C GLN B 454 -4.97 -15.39 -61.87
N THR B 455 -4.68 -16.70 -61.84
CA THR B 455 -5.73 -17.68 -61.55
C THR B 455 -6.22 -17.58 -60.11
N GLN B 456 -5.31 -17.56 -59.14
CA GLN B 456 -5.71 -17.57 -57.74
C GLN B 456 -6.26 -16.23 -57.27
N PHE B 457 -5.84 -15.12 -57.88
CA PHE B 457 -6.25 -13.79 -57.45
C PHE B 457 -7.41 -13.24 -58.28
N ASN B 458 -8.01 -14.05 -59.15
CA ASN B 458 -9.24 -13.68 -59.85
C ASN B 458 -10.41 -14.37 -59.17
N LEU B 459 -11.34 -13.59 -58.64
CA LEU B 459 -12.42 -14.12 -57.82
C LEU B 459 -13.76 -13.57 -58.28
N THR B 460 -14.80 -14.39 -58.13
CA THR B 460 -16.16 -13.96 -58.40
C THR B 460 -16.66 -13.05 -57.29
N VAL B 461 -17.66 -12.23 -57.64
CA VAL B 461 -18.09 -11.13 -56.76
C VAL B 461 -18.51 -11.66 -55.40
N ALA B 462 -19.03 -12.89 -55.34
CA ALA B 462 -19.38 -13.49 -54.06
C ALA B 462 -18.14 -13.66 -53.20
N GLU B 463 -17.00 -14.00 -53.81
CA GLU B 463 -15.77 -14.15 -53.04
C GLU B 463 -15.33 -12.83 -52.42
N GLU B 464 -15.34 -11.74 -53.19
CA GLU B 464 -14.98 -10.45 -52.60
C GLU B 464 -15.98 -10.04 -51.53
N LYS B 465 -17.26 -10.33 -51.74
CA LYS B 465 -18.27 -9.99 -50.72
C LYS B 465 -17.99 -10.73 -49.42
N ILE B 466 -17.75 -12.04 -49.48
CA ILE B 466 -17.53 -12.80 -48.26
C ILE B 466 -16.20 -12.40 -47.60
N ILE B 467 -15.18 -12.09 -48.41
CA ILE B 467 -13.90 -11.67 -47.83
C ILE B 467 -14.05 -10.32 -47.13
N LYS B 468 -14.78 -9.39 -47.74
CA LYS B 468 -15.03 -8.11 -47.09
C LYS B 468 -15.80 -8.28 -45.80
N HIS B 469 -16.81 -9.17 -45.81
CA HIS B 469 -17.56 -9.43 -44.58
C HIS B 469 -16.68 -10.02 -43.49
N GLU B 470 -15.80 -10.96 -43.86
CA GLU B 470 -14.99 -11.66 -42.87
C GLU B 470 -13.85 -10.80 -42.32
N THR B 471 -13.18 -10.04 -43.17
CA THR B 471 -11.96 -9.33 -42.78
C THR B 471 -12.21 -7.88 -42.38
N LEU B 472 -13.28 -7.26 -42.86
CA LEU B 472 -13.60 -5.87 -42.55
C LEU B 472 -15.02 -5.79 -42.01
N PRO B 473 -15.26 -6.25 -40.78
CA PRO B 473 -16.62 -6.18 -40.22
C PRO B 473 -17.13 -4.76 -40.06
N TYR B 474 -16.25 -3.81 -39.75
CA TYR B 474 -16.65 -2.43 -39.49
C TYR B 474 -16.42 -1.50 -40.66
N GLY B 475 -15.94 -2.01 -41.78
CA GLY B 475 -15.68 -1.18 -42.94
C GLY B 475 -14.23 -0.79 -43.05
N ARG B 476 -13.81 -0.50 -44.28
CA ARG B 476 -12.42 -0.11 -44.52
C ARG B 476 -12.14 1.25 -43.88
N PRO B 477 -10.96 1.43 -43.29
CA PRO B 477 -10.55 2.77 -42.85
C PRO B 477 -10.45 3.72 -44.03
N ARG B 478 -10.84 4.97 -43.80
CA ARG B 478 -10.77 6.01 -44.80
C ARG B 478 -9.52 6.87 -44.57
N VAL B 479 -9.16 7.64 -45.58
CA VAL B 479 -7.98 8.52 -45.53
C VAL B 479 -8.46 9.96 -45.70
N LEU B 480 -7.99 10.84 -44.84
CA LEU B 480 -8.38 12.25 -44.87
C LEU B 480 -7.30 13.15 -45.48
N GLN B 481 -6.15 12.60 -45.85
CA GLN B 481 -5.10 13.41 -46.44
C GLN B 481 -5.52 13.91 -47.82
N LYS B 482 -5.19 15.18 -48.10
CA LYS B 482 -5.65 15.82 -49.33
C LYS B 482 -5.01 15.18 -50.55
N GLU B 483 -3.68 15.03 -50.56
CA GLU B 483 -2.93 14.52 -51.71
C GLU B 483 -2.26 13.21 -51.32
N ASN B 484 -2.94 12.10 -51.56
CA ASN B 484 -2.37 10.77 -51.30
C ASN B 484 -3.14 9.75 -52.12
N THR B 485 -2.45 9.08 -53.04
CA THR B 485 -3.06 8.08 -53.90
C THR B 485 -2.79 6.70 -53.34
N ILE B 486 -3.87 5.96 -53.02
CA ILE B 486 -3.79 4.64 -52.41
C ILE B 486 -4.65 3.69 -53.23
N CYS B 487 -4.28 2.41 -53.22
CA CYS B 487 -5.10 1.39 -53.84
C CYS B 487 -5.32 0.25 -52.85
N LEU B 488 -6.52 -0.32 -52.92
CA LEU B 488 -6.96 -1.36 -51.99
C LEU B 488 -6.59 -2.73 -52.55
N LEU B 489 -5.78 -3.48 -51.81
CA LEU B 489 -5.35 -4.80 -52.20
C LEU B 489 -6.08 -5.85 -51.37
N SER B 490 -6.64 -6.85 -52.03
CA SER B 490 -7.48 -7.86 -51.40
C SER B 490 -6.81 -9.22 -51.51
N GLN B 491 -6.72 -9.92 -50.38
CA GLN B 491 -6.18 -11.28 -50.34
C GLN B 491 -7.20 -12.22 -49.69
N HIS B 492 -6.78 -13.45 -49.40
CA HIS B 492 -7.73 -14.44 -48.91
C HIS B 492 -8.18 -14.16 -47.48
N GLN B 493 -7.25 -13.72 -46.61
CA GLN B 493 -7.65 -13.48 -45.23
C GLN B 493 -7.02 -12.22 -44.63
N PHE B 494 -6.49 -11.31 -45.45
CA PHE B 494 -6.02 -10.03 -44.95
C PHE B 494 -6.12 -9.00 -46.06
N MET B 495 -6.53 -7.79 -45.71
CA MET B 495 -6.75 -6.72 -46.67
C MET B 495 -5.80 -5.56 -46.38
N SER B 496 -5.22 -4.99 -47.44
CA SER B 496 -4.18 -3.99 -47.28
C SER B 496 -4.50 -2.74 -48.08
N GLY B 497 -3.92 -1.63 -47.65
CA GLY B 497 -3.95 -0.40 -48.41
C GLY B 497 -2.55 0.03 -48.84
N TYR B 498 -2.27 -0.04 -50.13
CA TYR B 498 -0.92 0.20 -50.64
C TYR B 498 -0.83 1.60 -51.22
N SER B 499 0.17 2.36 -50.77
CA SER B 499 0.37 3.74 -51.20
C SER B 499 1.44 3.79 -52.28
N GLN B 500 1.08 4.41 -53.42
CA GLN B 500 2.03 4.52 -54.52
C GLN B 500 3.08 5.60 -54.26
N ASP B 501 2.74 6.64 -53.50
CA ASP B 501 3.65 7.76 -53.31
C ASP B 501 4.88 7.35 -52.52
N ILE B 502 4.68 6.69 -51.37
CA ILE B 502 5.79 6.34 -50.49
C ILE B 502 6.28 4.91 -50.69
N LEU B 503 5.60 4.11 -51.51
CA LEU B 503 5.98 2.73 -51.79
C LEU B 503 6.05 1.93 -50.48
N MET B 504 4.88 1.79 -49.85
CA MET B 504 4.73 1.09 -48.58
C MET B 504 3.26 0.92 -48.26
N PRO B 505 2.86 -0.20 -47.65
CA PRO B 505 1.47 -0.32 -47.16
C PRO B 505 1.22 0.64 -46.01
N LEU B 506 0.00 1.16 -45.96
CA LEU B 506 -0.40 2.08 -44.90
C LEU B 506 -1.20 1.40 -43.79
N TRP B 507 -2.03 0.41 -44.13
CA TRP B 507 -2.78 -0.31 -43.11
C TRP B 507 -3.06 -1.73 -43.60
N THR B 508 -3.02 -2.67 -42.66
CA THR B 508 -3.36 -4.06 -42.92
C THR B 508 -4.35 -4.53 -41.88
N SER B 509 -5.44 -5.13 -42.33
CA SER B 509 -6.55 -5.55 -41.47
C SER B 509 -6.82 -7.04 -41.67
N TYR B 510 -7.04 -7.74 -40.55
CA TYR B 510 -7.34 -9.17 -40.59
C TYR B 510 -8.04 -9.54 -39.28
N THR B 511 -8.42 -10.81 -39.16
CA THR B 511 -9.12 -11.31 -37.99
C THR B 511 -8.49 -12.62 -37.54
N VAL B 512 -8.39 -12.79 -36.22
CA VAL B 512 -7.84 -13.99 -35.62
C VAL B 512 -8.93 -14.65 -34.79
N ASP B 513 -9.23 -15.91 -35.08
CA ASP B 513 -10.29 -16.62 -34.38
C ASP B 513 -9.71 -17.47 -33.24
N ARG B 514 -10.62 -17.94 -32.38
CA ARG B 514 -10.20 -18.70 -31.21
C ARG B 514 -9.53 -20.01 -31.60
N ASN B 515 -10.06 -20.69 -32.61
N ASN B 515 -10.06 -20.69 -32.61
CA ASN B 515 -9.53 -21.98 -33.03
CA ASN B 515 -9.53 -21.98 -33.03
C ASN B 515 -8.35 -21.88 -33.99
C ASN B 515 -8.35 -21.88 -33.99
N ASP B 516 -7.97 -20.67 -34.39
CA ASP B 516 -6.84 -20.50 -35.29
C ASP B 516 -5.53 -20.91 -34.61
N SER B 517 -4.63 -21.50 -35.37
CA SER B 517 -3.37 -22.03 -34.87
C SER B 517 -2.20 -21.29 -35.49
N PHE B 518 -1.11 -21.19 -34.72
CA PHE B 518 0.11 -20.53 -35.15
C PHE B 518 1.18 -21.58 -35.41
N SER B 519 1.89 -21.45 -36.53
CA SER B 519 2.96 -22.35 -36.89
C SER B 519 4.27 -21.90 -36.24
N THR B 520 5.32 -22.72 -36.41
CA THR B 520 6.63 -22.40 -35.85
C THR B 520 7.77 -22.66 -36.83
N GLU B 521 7.48 -22.88 -38.10
CA GLU B 521 8.53 -23.12 -39.09
C GLU B 521 9.24 -21.82 -39.43
N ASP B 522 10.42 -21.95 -40.03
CA ASP B 522 11.21 -20.81 -40.45
C ASP B 522 10.74 -20.35 -41.82
N PHE B 523 10.76 -19.04 -42.04
CA PHE B 523 10.30 -18.45 -43.30
C PHE B 523 11.20 -17.32 -43.75
N SER B 524 12.45 -17.33 -43.30
CA SER B 524 13.37 -16.22 -43.59
C SER B 524 13.70 -16.18 -45.09
N ASN B 525 14.28 -15.05 -45.50
CA ASN B 525 14.82 -14.75 -46.83
C ASN B 525 14.05 -15.43 -47.96
N CYS B 526 12.73 -15.31 -47.94
CA CYS B 526 11.86 -15.86 -48.98
C CYS B 526 10.86 -14.78 -49.37
N LEU B 527 10.99 -14.24 -50.58
CA LEU B 527 10.15 -13.17 -51.05
C LEU B 527 9.51 -13.57 -52.38
N TYR B 528 8.21 -13.35 -52.50
CA TYR B 528 7.46 -13.64 -53.72
C TYR B 528 7.02 -12.33 -54.35
N GLN B 529 7.34 -12.15 -55.63
CA GLN B 529 7.04 -10.90 -56.31
C GLN B 529 5.55 -10.79 -56.61
N ASP B 530 5.05 -9.56 -56.56
CA ASP B 530 3.66 -9.25 -56.82
C ASP B 530 3.58 -8.44 -58.12
N PHE B 531 2.74 -8.90 -59.05
CA PHE B 531 2.64 -8.27 -60.36
C PHE B 531 1.72 -7.05 -60.38
N ARG B 532 0.94 -6.81 -59.32
CA ARG B 532 0.03 -5.69 -59.32
C ARG B 532 0.74 -4.35 -59.22
N ILE B 533 2.00 -4.34 -58.81
CA ILE B 533 2.77 -3.09 -58.72
C ILE B 533 4.11 -3.29 -59.41
N PRO B 534 4.67 -2.20 -59.94
CA PRO B 534 6.01 -2.29 -60.53
C PRO B 534 7.05 -2.66 -59.50
N LEU B 535 8.07 -3.40 -59.96
CA LEU B 535 9.12 -3.86 -59.05
C LEU B 535 9.98 -2.70 -58.58
N SER B 536 10.59 -2.90 -57.42
CA SER B 536 11.44 -1.90 -56.77
C SER B 536 12.72 -2.56 -56.28
N PRO B 537 13.86 -1.87 -56.36
CA PRO B 537 15.10 -2.46 -55.83
C PRO B 537 15.11 -2.57 -54.32
N VAL B 538 14.22 -1.87 -53.62
CA VAL B 538 14.02 -2.09 -52.19
C VAL B 538 13.31 -3.41 -51.92
N HIS B 539 12.66 -3.99 -52.93
CA HIS B 539 11.83 -5.18 -52.79
C HIS B 539 12.58 -6.47 -53.14
N LYS B 540 13.88 -6.53 -52.85
CA LYS B 540 14.68 -7.71 -53.13
C LYS B 540 15.41 -8.15 -51.88
N CYS B 541 15.65 -9.46 -51.78
CA CYS B 541 16.38 -10.00 -50.63
C CYS B 541 17.83 -9.52 -50.63
N SER B 542 18.36 -9.16 -51.79
CA SER B 542 19.75 -8.72 -51.88
C SER B 542 19.98 -7.45 -51.06
N PHE B 543 19.01 -6.54 -51.08
CA PHE B 543 19.14 -5.31 -50.29
C PHE B 543 19.26 -5.62 -48.80
N TYR B 544 18.44 -6.55 -48.31
CA TYR B 544 18.44 -6.90 -46.90
C TYR B 544 19.37 -8.07 -46.57
N LYS B 545 20.13 -8.56 -47.54
CA LYS B 545 21.04 -9.68 -47.31
C LYS B 545 22.33 -9.15 -46.67
N ASN B 546 22.61 -9.61 -45.45
CA ASN B 546 23.80 -9.24 -44.71
C ASN B 546 23.92 -7.73 -44.55
N ASN B 547 22.90 -7.15 -43.91
CA ASN B 547 22.86 -5.72 -43.61
C ASN B 547 22.69 -5.54 -42.11
N THR B 548 23.54 -4.70 -41.53
CA THR B 548 23.51 -4.42 -40.10
C THR B 548 22.73 -3.16 -39.75
N LYS B 549 22.14 -2.49 -40.73
CA LYS B 549 21.43 -1.24 -40.52
C LYS B 549 19.91 -1.37 -40.58
N VAL B 550 19.38 -2.06 -41.58
CA VAL B 550 17.95 -2.16 -41.79
C VAL B 550 17.57 -3.64 -41.92
N SER B 551 16.27 -3.87 -42.09
CA SER B 551 15.71 -5.21 -42.25
C SER B 551 14.26 -5.03 -42.71
N TYR B 552 13.52 -6.13 -42.76
CA TYR B 552 12.14 -6.10 -43.21
C TYR B 552 11.25 -6.88 -42.24
N GLY B 553 9.97 -6.50 -42.21
CA GLY B 553 9.00 -7.19 -41.39
C GLY B 553 7.68 -7.32 -42.13
N PHE B 554 6.79 -8.14 -41.57
CA PHE B 554 5.51 -8.45 -42.18
C PHE B 554 4.39 -7.89 -41.32
N LEU B 555 3.53 -7.07 -41.94
CA LEU B 555 2.37 -6.56 -41.23
C LEU B 555 1.35 -7.67 -40.94
N SER B 556 1.08 -8.52 -41.93
CA SER B 556 0.20 -9.66 -41.75
C SER B 556 1.04 -10.87 -41.37
N PRO B 557 0.82 -11.49 -40.22
CA PRO B 557 1.73 -12.54 -39.75
C PRO B 557 1.60 -13.80 -40.57
N PRO B 558 2.70 -14.24 -41.21
CA PRO B 558 2.64 -15.51 -41.96
C PRO B 558 2.51 -16.73 -41.08
N GLN B 559 2.70 -16.60 -39.76
CA GLN B 559 2.56 -17.76 -38.87
C GLN B 559 1.12 -18.23 -38.78
N LEU B 560 0.16 -17.40 -39.18
CA LEU B 560 -1.26 -17.70 -39.02
C LEU B 560 -1.82 -18.23 -40.33
N ASN B 561 -2.31 -19.47 -40.30
CA ASN B 561 -3.00 -20.09 -41.42
C ASN B 561 -4.36 -20.57 -40.95
N LYS B 562 -5.40 -20.17 -41.68
CA LYS B 562 -6.77 -20.45 -41.27
C LYS B 562 -7.32 -21.74 -41.86
N ASN B 563 -6.57 -22.40 -42.74
CA ASN B 563 -7.06 -23.61 -43.39
C ASN B 563 -6.12 -24.79 -43.18
N SER B 564 -4.83 -24.51 -43.05
CA SER B 564 -3.82 -25.56 -42.91
C SER B 564 -2.98 -25.30 -41.68
N SER B 565 -2.18 -26.31 -41.31
CA SER B 565 -1.30 -26.23 -40.16
C SER B 565 0.07 -25.68 -40.50
N GLY B 566 0.35 -25.42 -41.77
CA GLY B 566 1.63 -24.86 -42.17
C GLY B 566 1.68 -23.35 -42.03
N ILE B 567 2.22 -22.67 -43.03
CA ILE B 567 2.29 -21.22 -43.04
C ILE B 567 1.61 -20.70 -44.29
N TYR B 568 1.15 -19.46 -44.24
CA TYR B 568 0.38 -18.86 -45.32
C TYR B 568 1.35 -18.35 -46.39
N SER B 569 1.17 -18.82 -47.63
CA SER B 569 2.10 -18.46 -48.69
C SER B 569 1.90 -17.03 -49.16
N GLU B 570 0.64 -16.61 -49.32
CA GLU B 570 0.37 -15.27 -49.85
C GLU B 570 0.77 -14.17 -48.87
N ALA B 571 0.94 -14.49 -47.59
CA ALA B 571 1.46 -13.52 -46.64
C ALA B 571 2.91 -13.15 -46.91
N LEU B 572 3.63 -13.94 -47.70
CA LEU B 572 5.02 -13.69 -48.05
C LEU B 572 5.16 -12.85 -49.31
N LEU B 573 4.14 -12.09 -49.68
CA LEU B 573 4.18 -11.31 -50.91
C LEU B 573 5.09 -10.09 -50.75
N THR B 574 5.38 -9.45 -51.89
CA THR B 574 6.19 -8.25 -51.91
C THR B 574 5.47 -7.05 -51.30
N THR B 575 4.15 -6.97 -51.47
CA THR B 575 3.38 -5.82 -51.00
C THR B 575 3.00 -5.91 -49.54
N ASN B 576 3.74 -6.69 -48.75
CA ASN B 576 3.49 -6.84 -47.32
C ASN B 576 4.80 -6.73 -46.55
N ILE B 577 5.60 -5.71 -46.88
CA ILE B 577 6.94 -5.55 -46.33
C ILE B 577 7.10 -4.13 -45.81
N VAL B 578 7.59 -3.99 -44.59
CA VAL B 578 7.91 -2.69 -44.01
C VAL B 578 9.34 -2.71 -43.49
N PRO B 579 10.12 -1.65 -43.68
CA PRO B 579 11.46 -1.61 -43.10
C PRO B 579 11.41 -1.69 -41.58
N MET B 580 12.38 -2.39 -40.99
CA MET B 580 12.42 -2.60 -39.55
C MET B 580 13.85 -2.70 -39.09
N TYR B 581 14.11 -2.25 -37.87
CA TYR B 581 15.43 -2.37 -37.27
C TYR B 581 15.64 -3.77 -36.71
N GLN B 582 16.89 -4.09 -36.40
CA GLN B 582 17.23 -5.41 -35.88
C GLN B 582 16.59 -5.65 -34.51
N SER B 583 16.58 -4.63 -33.66
CA SER B 583 16.12 -4.83 -32.28
C SER B 583 14.59 -4.90 -32.20
N PHE B 584 13.89 -4.17 -33.06
CA PHE B 584 12.43 -4.15 -32.99
C PHE B 584 11.82 -5.50 -33.34
N GLN B 585 12.56 -6.33 -34.09
CA GLN B 585 12.02 -7.63 -34.48
C GLN B 585 11.75 -8.51 -33.28
N VAL B 586 12.51 -8.36 -32.19
CA VAL B 586 12.25 -9.14 -30.99
C VAL B 586 10.85 -8.86 -30.47
N ILE B 587 10.51 -7.57 -30.33
CA ILE B 587 9.18 -7.19 -29.85
C ILE B 587 8.10 -7.63 -30.83
N TRP B 588 8.33 -7.40 -32.13
CA TRP B 588 7.33 -7.77 -33.13
C TRP B 588 7.05 -9.27 -33.10
N ARG B 589 8.09 -10.09 -33.10
CA ARG B 589 7.93 -11.53 -33.10
C ARG B 589 7.29 -12.02 -31.81
N TYR B 590 7.73 -11.50 -30.66
CA TYR B 590 7.14 -11.93 -29.39
C TYR B 590 5.66 -11.61 -29.35
N PHE B 591 5.29 -10.40 -29.77
CA PHE B 591 3.87 -10.03 -29.83
C PHE B 591 3.12 -11.01 -30.71
N HIS B 592 3.49 -11.08 -32.00
CA HIS B 592 2.73 -11.88 -32.96
C HIS B 592 2.70 -13.36 -32.59
N ASP B 593 3.67 -13.84 -31.82
CA ASP B 593 3.72 -15.25 -31.48
C ASP B 593 2.93 -15.58 -30.22
N THR B 594 3.05 -14.78 -29.17
CA THR B 594 2.42 -15.10 -27.90
C THR B 594 1.21 -14.24 -27.59
N LEU B 595 1.33 -12.92 -27.72
CA LEU B 595 0.28 -12.04 -27.21
C LEU B 595 -0.97 -12.10 -28.09
N LEU B 596 -0.79 -12.19 -29.41
CA LEU B 596 -1.94 -12.29 -30.29
C LEU B 596 -2.73 -13.56 -30.00
N ARG B 597 -2.03 -14.68 -29.82
CA ARG B 597 -2.70 -15.94 -29.49
C ARG B 597 -3.40 -15.85 -28.14
N LYS B 598 -2.74 -15.25 -27.14
CA LYS B 598 -3.35 -15.14 -25.83
C LYS B 598 -4.61 -14.29 -25.87
N TYR B 599 -4.56 -13.16 -26.57
CA TYR B 599 -5.74 -12.30 -26.67
C TYR B 599 -6.86 -13.01 -27.42
N ALA B 600 -6.53 -13.71 -28.51
CA ALA B 600 -7.55 -14.43 -29.26
C ALA B 600 -8.20 -15.51 -28.41
N GLU B 601 -7.40 -16.23 -27.63
CA GLU B 601 -7.95 -17.28 -26.76
C GLU B 601 -8.83 -16.69 -25.67
N GLU B 602 -8.39 -15.61 -25.04
CA GLU B 602 -9.12 -15.07 -23.89
C GLU B 602 -10.39 -14.34 -24.31
N ARG B 603 -10.32 -13.57 -25.40
CA ARG B 603 -11.42 -12.70 -25.79
C ARG B 603 -12.26 -13.28 -26.92
N ASN B 604 -12.03 -14.53 -27.30
CA ASN B 604 -12.81 -15.22 -28.33
C ASN B 604 -12.73 -14.49 -29.67
N GLY B 605 -11.50 -14.39 -30.18
CA GLY B 605 -11.27 -13.77 -31.47
C GLY B 605 -11.08 -12.27 -31.40
N VAL B 606 -10.13 -11.75 -32.17
CA VAL B 606 -9.85 -10.31 -32.21
C VAL B 606 -9.66 -9.87 -33.65
N ASN B 607 -10.21 -8.72 -34.00
CA ASN B 607 -9.95 -8.09 -35.29
C ASN B 607 -8.78 -7.13 -35.12
N VAL B 608 -7.74 -7.32 -35.92
CA VAL B 608 -6.47 -6.62 -35.75
C VAL B 608 -6.22 -5.79 -37.00
N VAL B 609 -5.92 -4.50 -36.82
CA VAL B 609 -5.47 -3.68 -37.94
C VAL B 609 -4.26 -2.86 -37.48
N SER B 610 -3.24 -2.82 -38.32
CA SER B 610 -1.93 -2.29 -37.95
C SER B 610 -1.28 -1.55 -39.11
N GLY B 611 -0.24 -0.80 -38.79
CA GLY B 611 0.53 -0.09 -39.79
C GLY B 611 1.65 0.75 -39.22
N PRO B 612 2.40 1.42 -40.10
CA PRO B 612 3.43 2.36 -39.65
C PRO B 612 2.93 3.80 -39.62
N VAL B 613 3.63 4.62 -38.85
CA VAL B 613 3.33 6.05 -38.76
C VAL B 613 4.63 6.83 -38.82
N PHE B 614 4.60 7.96 -39.54
CA PHE B 614 5.76 8.77 -39.83
C PHE B 614 5.54 10.13 -39.18
N ASP B 615 6.37 10.48 -38.20
CA ASP B 615 6.24 11.77 -37.53
C ASP B 615 7.61 12.22 -37.05
N PHE B 616 8.29 13.02 -37.89
CA PHE B 616 9.61 13.51 -37.58
C PHE B 616 9.61 14.87 -36.88
N ASP B 617 8.46 15.52 -36.76
CA ASP B 617 8.34 16.81 -36.11
C ASP B 617 7.95 16.71 -34.64
N TYR B 618 7.71 15.50 -34.14
CA TYR B 618 7.21 15.25 -32.78
C TYR B 618 6.12 16.26 -32.39
N ASP B 619 5.19 16.50 -33.30
CA ASP B 619 4.09 17.41 -33.06
C ASP B 619 2.74 16.72 -32.92
N GLY B 620 2.67 15.42 -33.13
CA GLY B 620 1.44 14.67 -32.95
C GLY B 620 0.56 14.54 -34.18
N ARG B 621 0.91 15.19 -35.29
CA ARG B 621 0.13 15.12 -36.52
C ARG B 621 0.98 14.52 -37.63
N CYS B 622 0.31 13.82 -38.55
CA CYS B 622 1.01 13.15 -39.63
C CYS B 622 1.71 14.15 -40.54
N ASP B 623 2.91 13.79 -41.00
CA ASP B 623 3.68 14.65 -41.87
C ASP B 623 3.07 14.73 -43.26
N SER B 624 3.24 15.87 -43.90
CA SER B 624 2.81 16.05 -45.28
C SER B 624 3.82 15.42 -46.23
N LEU B 625 3.43 15.30 -47.50
CA LEU B 625 4.30 14.68 -48.49
C LEU B 625 5.56 15.51 -48.72
N GLU B 626 5.42 16.83 -48.77
CA GLU B 626 6.59 17.70 -48.97
C GLU B 626 7.58 17.54 -47.84
N ASN B 627 7.10 17.54 -46.59
CA ASN B 627 7.99 17.36 -45.45
C ASN B 627 8.57 15.95 -45.44
N LEU B 628 7.76 14.95 -45.78
CA LEU B 628 8.22 13.57 -45.76
C LEU B 628 9.27 13.31 -46.83
N ARG B 629 9.28 14.10 -47.90
CA ARG B 629 10.21 13.85 -49.00
C ARG B 629 11.66 14.04 -48.57
N GLN B 630 11.94 15.11 -47.81
CA GLN B 630 13.32 15.41 -47.44
C GLN B 630 13.86 14.50 -46.34
N LYS B 631 12.98 13.88 -45.55
CA LYS B 631 13.42 13.11 -44.40
C LYS B 631 13.84 11.68 -44.75
N ARG B 632 13.71 11.25 -46.00
CA ARG B 632 14.07 9.90 -46.37
C ARG B 632 15.58 9.73 -46.36
N ARG B 633 16.05 8.59 -45.86
CA ARG B 633 17.47 8.31 -45.77
C ARG B 633 17.99 7.59 -47.02
N VAL B 634 19.31 7.54 -47.13
CA VAL B 634 19.99 6.91 -48.26
C VAL B 634 20.94 5.86 -47.73
N ILE B 635 20.94 4.69 -48.37
CA ILE B 635 21.85 3.61 -48.01
C ILE B 635 21.98 2.67 -49.20
N ARG B 636 23.20 2.17 -49.42
CA ARG B 636 23.51 1.28 -50.53
C ARG B 636 23.07 1.86 -51.86
N ASN B 637 23.29 3.16 -52.03
CA ASN B 637 22.95 3.92 -53.23
C ASN B 637 21.46 3.94 -53.52
N GLN B 638 20.62 3.51 -52.57
CA GLN B 638 19.18 3.53 -52.72
C GLN B 638 18.57 4.43 -51.66
N GLU B 639 17.31 4.80 -51.87
CA GLU B 639 16.60 5.73 -51.01
C GLU B 639 15.46 5.01 -50.31
N ILE B 640 15.42 5.09 -48.98
CA ILE B 640 14.40 4.45 -48.17
C ILE B 640 13.81 5.48 -47.22
N LEU B 641 12.70 5.11 -46.59
CA LEU B 641 11.98 6.00 -45.67
C LEU B 641 11.55 5.15 -44.48
N ILE B 642 12.35 5.19 -43.42
CA ILE B 642 12.16 4.29 -42.27
C ILE B 642 11.02 4.83 -41.40
N PRO B 643 10.12 3.96 -40.91
CA PRO B 643 9.02 4.44 -40.06
C PRO B 643 9.51 4.97 -38.72
N THR B 644 8.71 5.87 -38.14
CA THR B 644 9.00 6.43 -36.83
C THR B 644 8.32 5.65 -35.71
N HIS B 645 7.05 5.30 -35.85
CA HIS B 645 6.40 4.41 -34.89
C HIS B 645 5.56 3.39 -35.64
N PHE B 646 5.05 2.41 -34.89
CA PHE B 646 4.14 1.40 -35.42
C PHE B 646 2.88 1.37 -34.58
N PHE B 647 1.72 1.48 -35.21
CA PHE B 647 0.45 1.47 -34.52
C PHE B 647 -0.26 0.14 -34.76
N ILE B 648 -0.86 -0.40 -33.70
CA ILE B 648 -1.67 -1.61 -33.79
C ILE B 648 -2.93 -1.39 -32.96
N VAL B 649 -4.08 -1.80 -33.49
CA VAL B 649 -5.33 -1.68 -32.73
C VAL B 649 -6.14 -2.95 -32.87
N LEU B 650 -6.73 -3.37 -31.75
CA LEU B 650 -7.41 -4.64 -31.57
C LEU B 650 -8.85 -4.37 -31.18
N THR B 651 -9.79 -5.10 -31.79
CA THR B 651 -11.20 -4.92 -31.52
C THR B 651 -11.85 -6.27 -31.24
N SER B 652 -12.83 -6.26 -30.34
CA SER B 652 -13.58 -7.48 -30.02
C SER B 652 -14.93 -7.07 -29.42
N CYS B 653 -15.69 -8.07 -28.99
CA CYS B 653 -16.97 -7.83 -28.34
C CYS B 653 -16.77 -7.63 -26.84
N LYS B 654 -17.72 -6.90 -26.24
CA LYS B 654 -17.68 -6.72 -24.79
C LYS B 654 -17.97 -8.03 -24.07
N ASP B 655 -18.90 -8.83 -24.59
CA ASP B 655 -19.24 -10.12 -24.03
C ASP B 655 -18.48 -11.21 -24.78
N THR B 656 -17.91 -12.16 -24.04
CA THR B 656 -17.07 -13.20 -24.62
C THR B 656 -17.86 -14.23 -25.42
N SER B 657 -19.19 -14.20 -25.35
CA SER B 657 -20.01 -15.22 -26.02
C SER B 657 -20.28 -14.92 -27.48
N GLN B 658 -19.80 -13.80 -28.01
CA GLN B 658 -20.05 -13.42 -29.40
C GLN B 658 -18.75 -13.15 -30.12
N THR B 659 -18.65 -13.64 -31.36
CA THR B 659 -17.50 -13.41 -32.20
C THR B 659 -17.45 -11.96 -32.65
N PRO B 660 -16.25 -11.46 -33.01
CA PRO B 660 -16.16 -10.05 -33.44
C PRO B 660 -16.98 -9.71 -34.66
N LEU B 661 -17.37 -10.73 -35.45
CA LEU B 661 -18.15 -10.46 -36.66
C LEU B 661 -19.52 -9.88 -36.33
N HIS B 662 -20.05 -10.17 -35.14
CA HIS B 662 -21.40 -9.77 -34.76
C HIS B 662 -21.40 -9.12 -33.38
N CYS B 663 -20.48 -8.18 -33.17
CA CYS B 663 -20.39 -7.50 -31.89
C CYS B 663 -21.57 -6.55 -31.69
N GLU B 664 -22.31 -6.75 -30.59
CA GLU B 664 -23.32 -5.76 -30.21
C GLU B 664 -22.66 -4.52 -29.61
N ASN B 665 -21.65 -4.71 -28.79
CA ASN B 665 -20.86 -3.62 -28.22
C ASN B 665 -19.38 -3.91 -28.44
N LEU B 666 -18.61 -2.84 -28.60
CA LEU B 666 -17.21 -2.95 -28.99
C LEU B 666 -16.28 -2.75 -27.79
N ASP B 667 -15.18 -3.48 -27.77
CA ASP B 667 -14.09 -3.31 -26.83
C ASP B 667 -12.81 -3.19 -27.62
N THR B 668 -12.03 -2.15 -27.35
CA THR B 668 -10.92 -1.75 -28.21
C THR B 668 -9.66 -1.54 -27.39
N LEU B 669 -8.51 -1.81 -28.03
CA LEU B 669 -7.21 -1.68 -27.38
C LEU B 669 -6.20 -1.23 -28.41
N ALA B 670 -5.59 -0.07 -28.19
CA ALA B 670 -4.69 0.53 -29.18
C ALA B 670 -3.30 0.75 -28.58
N PHE B 671 -2.28 0.58 -29.42
CA PHE B 671 -0.89 0.80 -29.02
C PHE B 671 -0.16 1.54 -30.13
N ILE B 672 0.70 2.48 -29.73
CA ILE B 672 1.63 3.17 -30.63
C ILE B 672 3.01 2.91 -30.06
N LEU B 673 3.76 2.01 -30.69
CA LEU B 673 5.08 1.65 -30.17
C LEU B 673 6.18 2.35 -30.95
N PRO B 674 7.24 2.78 -30.27
CA PRO B 674 8.33 3.47 -30.95
C PRO B 674 9.23 2.51 -31.71
N HIS B 675 9.90 3.06 -32.72
CA HIS B 675 10.83 2.31 -33.57
C HIS B 675 12.24 2.78 -33.25
N ARG B 676 12.92 2.06 -32.37
CA ARG B 676 14.23 2.44 -31.87
C ARG B 676 15.29 1.45 -32.33
N THR B 677 16.52 1.95 -32.47
CA THR B 677 17.61 1.10 -32.94
C THR B 677 17.99 0.06 -31.89
N ASP B 678 17.94 0.43 -30.62
CA ASP B 678 18.32 -0.45 -29.52
C ASP B 678 17.22 -0.46 -28.46
N ASN B 679 17.32 -1.43 -27.54
CA ASN B 679 16.36 -1.60 -26.47
C ASN B 679 16.90 -1.09 -25.14
N SER B 680 17.67 0.00 -25.17
CA SER B 680 18.19 0.59 -23.93
C SER B 680 17.10 1.21 -23.08
N GLU B 681 15.94 1.51 -23.66
CA GLU B 681 14.86 2.13 -22.89
C GLU B 681 14.38 1.20 -21.79
N SER B 682 14.17 -0.08 -22.09
CA SER B 682 13.73 -1.05 -21.11
C SER B 682 14.87 -1.67 -20.32
N CYS B 683 16.11 -1.47 -20.75
CA CYS B 683 17.30 -1.99 -20.07
C CYS B 683 17.21 -3.50 -19.84
N VAL B 684 17.18 -4.24 -20.95
CA VAL B 684 17.19 -5.69 -20.88
C VAL B 684 18.63 -6.16 -20.66
N HIS B 685 18.86 -6.90 -19.57
CA HIS B 685 20.19 -7.40 -19.26
C HIS B 685 20.02 -8.55 -18.27
N GLY B 686 20.31 -9.77 -18.73
CA GLY B 686 20.11 -10.94 -17.89
C GLY B 686 18.69 -11.11 -17.43
N LYS B 687 17.72 -10.80 -18.28
CA LYS B 687 16.31 -10.84 -17.94
C LYS B 687 15.56 -11.65 -18.99
N HIS B 688 14.58 -12.42 -18.53
CA HIS B 688 13.74 -13.19 -19.45
C HIS B 688 12.91 -12.25 -20.32
N ASP B 689 12.70 -12.67 -21.56
CA ASP B 689 12.00 -11.86 -22.55
C ASP B 689 10.51 -11.75 -22.27
N SER B 690 9.98 -12.51 -21.33
CA SER B 690 8.54 -12.56 -21.11
C SER B 690 7.99 -11.23 -20.61
N SER B 691 8.72 -10.54 -19.74
CA SER B 691 8.14 -9.43 -19.00
C SER B 691 8.37 -8.07 -19.64
N TRP B 692 9.56 -7.80 -20.17
CA TRP B 692 9.89 -6.45 -20.60
C TRP B 692 9.09 -6.03 -21.83
N VAL B 693 8.84 -6.97 -22.75
CA VAL B 693 8.04 -6.64 -23.93
C VAL B 693 6.61 -6.29 -23.52
N GLU B 694 6.04 -7.07 -22.61
CA GLU B 694 4.69 -6.78 -22.13
C GLU B 694 4.64 -5.44 -21.40
N GLU B 695 5.68 -5.13 -20.62
CA GLU B 695 5.71 -3.84 -19.93
C GLU B 695 5.80 -2.69 -20.92
N LEU B 696 6.62 -2.84 -21.96
CA LEU B 696 6.73 -1.80 -22.98
C LEU B 696 5.40 -1.58 -23.70
N LEU B 697 4.71 -2.68 -24.03
CA LEU B 697 3.38 -2.56 -24.60
C LEU B 697 2.41 -1.90 -23.62
N MET B 698 2.61 -2.16 -22.32
CA MET B 698 1.73 -1.60 -21.29
C MET B 698 1.88 -0.08 -21.23
N LEU B 699 3.12 0.41 -21.23
CA LEU B 699 3.36 1.83 -21.02
C LEU B 699 2.95 2.68 -22.22
N HIS B 700 2.99 2.14 -23.43
CA HIS B 700 2.83 2.93 -24.64
C HIS B 700 1.44 2.80 -25.25
N ARG B 701 0.41 2.64 -24.42
CA ARG B 701 -0.94 2.61 -24.92
C ARG B 701 -1.37 4.00 -25.37
N ALA B 702 -2.53 4.07 -26.02
CA ALA B 702 -3.04 5.32 -26.57
C ALA B 702 -4.54 5.16 -26.85
N ARG B 703 -5.15 6.23 -27.33
CA ARG B 703 -6.55 6.22 -27.73
C ARG B 703 -6.65 6.15 -29.25
N ILE B 704 -7.86 5.88 -29.72
CA ILE B 704 -8.09 5.83 -31.16
C ILE B 704 -7.97 7.22 -31.77
N THR B 705 -8.31 8.26 -31.01
CA THR B 705 -8.18 9.62 -31.53
C THR B 705 -6.73 9.98 -31.78
N ASP B 706 -5.82 9.55 -30.90
CA ASP B 706 -4.40 9.78 -31.12
C ASP B 706 -3.92 9.11 -32.40
N VAL B 707 -4.35 7.87 -32.63
CA VAL B 707 -3.98 7.15 -33.85
C VAL B 707 -4.54 7.87 -35.07
N GLU B 708 -5.79 8.32 -34.99
CA GLU B 708 -6.39 9.03 -36.11
C GLU B 708 -5.63 10.31 -36.43
N HIS B 709 -5.21 11.04 -35.39
CA HIS B 709 -4.46 12.27 -35.62
C HIS B 709 -3.08 11.98 -36.19
N ILE B 710 -2.43 10.92 -35.73
CA ILE B 710 -1.05 10.65 -36.16
C ILE B 710 -0.97 9.90 -37.48
N THR B 711 -2.09 9.33 -37.96
CA THR B 711 -2.11 8.59 -39.21
C THR B 711 -2.85 9.29 -40.34
N GLY B 712 -3.91 10.02 -40.03
CA GLY B 712 -4.80 10.54 -41.05
C GLY B 712 -5.88 9.56 -41.47
N LEU B 713 -6.15 8.53 -40.68
CA LEU B 713 -7.15 7.52 -40.99
C LEU B 713 -8.38 7.72 -40.10
N SER B 714 -9.50 7.16 -40.56
CA SER B 714 -10.75 7.18 -39.82
C SER B 714 -11.30 5.77 -39.73
N PHE B 715 -11.65 5.36 -38.52
CA PHE B 715 -12.09 3.99 -38.25
C PHE B 715 -13.55 3.98 -37.85
N TYR B 716 -14.17 2.80 -37.99
CA TYR B 716 -15.53 2.52 -37.52
C TYR B 716 -16.53 3.52 -38.09
N GLN B 717 -16.67 3.50 -39.41
CA GLN B 717 -17.55 4.43 -40.11
C GLN B 717 -18.76 3.74 -40.71
N GLN B 718 -18.93 2.44 -40.49
CA GLN B 718 -20.07 1.69 -40.99
C GLN B 718 -20.97 1.16 -39.88
N ARG B 719 -20.68 1.47 -38.62
CA ARG B 719 -21.50 0.99 -37.52
C ARG B 719 -22.85 1.71 -37.51
N LYS B 720 -23.88 1.00 -37.02
CA LYS B 720 -25.22 1.55 -36.96
C LYS B 720 -25.45 2.46 -35.77
N GLU B 721 -24.52 2.51 -34.81
CA GLU B 721 -24.68 3.36 -33.65
C GLU B 721 -24.55 4.83 -34.05
N PRO B 722 -25.18 5.74 -33.29
CA PRO B 722 -25.06 7.16 -33.60
C PRO B 722 -23.62 7.65 -33.47
N VAL B 723 -23.33 8.76 -34.15
CA VAL B 723 -21.96 9.27 -34.20
C VAL B 723 -21.47 9.65 -32.80
N SER B 724 -22.36 10.09 -31.92
CA SER B 724 -21.95 10.47 -30.58
C SER B 724 -21.37 9.29 -29.81
N ASP B 725 -22.01 8.12 -29.93
CA ASP B 725 -21.49 6.93 -29.25
C ASP B 725 -20.13 6.52 -29.81
N ILE B 726 -19.96 6.62 -31.13
CA ILE B 726 -18.68 6.29 -31.74
C ILE B 726 -17.60 7.24 -31.24
N LEU B 727 -17.90 8.54 -31.19
CA LEU B 727 -16.92 9.51 -30.69
C LEU B 727 -16.59 9.25 -29.23
N LYS B 728 -17.58 8.88 -28.43
CA LYS B 728 -17.33 8.54 -27.02
C LYS B 728 -16.43 7.33 -26.91
N LEU B 729 -16.66 6.31 -27.74
CA LEU B 729 -15.85 5.09 -27.68
C LEU B 729 -14.42 5.36 -28.13
N LYS B 730 -14.24 6.21 -29.15
CA LYS B 730 -12.90 6.46 -29.67
C LYS B 730 -12.03 7.22 -28.66
N THR B 731 -12.66 8.00 -27.79
CA THR B 731 -11.93 8.83 -26.82
C THR B 731 -11.57 8.04 -25.56
N HIS B 732 -12.01 6.80 -25.44
CA HIS B 732 -11.75 5.98 -24.27
C HIS B 732 -10.30 5.49 -24.29
N LEU B 733 -9.59 5.70 -23.19
CA LEU B 733 -8.20 5.27 -23.06
C LEU B 733 -8.13 4.02 -22.21
N PRO B 734 -7.49 2.96 -22.70
CA PRO B 734 -7.51 1.68 -21.97
C PRO B 734 -6.93 1.81 -20.58
N THR B 735 -7.55 1.10 -19.63
CA THR B 735 -7.11 1.06 -18.25
C THR B 735 -6.93 -0.38 -17.81
N PHE B 736 -6.01 -0.60 -16.89
CA PHE B 736 -5.69 -1.95 -16.43
C PHE B 736 -5.65 -2.01 -14.91
N VAL C 2 -24.31 1.76 0.32
CA VAL C 2 -25.08 0.69 0.94
C VAL C 2 -26.49 0.63 0.36
N GLN C 3 -26.94 -0.57 0.02
CA GLN C 3 -28.26 -0.74 -0.57
C GLN C 3 -28.72 -2.18 -0.36
N LEU C 4 -30.04 -2.37 -0.50
CA LEU C 4 -30.67 -3.68 -0.41
C LEU C 4 -31.60 -3.84 -1.61
N VAL C 5 -31.51 -4.98 -2.28
CA VAL C 5 -32.31 -5.25 -3.47
C VAL C 5 -33.16 -6.49 -3.22
N GLU C 6 -34.41 -6.43 -3.67
CA GLU C 6 -35.36 -7.52 -3.51
C GLU C 6 -35.64 -8.19 -4.85
N SER C 7 -35.88 -9.49 -4.80
CA SER C 7 -36.17 -10.26 -6.00
C SER C 7 -37.10 -11.41 -5.67
N GLY C 8 -37.77 -11.94 -6.69
CA GLY C 8 -38.66 -13.05 -6.54
C GLY C 8 -40.13 -12.71 -6.51
N GLY C 9 -40.49 -11.43 -6.69
CA GLY C 9 -41.88 -11.05 -6.68
C GLY C 9 -42.60 -11.44 -7.97
N GLY C 10 -43.92 -11.37 -7.90
CA GLY C 10 -44.75 -11.70 -9.05
C GLY C 10 -46.20 -11.87 -8.64
N LEU C 11 -46.97 -12.42 -9.58
CA LEU C 11 -48.39 -12.69 -9.39
C LEU C 11 -48.61 -14.19 -9.38
N VAL C 12 -49.33 -14.68 -8.37
CA VAL C 12 -49.59 -16.11 -8.21
C VAL C 12 -51.06 -16.30 -7.83
N GLN C 13 -51.59 -17.47 -8.16
CA GLN C 13 -52.92 -17.84 -7.72
C GLN C 13 -52.90 -18.19 -6.23
N PRO C 14 -54.06 -18.14 -5.56
CA PRO C 14 -54.10 -18.54 -4.16
C PRO C 14 -53.62 -19.97 -3.98
N GLY C 15 -52.89 -20.20 -2.89
CA GLY C 15 -52.30 -21.49 -2.63
C GLY C 15 -50.91 -21.69 -3.21
N GLY C 16 -50.37 -20.69 -3.91
CA GLY C 16 -49.06 -20.80 -4.50
C GLY C 16 -47.94 -20.60 -3.49
N SER C 17 -46.71 -20.68 -4.00
CA SER C 17 -45.52 -20.54 -3.17
C SER C 17 -44.57 -19.55 -3.80
N LEU C 18 -44.00 -18.67 -2.96
CA LEU C 18 -43.01 -17.70 -3.38
C LEU C 18 -41.80 -17.79 -2.47
N ARG C 19 -40.65 -17.36 -2.98
CA ARG C 19 -39.41 -17.33 -2.20
C ARG C 19 -38.71 -16.00 -2.50
N LEU C 20 -39.03 -14.99 -1.69
CA LEU C 20 -38.40 -13.69 -1.87
C LEU C 20 -36.96 -13.71 -1.38
N SER C 21 -36.09 -13.01 -2.10
CA SER C 21 -34.68 -12.92 -1.78
C SER C 21 -34.27 -11.47 -1.61
N CYS C 22 -33.45 -11.20 -0.60
CA CYS C 22 -32.97 -9.85 -0.30
C CYS C 22 -31.46 -9.90 -0.25
N ALA C 23 -30.82 -9.14 -1.15
CA ALA C 23 -29.37 -9.08 -1.24
C ALA C 23 -28.89 -7.70 -0.81
N ALA C 24 -27.94 -7.67 0.11
CA ALA C 24 -27.45 -6.43 0.70
C ALA C 24 -26.01 -6.18 0.30
N SER C 25 -25.67 -4.92 0.03
CA SER C 25 -24.32 -4.52 -0.29
C SER C 25 -23.97 -3.25 0.48
N GLY C 26 -22.69 -3.13 0.83
CA GLY C 26 -22.21 -2.01 1.61
C GLY C 26 -22.02 -2.29 3.09
N PHE C 27 -22.61 -3.37 3.62
CA PHE C 27 -22.42 -3.77 5.00
C PHE C 27 -22.39 -5.29 5.05
N ASP C 28 -22.39 -5.84 6.26
CA ASP C 28 -22.28 -7.28 6.48
C ASP C 28 -23.51 -7.77 7.20
N ILE C 29 -24.11 -8.85 6.68
CA ILE C 29 -25.29 -9.44 7.32
C ILE C 29 -24.91 -10.07 8.66
N TYR C 30 -23.73 -10.68 8.74
CA TYR C 30 -23.34 -11.39 9.95
C TYR C 30 -23.22 -10.44 11.14
N TYR C 31 -22.70 -9.23 10.91
CA TYR C 31 -22.48 -8.25 11.97
C TYR C 31 -23.61 -7.23 12.04
N SER C 32 -24.85 -7.66 11.79
CA SER C 32 -26.03 -6.82 11.90
C SER C 32 -26.92 -7.33 13.02
N TYR C 33 -27.64 -6.41 13.66
CA TYR C 33 -28.48 -6.78 14.79
C TYR C 33 -29.59 -7.73 14.36
N TYR C 34 -30.34 -7.36 13.33
CA TYR C 34 -31.43 -8.19 12.83
C TYR C 34 -31.65 -7.89 11.37
N ILE C 35 -32.27 -8.84 10.67
CA ILE C 35 -32.71 -8.66 9.29
C ILE C 35 -34.16 -9.12 9.21
N GLY C 36 -35.05 -8.25 8.71
CA GLY C 36 -36.47 -8.54 8.74
C GLY C 36 -37.16 -8.14 7.45
N TRP C 37 -38.42 -8.58 7.35
CA TRP C 37 -39.29 -8.21 6.24
C TRP C 37 -40.47 -7.44 6.77
N VAL C 38 -40.85 -6.36 6.09
CA VAL C 38 -41.97 -5.52 6.49
C VAL C 38 -42.91 -5.37 5.29
N ARG C 39 -44.18 -5.68 5.49
CA ARG C 39 -45.17 -5.64 4.42
C ARG C 39 -46.16 -4.51 4.66
N ARG C 40 -46.55 -3.85 3.57
CA ARG C 40 -47.54 -2.77 3.60
C ARG C 40 -48.63 -3.06 2.58
N ALA C 41 -49.88 -2.95 3.01
CA ALA C 41 -51.05 -3.15 2.18
C ALA C 41 -51.94 -1.93 2.28
N PRO C 42 -52.75 -1.66 1.26
CA PRO C 42 -53.66 -0.51 1.32
C PRO C 42 -54.60 -0.61 2.52
N GLY C 43 -54.79 0.52 3.19
CA GLY C 43 -55.61 0.57 4.38
C GLY C 43 -54.93 0.10 5.65
N LYS C 44 -53.65 -0.26 5.58
CA LYS C 44 -52.92 -0.74 6.74
C LYS C 44 -51.53 -0.10 6.77
N GLY C 45 -50.96 -0.02 7.96
CA GLY C 45 -49.65 0.56 8.16
C GLY C 45 -48.54 -0.49 8.13
N GLU C 46 -47.41 -0.11 8.72
CA GLU C 46 -46.27 -1.02 8.77
C GLU C 46 -46.57 -2.21 9.66
N GLU C 47 -46.12 -3.39 9.24
CA GLU C 47 -46.35 -4.62 9.98
C GLU C 47 -45.15 -5.53 9.83
N LEU C 48 -44.62 -6.00 10.97
CA LEU C 48 -43.49 -6.91 10.97
C LEU C 48 -43.98 -8.35 10.81
N VAL C 49 -43.57 -9.01 9.74
CA VAL C 49 -44.01 -10.38 9.47
C VAL C 49 -42.97 -11.39 9.94
N ALA C 50 -41.68 -11.11 9.73
CA ALA C 50 -40.64 -12.03 10.11
C ALA C 50 -39.33 -11.27 10.32
N ARG C 51 -38.54 -11.74 11.28
CA ARG C 51 -37.21 -11.20 11.50
C ARG C 51 -36.29 -12.32 11.96
N ILE C 52 -35.00 -12.17 11.67
CA ILE C 52 -34.01 -13.20 11.97
C ILE C 52 -32.75 -12.52 12.50
N SER C 53 -32.05 -13.23 13.39
CA SER C 53 -30.72 -12.83 13.83
C SER C 53 -29.70 -13.63 13.02
N PRO C 54 -28.92 -13.00 12.14
CA PRO C 54 -28.04 -13.76 11.26
C PRO C 54 -27.02 -14.63 11.97
N SER C 55 -26.55 -14.22 13.14
CA SER C 55 -25.50 -14.96 13.84
C SER C 55 -26.06 -16.06 14.74
N TYR C 56 -27.03 -15.71 15.60
CA TYR C 56 -27.58 -16.70 16.51
C TYR C 56 -28.50 -17.68 15.79
N GLY C 57 -29.24 -17.22 14.78
CA GLY C 57 -30.18 -18.04 14.06
C GLY C 57 -31.59 -18.03 14.59
N SER C 58 -31.84 -17.37 15.73
CA SER C 58 -33.18 -17.29 16.28
C SER C 58 -34.07 -16.42 15.40
N THR C 59 -35.33 -16.80 15.28
CA THR C 59 -36.28 -16.13 14.41
C THR C 59 -37.50 -15.69 15.21
N SER C 60 -38.09 -14.57 14.79
CA SER C 60 -39.31 -14.04 15.37
C SER C 60 -40.35 -13.88 14.27
N TYR C 61 -41.59 -14.27 14.58
CA TYR C 61 -42.65 -14.36 13.59
C TYR C 61 -43.91 -13.66 14.10
N ALA C 62 -44.68 -13.11 13.18
CA ALA C 62 -45.97 -12.55 13.52
C ALA C 62 -47.01 -13.65 13.69
N ASP C 63 -48.05 -13.36 14.46
CA ASP C 63 -49.10 -14.35 14.71
C ASP C 63 -49.88 -14.64 13.43
N SER C 64 -50.11 -13.63 12.60
CA SER C 64 -50.90 -13.82 11.39
C SER C 64 -50.21 -14.73 10.38
N VAL C 65 -48.88 -14.85 10.45
CA VAL C 65 -48.13 -15.67 9.51
C VAL C 65 -47.42 -16.84 10.20
N LYS C 66 -47.70 -17.07 11.48
CA LYS C 66 -47.08 -18.17 12.19
C LYS C 66 -47.49 -19.50 11.56
N GLY C 67 -46.49 -20.36 11.33
CA GLY C 67 -46.72 -21.64 10.69
C GLY C 67 -46.88 -21.59 9.19
N ARG C 68 -46.72 -20.43 8.58
CA ARG C 68 -46.88 -20.27 7.13
C ARG C 68 -45.64 -19.74 6.43
N PHE C 69 -44.79 -18.99 7.12
CA PHE C 69 -43.59 -18.40 6.53
C PHE C 69 -42.34 -19.10 7.06
N THR C 70 -41.25 -18.97 6.32
CA THR C 70 -39.97 -19.52 6.73
C THR C 70 -38.85 -18.59 6.30
N ILE C 71 -38.11 -18.05 7.26
CA ILE C 71 -37.04 -17.09 6.99
C ILE C 71 -35.71 -17.78 7.26
N SER C 72 -34.71 -17.47 6.44
CA SER C 72 -33.37 -18.03 6.58
C SER C 72 -32.36 -17.00 6.06
N ALA C 73 -31.09 -17.24 6.37
CA ALA C 73 -30.03 -16.34 5.96
C ALA C 73 -28.85 -17.13 5.41
N ASP C 74 -28.30 -16.68 4.29
CA ASP C 74 -27.06 -17.22 3.73
C ASP C 74 -25.97 -16.19 3.98
N ILE C 75 -24.95 -16.58 4.75
CA ILE C 75 -23.93 -15.65 5.18
C ILE C 75 -22.84 -15.51 4.13
N SER C 76 -22.48 -16.61 3.47
CA SER C 76 -21.42 -16.57 2.46
C SER C 76 -21.81 -15.75 1.23
N LYS C 77 -23.09 -15.43 1.05
CA LYS C 77 -23.54 -14.63 -0.08
C LYS C 77 -24.28 -13.37 0.36
N ASN C 78 -24.44 -13.14 1.65
CA ASN C 78 -25.09 -11.95 2.19
C ASN C 78 -26.53 -11.83 1.71
N THR C 79 -27.30 -12.90 1.91
CA THR C 79 -28.68 -12.93 1.42
C THR C 79 -29.63 -13.35 2.53
N ALA C 80 -30.85 -12.83 2.45
CA ALA C 80 -31.94 -13.22 3.35
C ALA C 80 -33.09 -13.76 2.51
N TYR C 81 -33.56 -14.95 2.85
CA TYR C 81 -34.60 -15.64 2.08
C TYR C 81 -35.85 -15.75 2.92
N LEU C 82 -37.00 -15.45 2.31
CA LEU C 82 -38.30 -15.60 2.95
C LEU C 82 -39.19 -16.42 2.03
N GLN C 83 -39.50 -17.64 2.45
CA GLN C 83 -40.35 -18.55 1.68
C GLN C 83 -41.75 -18.54 2.28
N MET C 84 -42.75 -18.27 1.44
CA MET C 84 -44.13 -18.18 1.86
C MET C 84 -44.97 -19.12 1.00
N ASN C 85 -45.76 -19.96 1.65
CA ASN C 85 -46.62 -20.93 0.95
C ASN C 85 -48.03 -20.86 1.51
N SER C 86 -48.99 -21.31 0.69
CA SER C 86 -50.41 -21.25 1.02
C SER C 86 -50.84 -19.80 1.27
N LEU C 87 -50.63 -18.97 0.26
CA LEU C 87 -50.97 -17.56 0.36
C LEU C 87 -52.47 -17.36 0.44
N ARG C 88 -52.87 -16.28 1.11
CA ARG C 88 -54.28 -15.92 1.26
C ARG C 88 -54.59 -14.70 0.40
N VAL C 89 -55.88 -14.37 0.32
CA VAL C 89 -56.32 -13.30 -0.58
C VAL C 89 -55.80 -11.95 -0.11
N GLU C 90 -55.70 -11.74 1.20
CA GLU C 90 -55.27 -10.45 1.74
C GLU C 90 -53.75 -10.32 1.80
N ASP C 91 -53.01 -11.35 1.39
CA ASP C 91 -51.55 -11.30 1.47
C ASP C 91 -50.92 -10.42 0.40
N THR C 92 -51.68 -9.96 -0.60
CA THR C 92 -51.14 -9.06 -1.60
C THR C 92 -50.70 -7.75 -0.96
N ALA C 93 -49.46 -7.35 -1.22
CA ALA C 93 -48.87 -6.20 -0.52
C ALA C 93 -47.51 -5.90 -1.15
N VAL C 94 -46.87 -4.84 -0.65
CA VAL C 94 -45.51 -4.48 -1.04
C VAL C 94 -44.58 -4.78 0.13
N TYR C 95 -43.46 -5.43 -0.16
CA TYR C 95 -42.55 -5.92 0.85
C TYR C 95 -41.23 -5.16 0.81
N TYR C 96 -40.68 -4.91 2.00
CA TYR C 96 -39.43 -4.18 2.19
C TYR C 96 -38.48 -5.04 3.02
N CYS C 97 -37.21 -4.99 2.69
CA CYS C 97 -36.15 -5.64 3.45
C CYS C 97 -35.54 -4.62 4.40
N ALA C 98 -35.59 -4.88 5.70
CA ALA C 98 -35.22 -3.92 6.72
C ALA C 98 -34.08 -4.45 7.58
N ARG C 99 -33.20 -3.56 7.99
CA ARG C 99 -32.08 -3.87 8.87
C ARG C 99 -32.20 -3.05 10.15
N PHE C 100 -32.28 -3.72 11.29
CA PHE C 100 -32.45 -3.05 12.56
C PHE C 100 -31.10 -2.56 13.09
N ALA C 101 -31.17 -1.59 14.00
CA ALA C 101 -29.98 -0.96 14.55
C ALA C 101 -29.70 -1.48 15.96
N TYR C 102 -28.44 -1.37 16.36
CA TYR C 102 -28.02 -1.83 17.67
C TYR C 102 -28.55 -0.90 18.76
N PRO C 103 -28.83 -1.43 19.96
CA PRO C 103 -29.34 -0.59 21.04
C PRO C 103 -28.23 0.03 21.88
N TRP C 104 -27.00 0.02 21.35
CA TRP C 104 -25.85 0.51 22.11
C TRP C 104 -26.00 1.98 22.45
N TYR C 105 -26.45 2.79 21.49
CA TYR C 105 -26.69 4.21 21.71
C TYR C 105 -28.18 4.49 21.62
N VAL C 106 -28.73 5.12 22.68
CA VAL C 106 -30.17 5.33 22.77
C VAL C 106 -30.63 6.30 21.69
N ALA C 107 -29.80 7.30 21.37
CA ALA C 107 -30.17 8.32 20.39
C ALA C 107 -29.97 7.82 18.96
N ASP C 108 -30.56 6.67 18.68
CA ASP C 108 -30.49 6.06 17.35
C ASP C 108 -31.88 5.56 16.97
N ASP C 109 -32.18 5.60 15.67
CA ASP C 109 -33.46 5.13 15.19
C ASP C 109 -33.59 3.62 15.34
N ALA C 110 -34.83 3.16 15.46
CA ALA C 110 -35.08 1.73 15.60
C ALA C 110 -34.60 0.97 14.37
N LEU C 111 -34.88 1.49 13.18
CA LEU C 111 -34.41 0.93 11.94
C LEU C 111 -33.39 1.85 11.29
N ASP C 112 -32.60 1.30 10.38
CA ASP C 112 -31.56 2.05 9.71
C ASP C 112 -31.79 2.21 8.21
N TYR C 113 -32.02 1.12 7.49
CA TYR C 113 -32.08 1.14 6.04
C TYR C 113 -33.35 0.44 5.57
N TRP C 114 -33.81 0.82 4.39
CA TRP C 114 -34.97 0.22 3.76
C TRP C 114 -34.64 -0.18 2.34
N GLY C 115 -35.24 -1.29 1.89
CA GLY C 115 -35.05 -1.73 0.53
C GLY C 115 -35.98 -1.05 -0.45
N GLN C 116 -35.78 -1.36 -1.73
CA GLN C 116 -36.65 -0.81 -2.76
C GLN C 116 -38.08 -1.29 -2.61
N GLY C 117 -38.26 -2.58 -2.32
CA GLY C 117 -39.58 -3.13 -2.12
C GLY C 117 -40.16 -3.77 -3.36
N THR C 118 -40.77 -4.95 -3.20
CA THR C 118 -41.36 -5.68 -4.32
C THR C 118 -42.85 -5.88 -4.05
N LEU C 119 -43.65 -5.77 -5.11
CA LEU C 119 -45.10 -5.85 -5.00
C LEU C 119 -45.56 -7.24 -5.43
N VAL C 120 -46.38 -7.87 -4.59
CA VAL C 120 -46.91 -9.20 -4.84
C VAL C 120 -48.42 -9.16 -4.77
N THR C 121 -49.08 -9.81 -5.74
CA THR C 121 -50.53 -9.84 -5.83
C THR C 121 -51.01 -11.28 -5.94
N VAL C 122 -52.18 -11.54 -5.36
CA VAL C 122 -52.85 -12.84 -5.47
C VAL C 122 -54.26 -12.60 -6.01
N SER C 123 -54.64 -13.39 -7.00
CA SER C 123 -55.96 -13.25 -7.62
C SER C 123 -56.36 -14.59 -8.25
N SER C 124 -57.66 -14.73 -8.45
CA SER C 124 -58.21 -15.96 -9.04
C SER C 124 -58.14 -15.90 -10.57
N VAL D 2 3.37 18.04 16.05
CA VAL D 2 3.94 19.29 15.58
C VAL D 2 4.63 20.02 16.72
N GLN D 3 5.84 20.51 16.46
CA GLN D 3 6.61 21.21 17.49
C GLN D 3 7.65 22.09 16.83
N LEU D 4 8.14 23.06 17.61
CA LEU D 4 9.21 23.96 17.19
C LEU D 4 10.26 23.99 18.29
N VAL D 5 11.53 23.87 17.90
CA VAL D 5 12.64 23.83 18.85
C VAL D 5 13.58 24.99 18.53
N GLU D 6 14.08 25.65 19.57
CA GLU D 6 14.99 26.78 19.44
C GLU D 6 16.39 26.39 19.89
N SER D 7 17.39 26.97 19.26
CA SER D 7 18.78 26.70 19.60
C SER D 7 19.62 27.93 19.33
N GLY D 8 20.78 27.97 19.96
CA GLY D 8 21.73 29.06 19.79
C GLY D 8 21.74 30.09 20.89
N GLY D 9 20.96 29.89 21.96
CA GLY D 9 20.95 30.84 23.05
C GLY D 9 22.19 30.74 23.92
N GLY D 10 22.36 31.75 24.76
CA GLY D 10 23.48 31.79 25.67
C GLY D 10 23.66 33.17 26.26
N LEU D 11 24.81 33.36 26.90
CA LEU D 11 25.18 34.62 27.52
C LEU D 11 26.36 35.22 26.78
N VAL D 12 26.24 36.51 26.42
CA VAL D 12 27.27 37.20 25.66
C VAL D 12 27.47 38.59 26.26
N GLN D 13 28.66 39.14 26.08
CA GLN D 13 28.94 40.50 26.46
C GLN D 13 28.27 41.47 25.49
N PRO D 14 28.05 42.72 25.90
CA PRO D 14 27.49 43.70 24.96
C PRO D 14 28.35 43.85 23.73
N GLY D 15 27.70 44.01 22.58
CA GLY D 15 28.40 44.08 21.32
C GLY D 15 28.63 42.74 20.63
N GLY D 16 28.20 41.64 21.25
CA GLY D 16 28.39 40.33 20.66
C GLY D 16 27.38 40.03 19.57
N SER D 17 27.51 38.83 19.00
CA SER D 17 26.65 38.38 17.92
C SER D 17 26.10 37.00 18.23
N LEU D 18 24.80 36.82 17.97
CA LEU D 18 24.13 35.54 18.14
C LEU D 18 23.38 35.19 16.86
N ARG D 19 23.15 33.90 16.66
CA ARG D 19 22.39 33.41 15.51
C ARG D 19 21.43 32.33 16.01
N LEU D 20 20.23 32.75 16.39
CA LEU D 20 19.23 31.81 16.86
C LEU D 20 18.65 31.01 15.69
N SER D 21 18.40 29.73 15.93
CA SER D 21 17.84 28.83 14.93
C SER D 21 16.57 28.20 15.46
N CYS D 22 15.57 28.11 14.58
CA CYS D 22 14.26 27.54 14.92
C CYS D 22 13.96 26.43 13.93
N ALA D 23 13.81 25.20 14.43
CA ALA D 23 13.54 24.03 13.62
C ALA D 23 12.13 23.54 13.91
N ALA D 24 11.34 23.35 12.86
CA ALA D 24 9.95 22.98 12.99
C ALA D 24 9.72 21.57 12.43
N SER D 25 8.86 20.81 13.11
CA SER D 25 8.49 19.48 12.66
C SER D 25 6.98 19.31 12.79
N GLY D 26 6.41 18.51 11.90
CA GLY D 26 4.98 18.29 11.86
C GLY D 26 4.24 19.10 10.81
N PHE D 27 4.84 20.17 10.28
CA PHE D 27 4.24 20.96 9.22
C PHE D 27 5.35 21.40 8.27
N ASP D 28 5.01 22.27 7.32
CA ASP D 28 5.94 22.72 6.30
C ASP D 28 6.11 24.23 6.40
N ILE D 29 7.36 24.68 6.41
CA ILE D 29 7.64 26.11 6.47
C ILE D 29 7.21 26.80 5.18
N TYR D 30 7.39 26.13 4.03
CA TYR D 30 7.09 26.75 2.76
C TYR D 30 5.60 27.09 2.64
N TYR D 31 4.73 26.22 3.14
CA TYR D 31 3.29 26.40 3.05
C TYR D 31 2.70 27.00 4.32
N SER D 32 3.42 27.90 4.96
CA SER D 32 2.96 28.62 6.14
C SER D 32 2.83 30.10 5.82
N TYR D 33 1.88 30.75 6.49
CA TYR D 33 1.62 32.16 6.21
C TYR D 33 2.82 33.02 6.55
N TYR D 34 3.34 32.88 7.77
CA TYR D 34 4.49 33.64 8.22
C TYR D 34 5.23 32.85 9.29
N ILE D 35 6.51 33.19 9.46
CA ILE D 35 7.32 32.66 10.56
C ILE D 35 8.01 33.84 11.23
N GLY D 36 7.85 33.96 12.55
CA GLY D 36 8.33 35.13 13.25
C GLY D 36 8.97 34.78 14.58
N TRP D 37 9.63 35.79 15.17
CA TRP D 37 10.22 35.69 16.49
C TRP D 37 9.53 36.68 17.41
N VAL D 38 9.23 36.25 18.64
CA VAL D 38 8.56 37.09 19.63
C VAL D 38 9.38 37.04 20.91
N ARG D 39 9.75 38.22 21.42
CA ARG D 39 10.58 38.31 22.61
C ARG D 39 9.79 38.88 23.78
N ARG D 40 10.05 38.34 24.97
CA ARG D 40 9.42 38.80 26.20
C ARG D 40 10.50 39.11 27.23
N ALA D 41 10.39 40.27 27.86
CA ALA D 41 11.30 40.72 28.90
C ALA D 41 10.50 41.10 30.12
N PRO D 42 11.10 41.04 31.31
CA PRO D 42 10.37 41.42 32.52
C PRO D 42 9.88 42.87 32.44
N GLY D 43 8.65 43.08 32.89
CA GLY D 43 8.03 44.40 32.82
C GLY D 43 7.46 44.76 31.46
N LYS D 44 7.52 43.86 30.48
CA LYS D 44 7.00 44.14 29.15
C LYS D 44 6.24 42.92 28.64
N GLY D 45 5.31 43.16 27.73
CA GLY D 45 4.48 42.14 27.14
C GLY D 45 5.07 41.58 25.86
N GLU D 46 4.19 40.95 25.07
CA GLU D 46 4.61 40.39 23.80
C GLU D 46 5.02 41.49 22.83
N GLU D 47 6.08 41.23 22.07
CA GLU D 47 6.59 42.20 21.11
C GLU D 47 7.12 41.46 19.89
N LEU D 48 6.67 41.87 18.71
CA LEU D 48 7.13 41.28 17.46
C LEU D 48 8.41 41.97 17.00
N VAL D 49 9.49 41.21 16.90
CA VAL D 49 10.77 41.77 16.50
C VAL D 49 11.04 41.56 15.01
N ALA D 50 10.70 40.38 14.49
CA ALA D 50 10.95 40.09 13.09
C ALA D 50 9.99 39.01 12.63
N ARG D 51 9.58 39.11 11.36
CA ARG D 51 8.77 38.07 10.74
C ARG D 51 9.14 37.98 9.26
N ILE D 52 8.95 36.79 8.69
CA ILE D 52 9.33 36.51 7.32
C ILE D 52 8.24 35.68 6.66
N SER D 53 8.08 35.87 5.35
CA SER D 53 7.24 35.02 4.54
C SER D 53 8.14 34.00 3.84
N PRO D 54 8.06 32.72 4.17
CA PRO D 54 9.01 31.75 3.63
C PRO D 54 9.01 31.65 2.11
N SER D 55 7.87 31.88 1.45
CA SER D 55 7.79 31.70 0.01
C SER D 55 8.16 32.97 -0.75
N TYR D 56 7.56 34.11 -0.38
CA TYR D 56 7.85 35.35 -1.08
C TYR D 56 9.23 35.90 -0.72
N GLY D 57 9.65 35.71 0.53
CA GLY D 57 10.92 36.24 0.99
C GLY D 57 10.86 37.62 1.62
N SER D 58 9.70 38.28 1.58
CA SER D 58 9.57 39.60 2.18
C SER D 58 9.65 39.50 3.70
N THR D 59 10.26 40.51 4.31
CA THR D 59 10.49 40.52 5.75
C THR D 59 9.90 41.77 6.37
N SER D 60 9.44 41.65 7.62
CA SER D 60 8.91 42.77 8.39
C SER D 60 9.69 42.86 9.69
N TYR D 61 10.04 44.09 10.08
CA TYR D 61 10.94 44.33 11.20
C TYR D 61 10.35 45.38 12.12
N ALA D 62 10.66 45.26 13.41
CA ALA D 62 10.29 46.28 14.38
C ALA D 62 11.23 47.47 14.29
N ASP D 63 10.73 48.63 14.72
CA ASP D 63 11.53 49.85 14.66
C ASP D 63 12.71 49.77 15.63
N SER D 64 12.51 49.17 16.80
CA SER D 64 13.57 49.10 17.80
C SER D 64 14.75 48.24 17.35
N VAL D 65 14.53 47.32 16.41
CA VAL D 65 15.58 46.42 15.94
C VAL D 65 15.89 46.63 14.46
N LYS D 66 15.32 47.66 13.85
CA LYS D 66 15.59 47.93 12.44
C LYS D 66 17.06 48.24 12.23
N GLY D 67 17.66 47.61 11.21
CA GLY D 67 19.06 47.78 10.94
C GLY D 67 20.00 47.00 11.83
N ARG D 68 19.47 46.18 12.73
CA ARG D 68 20.28 45.40 13.65
C ARG D 68 20.07 43.90 13.56
N PHE D 69 18.90 43.45 13.12
CA PHE D 69 18.59 42.03 13.02
C PHE D 69 18.53 41.60 11.55
N THR D 70 18.68 40.30 11.33
CA THR D 70 18.58 39.73 9.99
C THR D 70 17.92 38.37 10.07
N ILE D 71 16.77 38.23 9.43
CA ILE D 71 15.99 36.99 9.45
C ILE D 71 16.08 36.33 8.09
N SER D 72 16.15 35.00 8.07
CA SER D 72 16.21 34.23 6.83
C SER D 72 15.57 32.88 7.08
N ALA D 73 15.29 32.17 5.98
CA ALA D 73 14.66 30.86 6.06
C ALA D 73 15.36 29.88 5.13
N ASP D 74 15.61 28.67 5.64
CA ASP D 74 16.12 27.57 4.83
C ASP D 74 14.96 26.59 4.63
N ILE D 75 14.58 26.39 3.36
CA ILE D 75 13.40 25.61 3.04
C ILE D 75 13.72 24.12 2.99
N SER D 76 14.91 23.77 2.46
CA SER D 76 15.28 22.37 2.34
C SER D 76 15.51 21.70 3.69
N LYS D 77 15.64 22.47 4.77
CA LYS D 77 15.83 21.92 6.10
C LYS D 77 14.76 22.37 7.09
N ASN D 78 13.81 23.19 6.65
CA ASN D 78 12.70 23.65 7.49
C ASN D 78 13.20 24.42 8.71
N THR D 79 14.04 25.43 8.46
CA THR D 79 14.65 26.19 9.55
C THR D 79 14.47 27.68 9.33
N ALA D 80 14.37 28.41 10.44
CA ALA D 80 14.32 29.87 10.43
C ALA D 80 15.48 30.40 11.25
N TYR D 81 16.27 31.30 10.66
CA TYR D 81 17.46 31.82 11.30
C TYR D 81 17.29 33.30 11.60
N LEU D 82 17.67 33.72 12.80
CA LEU D 82 17.65 35.12 13.20
C LEU D 82 19.02 35.49 13.74
N GLN D 83 19.75 36.31 13.00
CA GLN D 83 21.08 36.76 13.39
C GLN D 83 20.98 38.17 13.96
N MET D 84 21.50 38.35 15.18
CA MET D 84 21.45 39.62 15.88
C MET D 84 22.86 40.01 16.29
N ASN D 85 23.25 41.23 15.95
CA ASN D 85 24.58 41.74 16.27
C ASN D 85 24.47 43.12 16.91
N SER D 86 25.52 43.49 17.66
CA SER D 86 25.55 44.74 18.42
C SER D 86 24.39 44.81 19.40
N LEU D 87 24.35 43.80 20.28
CA LEU D 87 23.29 43.72 21.28
C LEU D 87 23.39 44.85 22.29
N ARG D 88 22.25 45.23 22.84
CA ARG D 88 22.16 46.27 23.85
C ARG D 88 21.84 45.65 25.21
N VAL D 89 21.90 46.48 26.25
CA VAL D 89 21.74 45.98 27.61
C VAL D 89 20.32 45.47 27.85
N GLU D 90 19.33 46.12 27.24
CA GLU D 90 17.94 45.74 27.44
C GLU D 90 17.49 44.59 26.54
N ASP D 91 18.37 44.07 25.69
CA ASP D 91 18.00 43.02 24.76
C ASP D 91 17.87 41.66 25.43
N THR D 92 18.30 41.51 26.69
CA THR D 92 18.13 40.25 27.39
C THR D 92 16.66 39.93 27.56
N ALA D 93 16.27 38.72 27.17
CA ALA D 93 14.85 38.35 27.13
C ALA D 93 14.74 36.88 26.77
N VAL D 94 13.50 36.38 26.74
CA VAL D 94 13.19 35.02 26.31
C VAL D 94 12.50 35.10 24.95
N TYR D 95 12.94 34.27 24.02
CA TYR D 95 12.51 34.31 22.64
C TYR D 95 11.68 33.08 22.29
N TYR D 96 10.65 33.29 21.48
CA TYR D 96 9.73 32.26 21.02
C TYR D 96 9.67 32.28 19.50
N CYS D 97 9.58 31.10 18.90
CA CYS D 97 9.38 30.94 17.47
C CYS D 97 7.89 30.74 17.21
N ALA D 98 7.29 31.63 16.42
CA ALA D 98 5.85 31.66 16.24
C ALA D 98 5.50 31.47 14.77
N ARG D 99 4.37 30.79 14.53
CA ARG D 99 3.84 30.56 13.20
C ARG D 99 2.45 31.17 13.12
N PHE D 100 2.26 32.09 12.18
CA PHE D 100 0.99 32.77 12.04
C PHE D 100 0.02 31.93 11.21
N ALA D 101 -1.26 32.24 11.36
CA ALA D 101 -2.33 31.49 10.70
C ALA D 101 -2.86 32.25 9.50
N TYR D 102 -3.46 31.50 8.57
CA TYR D 102 -4.01 32.10 7.36
C TYR D 102 -5.29 32.88 7.68
N PRO D 103 -5.58 33.94 6.93
CA PRO D 103 -6.79 34.73 7.20
C PRO D 103 -7.99 34.21 6.44
N TRP D 104 -7.91 32.97 5.94
CA TRP D 104 -8.98 32.41 5.12
C TRP D 104 -10.28 32.30 5.91
N TYR D 105 -10.20 31.84 7.16
CA TYR D 105 -11.36 31.74 8.04
C TYR D 105 -11.22 32.75 9.17
N VAL D 106 -12.24 33.60 9.34
CA VAL D 106 -12.16 34.67 10.33
C VAL D 106 -12.13 34.11 11.74
N ALA D 107 -12.84 33.01 11.98
CA ALA D 107 -12.94 32.42 13.31
C ALA D 107 -11.70 31.56 13.62
N ASP D 108 -10.54 32.17 13.46
CA ASP D 108 -9.27 31.52 13.73
C ASP D 108 -8.37 32.48 14.50
N ASP D 109 -7.54 31.92 15.38
CA ASP D 109 -6.62 32.74 16.15
C ASP D 109 -5.56 33.36 15.26
N ALA D 110 -5.02 34.50 15.70
CA ALA D 110 -3.98 35.19 14.93
C ALA D 110 -2.73 34.31 14.82
N LEU D 111 -2.33 33.67 15.91
CA LEU D 111 -1.22 32.74 15.92
C LEU D 111 -1.73 31.32 16.16
N ASP D 112 -0.89 30.36 15.81
CA ASP D 112 -1.26 28.95 15.94
C ASP D 112 -0.39 28.20 16.95
N TYR D 113 0.92 28.27 16.81
CA TYR D 113 1.83 27.45 17.62
C TYR D 113 2.91 28.33 18.23
N TRP D 114 3.45 27.87 19.35
CA TRP D 114 4.53 28.55 20.04
C TRP D 114 5.66 27.57 20.32
N GLY D 115 6.89 28.08 20.28
CA GLY D 115 8.04 27.26 20.59
C GLY D 115 8.32 27.19 22.08
N GLN D 116 9.32 26.37 22.43
CA GLN D 116 9.72 26.26 23.82
C GLN D 116 10.27 27.57 24.35
N GLY D 117 11.10 28.25 23.55
CA GLY D 117 11.66 29.52 23.95
C GLY D 117 13.04 29.41 24.57
N THR D 118 13.95 30.30 24.17
CA THR D 118 15.31 30.30 24.68
C THR D 118 15.60 31.63 25.36
N LEU D 119 16.33 31.58 26.46
CA LEU D 119 16.63 32.76 27.27
C LEU D 119 18.03 33.26 26.94
N VAL D 120 18.15 34.56 26.67
CA VAL D 120 19.41 35.19 26.33
C VAL D 120 19.64 36.36 27.26
N THR D 121 20.87 36.48 27.79
CA THR D 121 21.25 37.52 28.73
C THR D 121 22.50 38.23 28.23
N VAL D 122 22.57 39.53 28.52
CA VAL D 122 23.75 40.34 28.23
C VAL D 122 24.19 41.02 29.51
N SER D 123 25.48 40.95 29.80
CA SER D 123 26.03 41.54 31.01
C SER D 123 27.51 41.86 30.80
N SER D 124 28.01 42.76 31.63
CA SER D 124 29.42 43.17 31.55
C SER D 124 30.31 42.20 32.33
#